data_5XN2
#
_entry.id   5XN2
#
_cell.length_a   285.694
_cell.length_b   285.694
_cell.length_c   96.325
_cell.angle_alpha   90.00
_cell.angle_beta   90.00
_cell.angle_gamma   120.00
#
_symmetry.space_group_name_H-M   'H 3'
#
loop_
_entity.id
_entity.type
_entity.pdbx_description
1 polymer 'Pol protein'
2 polymer 'Pol protein'
3 polymer '38-MER DNA aptamer'
4 branched beta-D-fructofuranose-(2-1)-alpha-D-glucopyranose
5 non-polymer 'MAGNESIUM ION'
6 non-polymer "2'-DEOXYGUANOSINE-5'-TRIPHOSPHATE"
7 non-polymer GLYCEROL
8 water water
#
loop_
_entity_poly.entity_id
_entity_poly.type
_entity_poly.pdbx_seq_one_letter_code
_entity_poly.pdbx_strand_id
1 'polypeptide(L)'
;MVPISPIETVPVKLKPGMDGPKVKQWPLTEEKIKALVEICTEMEKEGKISKIGPENPYNTPVFAIKKKDSTKWRKLVDFR
ELNKRTQDFWEVQLGIPHPAGLKQKKSVTVLDVGDAYFSVPLDKDFRKYTAFTIPSINNETPGIRYQYNVLPMGWKGSPA
IFQSSMTKILEPFRKQNPDIVIYQYMDDLYVGSDLEIGQHRTKIEELRQHLLRWGFTTPDKKHQKEPPFLWMGYELHPDK
WTVQPIVLPEKDSWTVNDIQKLVGKLNWASQIYAGIKVRQLSKLLRGTKALTEVVPLTEEAELELAENREILKEPVHGVY
YDPSKDLIAEIQKQGQGQWTYQIYQEPFKNLKTGKYARMKGAHTNDVKQLTEAVQKIATESIVIWGKTPKFKLPIQKETW
EAWWTEYWQATWIPEWEFVNTPPLVKLWYQLEKEPIIGAETFYVDGAANRETKLGKAGYVTDRGRQKVVPLTDTTNQKTE
LQAIHLALQDSGLEVNIVTDSQYALGIIQAQPDKSESELVSQIIEQLIKKEKVYLAWVPAHKGIGGNEQVDKLVSAG
;
A,C
2 'polypeptide(L)'
;MAHHHHHHALEVLFQGPISPIETVPVKLKPGMDGPKVKQWPLTEEKIKALVEICTEMEKEGKISKIGPENPYNTPVFAIK
KKDSTKWRKLVDFRELNKRTQDFWEVQLGIPHPAGLKQKKSVTVLDVGDAYFSVPLDKDFRKYTAFTIPSINNETPGIRY
QYNVLPQGWKGSPAIFQSSMTKILEPFRKQNPDIVIYQYMDDLYVGSDLEIGQHRTKIEELRQHLLRWGFTTPDKKHQKE
PPFLWMGYELHPDKWTVQPIVLPEKDSWTVNDIQKLVGKLNWASQIYAGIKVRQLSKLLRGTKALTEVVPLTEEAELELA
ENREILKEPVHGVYYDPSKDLIAEIQKQGQGQWTYQIYQEPFKNLKTGKYARMKGAHTNDVKQLTEAVQKIATESIVIWG
KTPKFKLPIQKETWEAWWTEYWQATWIPEWEFVNTPPLVKLWYQ
;
B,D
3 'polydeoxyribonucleotide/polyribonucleotide hybrid'
;(DT)(DA)(DA)(DT)(DC)(DG)(OMC)(DC)(OMC)(DC)(DC)(DC)(DT)(DT)(DC)(DG)(DG)(DT)(DG)
(DC)(DT)(DT)(DT)(DG)(DC)(DA)(DC)(DC)(DG)(DA)(DA)(DG)(DG)(DG)(DG)(DG)(DG)(DC)
;
E,F
#
# COMPACT_ATOMS: atom_id res chain seq x y z
N SER A 5 -1.46 46.03 -39.10
CA SER A 5 -0.44 45.33 -39.87
C SER A 5 -0.81 45.24 -41.33
N PRO A 6 0.17 45.47 -42.21
CA PRO A 6 -0.04 45.30 -43.65
C PRO A 6 0.04 43.86 -44.13
N ILE A 7 0.04 42.89 -43.22
CA ILE A 7 0.09 41.49 -43.63
C ILE A 7 -1.18 41.15 -44.41
N GLU A 8 -1.03 40.27 -45.39
CA GLU A 8 -2.16 39.83 -46.18
C GLU A 8 -3.11 39.00 -45.33
N THR A 9 -4.41 39.23 -45.50
CA THR A 9 -5.40 38.47 -44.76
C THR A 9 -5.42 37.02 -45.23
N VAL A 10 -6.04 36.18 -44.42
CA VAL A 10 -6.20 34.76 -44.71
C VAL A 10 -7.67 34.51 -45.06
N PRO A 11 -7.98 33.98 -46.24
CA PRO A 11 -9.38 33.76 -46.60
C PRO A 11 -9.99 32.65 -45.75
N VAL A 12 -11.15 32.96 -45.16
CA VAL A 12 -11.88 31.99 -44.35
C VAL A 12 -13.33 31.99 -44.80
N LYS A 13 -13.99 30.85 -44.65
CA LYS A 13 -15.37 30.67 -45.07
C LYS A 13 -16.16 30.01 -43.94
N LEU A 14 -17.48 30.11 -44.05
CA LEU A 14 -18.34 29.31 -43.19
C LEU A 14 -18.51 27.92 -43.78
N LYS A 15 -18.92 26.98 -42.93
CA LYS A 15 -19.19 25.63 -43.41
C LYS A 15 -20.32 25.67 -44.43
N PRO A 16 -20.32 24.76 -45.41
CA PRO A 16 -21.30 24.84 -46.49
C PRO A 16 -22.74 24.77 -45.98
N GLY A 17 -23.60 25.59 -46.58
CA GLY A 17 -24.99 25.67 -46.20
C GLY A 17 -25.28 26.46 -44.94
N MET A 18 -24.26 26.81 -44.17
CA MET A 18 -24.44 27.50 -42.89
C MET A 18 -24.45 29.00 -43.08
N ASP A 19 -25.08 29.68 -42.14
CA ASP A 19 -25.17 31.14 -42.10
C ASP A 19 -24.56 31.65 -40.80
N GLY A 20 -24.58 32.96 -40.62
CA GLY A 20 -23.95 33.57 -39.46
C GLY A 20 -24.79 33.44 -38.21
N PRO A 21 -24.20 33.80 -37.08
CA PRO A 21 -24.90 33.69 -35.79
C PRO A 21 -25.85 34.85 -35.56
N LYS A 22 -26.96 34.56 -34.88
CA LYS A 22 -28.03 35.53 -34.61
C LYS A 22 -28.51 35.35 -33.16
N VAL A 23 -27.64 35.66 -32.21
CA VAL A 23 -27.93 35.48 -30.79
C VAL A 23 -28.02 36.88 -30.17
N LYS A 24 -28.21 36.98 -28.85
CA LYS A 24 -28.47 38.25 -28.18
C LYS A 24 -27.46 38.49 -27.05
N GLN A 25 -27.32 39.76 -26.67
CA GLN A 25 -26.40 40.18 -25.62
C GLN A 25 -27.06 40.07 -24.25
N TRP A 26 -26.20 40.15 -23.25
CA TRP A 26 -26.50 39.92 -21.85
C TRP A 26 -25.69 40.95 -21.05
N PRO A 27 -25.75 40.90 -19.67
CA PRO A 27 -26.89 41.62 -19.10
C PRO A 27 -26.77 43.09 -19.44
N LEU A 28 -27.90 43.72 -19.75
CA LEU A 28 -27.93 45.06 -20.32
C LEU A 28 -28.03 46.20 -19.28
N THR A 29 -26.93 46.48 -18.56
CA THR A 29 -26.90 47.53 -17.54
C THR A 29 -26.23 48.77 -18.12
N GLU A 30 -26.61 49.93 -17.58
CA GLU A 30 -25.98 51.17 -18.01
C GLU A 30 -24.52 51.24 -17.57
N GLU A 31 -24.18 50.64 -16.43
CA GLU A 31 -22.77 50.43 -16.10
C GLU A 31 -22.12 49.52 -17.13
N LYS A 32 -22.82 48.45 -17.50
CA LYS A 32 -22.24 47.47 -18.41
C LYS A 32 -22.17 48.00 -19.84
N ILE A 33 -23.28 48.54 -20.35
CA ILE A 33 -23.26 49.03 -21.73
C ILE A 33 -22.54 50.36 -21.87
N LYS A 34 -22.40 51.13 -20.79
CA LYS A 34 -21.53 52.29 -20.84
C LYS A 34 -20.07 51.89 -20.75
N ALA A 35 -19.77 50.79 -20.05
CA ALA A 35 -18.45 50.20 -20.16
C ALA A 35 -18.21 49.65 -21.56
N LEU A 36 -19.28 49.20 -22.24
CA LEU A 36 -19.14 48.64 -23.58
C LEU A 36 -19.00 49.72 -24.64
N VAL A 37 -19.59 50.90 -24.42
CA VAL A 37 -19.26 52.05 -25.27
C VAL A 37 -17.95 52.70 -24.84
N GLU A 38 -17.44 52.34 -23.66
CA GLU A 38 -16.17 52.85 -23.19
C GLU A 38 -15.00 52.08 -23.82
N ILE A 39 -15.11 50.75 -23.85
CA ILE A 39 -14.00 49.91 -24.27
C ILE A 39 -13.75 50.05 -25.77
N CYS A 40 -14.82 50.13 -26.56
CA CYS A 40 -14.69 49.96 -28.00
C CYS A 40 -14.21 51.21 -28.71
N THR A 41 -14.53 52.39 -28.18
CA THR A 41 -14.24 53.65 -28.87
C THR A 41 -12.76 53.74 -29.27
N GLU A 42 -11.87 53.27 -28.40
CA GLU A 42 -10.45 53.30 -28.73
C GLU A 42 -10.11 52.30 -29.82
N MET A 43 -10.73 51.11 -29.77
CA MET A 43 -10.52 50.14 -30.84
C MET A 43 -10.98 50.68 -32.19
N GLU A 44 -12.08 51.43 -32.19
CA GLU A 44 -12.55 52.05 -33.44
C GLU A 44 -11.62 53.15 -33.88
N LYS A 45 -11.09 53.94 -32.94
CA LYS A 45 -10.12 54.97 -33.30
C LYS A 45 -8.88 54.35 -33.94
N GLU A 46 -8.42 53.21 -33.41
CA GLU A 46 -7.28 52.53 -33.99
C GLU A 46 -7.63 51.72 -35.23
N GLY A 47 -8.92 51.51 -35.50
CA GLY A 47 -9.34 50.79 -36.68
C GLY A 47 -9.58 49.31 -36.48
N LYS A 48 -9.59 48.83 -35.24
CA LYS A 48 -9.77 47.40 -35.00
C LYS A 48 -11.20 46.96 -35.27
N ILE A 49 -12.18 47.86 -35.07
CA ILE A 49 -13.59 47.55 -35.27
C ILE A 49 -14.23 48.71 -36.02
N SER A 50 -15.44 48.46 -36.52
CA SER A 50 -16.19 49.48 -37.23
C SER A 50 -17.66 49.39 -36.86
N LYS A 51 -18.31 50.54 -36.70
CA LYS A 51 -19.74 50.58 -36.45
C LYS A 51 -20.49 50.00 -37.64
N ILE A 52 -21.60 49.32 -37.36
CA ILE A 52 -22.45 48.75 -38.39
C ILE A 52 -23.91 49.01 -38.02
N GLY A 53 -24.81 48.67 -38.94
CA GLY A 53 -26.20 49.00 -38.79
C GLY A 53 -27.14 47.81 -38.91
N PRO A 54 -28.45 48.09 -38.97
CA PRO A 54 -29.44 46.99 -38.98
C PRO A 54 -29.43 46.15 -40.25
N GLU A 55 -28.85 46.64 -41.35
CA GLU A 55 -28.75 45.82 -42.55
C GLU A 55 -27.80 44.64 -42.37
N ASN A 56 -27.06 44.59 -41.27
CA ASN A 56 -26.32 43.40 -40.87
C ASN A 56 -27.14 42.59 -39.90
N PRO A 57 -27.58 41.39 -40.26
CA PRO A 57 -28.53 40.65 -39.41
C PRO A 57 -27.92 39.80 -38.31
N TYR A 58 -26.60 39.78 -38.17
CA TYR A 58 -25.93 38.88 -37.25
C TYR A 58 -25.62 39.58 -35.93
N ASN A 59 -25.38 38.76 -34.90
CA ASN A 59 -25.01 39.28 -33.59
C ASN A 59 -24.40 38.16 -32.76
N THR A 60 -23.66 38.56 -31.72
CA THR A 60 -22.91 37.66 -30.83
C THR A 60 -22.62 38.40 -29.53
N PRO A 61 -22.73 37.76 -28.38
CA PRO A 61 -22.50 38.48 -27.11
C PRO A 61 -21.03 38.64 -26.76
N VAL A 62 -20.76 39.68 -25.97
CA VAL A 62 -19.41 40.09 -25.61
C VAL A 62 -19.29 40.19 -24.09
N PHE A 63 -18.07 39.98 -23.59
CA PHE A 63 -17.76 40.10 -22.17
C PHE A 63 -16.27 40.39 -22.04
N ALA A 64 -15.76 40.37 -20.80
CA ALA A 64 -14.37 40.70 -20.55
C ALA A 64 -13.93 40.09 -19.23
N ILE A 65 -12.68 39.61 -19.18
CA ILE A 65 -12.10 39.13 -17.92
C ILE A 65 -10.87 39.98 -17.63
N LYS A 66 -10.18 39.67 -16.54
CA LYS A 66 -8.98 40.43 -16.16
C LYS A 66 -7.73 39.66 -16.55
N LYS A 67 -6.76 40.38 -17.12
CA LYS A 67 -5.49 39.78 -17.49
C LYS A 67 -4.62 39.53 -16.26
N LYS A 68 -3.58 38.72 -16.44
CA LYS A 68 -2.64 38.48 -15.35
C LYS A 68 -1.83 39.72 -15.00
N ASP A 69 -1.93 40.78 -15.81
CA ASP A 69 -1.50 42.10 -15.36
C ASP A 69 -2.23 42.49 -14.08
N SER A 70 -3.51 42.11 -13.98
CA SER A 70 -4.45 42.33 -12.88
C SER A 70 -5.02 43.74 -12.87
N THR A 71 -4.53 44.65 -13.72
CA THR A 71 -5.13 45.96 -13.92
C THR A 71 -5.75 46.13 -15.30
N LYS A 72 -5.11 45.59 -16.34
CA LYS A 72 -5.66 45.63 -17.68
C LYS A 72 -6.75 44.57 -17.83
N TRP A 73 -7.75 44.90 -18.66
CA TRP A 73 -8.83 43.97 -18.97
C TRP A 73 -8.60 43.34 -20.35
N ARG A 74 -9.17 42.15 -20.52
CA ARG A 74 -9.12 41.40 -21.77
C ARG A 74 -10.54 41.27 -22.30
N LYS A 75 -10.74 41.73 -23.53
CA LYS A 75 -12.03 41.68 -24.21
C LYS A 75 -12.21 40.33 -24.89
N LEU A 76 -13.30 39.64 -24.57
CA LEU A 76 -13.60 38.35 -25.15
C LEU A 76 -15.02 38.37 -25.72
N VAL A 77 -15.25 37.55 -26.74
CA VAL A 77 -16.55 37.45 -27.39
C VAL A 77 -16.96 35.99 -27.40
N ASP A 78 -18.19 35.71 -26.98
CA ASP A 78 -18.69 34.33 -26.89
C ASP A 78 -19.12 33.88 -28.29
N PHE A 79 -18.15 33.44 -29.08
CA PHE A 79 -18.34 33.09 -30.47
C PHE A 79 -18.67 31.61 -30.69
N ARG A 80 -19.24 30.94 -29.68
CA ARG A 80 -19.45 29.50 -29.79
C ARG A 80 -20.32 29.14 -31.00
N GLU A 81 -21.36 29.92 -31.25
CA GLU A 81 -22.22 29.67 -32.41
C GLU A 81 -21.45 29.88 -33.71
N LEU A 82 -20.83 31.05 -33.87
CA LEU A 82 -20.03 31.32 -35.06
C LEU A 82 -18.94 30.27 -35.24
N ASN A 83 -18.27 29.88 -34.15
CA ASN A 83 -17.25 28.84 -34.24
C ASN A 83 -17.84 27.54 -34.76
N LYS A 84 -19.02 27.16 -34.26
CA LYS A 84 -19.69 25.97 -34.79
C LYS A 84 -19.98 26.10 -36.28
N ARG A 85 -20.25 27.32 -36.75
CA ARG A 85 -20.57 27.52 -38.16
C ARG A 85 -19.34 27.85 -39.02
N THR A 86 -18.16 28.01 -38.41
CA THR A 86 -16.96 28.37 -39.15
C THR A 86 -16.26 27.12 -39.68
N GLN A 87 -15.63 27.26 -40.85
CA GLN A 87 -14.85 26.19 -41.45
C GLN A 87 -13.84 25.62 -40.46
N ASP A 88 -13.48 24.36 -40.67
CA ASP A 88 -12.42 23.76 -39.89
C ASP A 88 -11.06 24.32 -40.30
N PHE A 89 -10.11 24.23 -39.38
CA PHE A 89 -8.72 24.63 -39.62
C PHE A 89 -7.81 23.46 -39.28
N TRP A 90 -6.62 23.46 -39.85
CA TRP A 90 -5.57 22.54 -39.41
C TRP A 90 -4.62 23.31 -38.51
N GLU A 91 -4.63 22.96 -37.23
CA GLU A 91 -3.82 23.67 -36.25
C GLU A 91 -2.34 23.42 -36.49
N VAL A 92 -1.56 24.49 -36.48
CA VAL A 92 -0.13 24.38 -36.71
C VAL A 92 0.67 24.22 -35.42
N GLN A 93 0.07 24.51 -34.27
CA GLN A 93 0.73 24.28 -32.99
C GLN A 93 0.67 22.78 -32.68
N LEU A 94 1.80 22.10 -32.80
CA LEU A 94 1.84 20.65 -32.63
C LEU A 94 2.18 20.22 -31.22
N GLY A 95 2.71 21.12 -30.38
CA GLY A 95 3.07 20.74 -29.03
C GLY A 95 3.56 21.95 -28.26
N ILE A 96 4.10 21.67 -27.07
CA ILE A 96 4.53 22.70 -26.13
C ILE A 96 6.03 22.59 -25.94
N PRO A 97 6.80 23.65 -26.15
CA PRO A 97 8.25 23.58 -25.91
C PRO A 97 8.56 23.36 -24.44
N HIS A 98 9.65 22.65 -24.18
CA HIS A 98 10.04 22.33 -22.82
C HIS A 98 11.44 22.86 -22.53
N PRO A 99 11.67 23.42 -21.32
CA PRO A 99 12.98 23.98 -21.01
C PRO A 99 14.12 22.97 -21.02
N ALA A 100 13.83 21.68 -20.83
CA ALA A 100 14.88 20.68 -20.92
C ALA A 100 15.41 20.52 -22.33
N GLY A 101 14.66 20.98 -23.33
CA GLY A 101 15.11 20.97 -24.71
C GLY A 101 15.93 22.16 -25.12
N LEU A 102 16.09 23.13 -24.23
CA LEU A 102 16.91 24.31 -24.52
C LEU A 102 18.38 24.00 -24.28
N LYS A 103 19.23 24.62 -25.08
CA LYS A 103 20.67 24.57 -24.89
C LYS A 103 21.14 25.83 -24.18
N GLN A 104 22.28 25.74 -23.51
CA GLN A 104 22.83 26.90 -22.83
C GLN A 104 23.22 27.96 -23.85
N LYS A 105 22.79 29.20 -23.60
CA LYS A 105 23.08 30.32 -24.47
C LYS A 105 23.77 31.42 -23.68
N LYS A 106 24.67 32.14 -24.35
CA LYS A 106 25.40 33.22 -23.68
C LYS A 106 24.48 34.37 -23.33
N SER A 107 23.58 34.75 -24.23
CA SER A 107 22.68 35.88 -24.02
C SER A 107 21.26 35.45 -24.34
N VAL A 108 20.32 35.83 -23.48
CA VAL A 108 18.92 35.40 -23.57
C VAL A 108 18.02 36.62 -23.40
N THR A 109 16.94 36.66 -24.19
CA THR A 109 15.95 37.72 -24.10
C THR A 109 14.57 37.10 -24.29
N VAL A 110 13.58 37.61 -23.56
CA VAL A 110 12.19 37.19 -23.71
C VAL A 110 11.35 38.41 -24.05
N LEU A 111 10.54 38.29 -25.10
CA LEU A 111 9.73 39.39 -25.60
C LEU A 111 8.29 38.94 -25.78
N ASP A 112 7.36 39.88 -25.65
CA ASP A 112 5.94 39.64 -25.88
CA ASP A 112 5.96 39.62 -25.93
C ASP A 112 5.40 40.73 -26.80
N VAL A 113 4.49 40.34 -27.70
CA VAL A 113 3.85 41.29 -28.60
C VAL A 113 2.62 41.86 -27.92
N GLY A 114 2.45 43.18 -28.04
CA GLY A 114 1.31 43.84 -27.42
C GLY A 114 0.09 43.77 -28.32
N ASP A 115 -1.06 43.43 -27.73
CA ASP A 115 -2.33 43.31 -28.44
C ASP A 115 -2.17 42.51 -29.72
N ALA A 116 -1.68 41.27 -29.56
CA ALA A 116 -1.21 40.47 -30.68
C ALA A 116 -2.31 40.23 -31.70
N TYR A 117 -3.41 39.60 -31.26
CA TYR A 117 -4.49 39.26 -32.18
C TYR A 117 -5.07 40.51 -32.84
N PHE A 118 -5.15 41.61 -32.10
CA PHE A 118 -5.70 42.84 -32.66
C PHE A 118 -4.79 43.51 -33.66
N SER A 119 -3.58 42.99 -33.84
CA SER A 119 -2.66 43.52 -34.85
C SER A 119 -2.74 42.77 -36.17
N VAL A 120 -3.59 41.77 -36.28
CA VAL A 120 -3.70 40.95 -37.49
C VAL A 120 -5.07 41.20 -38.11
N PRO A 121 -5.15 41.64 -39.36
CA PRO A 121 -6.45 41.92 -39.96
C PRO A 121 -7.23 40.66 -40.28
N LEU A 122 -8.55 40.80 -40.30
CA LEU A 122 -9.46 39.71 -40.59
C LEU A 122 -9.97 39.82 -42.03
N ASP A 123 -10.25 38.66 -42.63
CA ASP A 123 -10.77 38.61 -44.00
C ASP A 123 -11.98 39.52 -44.15
N LYS A 124 -11.92 40.41 -45.14
CA LYS A 124 -12.96 41.40 -45.35
C LYS A 124 -14.34 40.75 -45.42
N ASP A 125 -14.52 39.81 -46.35
CA ASP A 125 -15.81 39.18 -46.57
C ASP A 125 -16.35 38.47 -45.32
N PHE A 126 -15.47 38.11 -44.39
CA PHE A 126 -15.91 37.43 -43.18
C PHE A 126 -16.32 38.39 -42.07
N ARG A 127 -15.94 39.67 -42.16
CA ARG A 127 -16.09 40.57 -41.01
C ARG A 127 -17.54 40.71 -40.59
N LYS A 128 -18.46 40.68 -41.55
CA LYS A 128 -19.88 40.83 -41.25
C LYS A 128 -20.37 39.78 -40.25
N TYR A 129 -19.70 38.63 -40.14
CA TYR A 129 -20.16 37.59 -39.24
C TYR A 129 -19.71 37.81 -37.80
N THR A 130 -18.81 38.75 -37.54
CA THR A 130 -18.33 39.02 -36.20
C THR A 130 -19.11 40.12 -35.50
N ALA A 131 -20.26 40.50 -36.04
CA ALA A 131 -21.03 41.61 -35.49
C ALA A 131 -21.43 41.33 -34.05
N PHE A 132 -21.25 42.32 -33.19
CA PHE A 132 -21.73 42.25 -31.82
C PHE A 132 -22.53 43.51 -31.50
N THR A 133 -23.68 43.30 -30.87
CA THR A 133 -24.58 44.36 -30.48
C THR A 133 -24.40 44.69 -29.01
N ILE A 134 -24.35 45.98 -28.71
CA ILE A 134 -24.46 46.53 -27.37
C ILE A 134 -25.75 47.35 -27.34
N PRO A 135 -26.71 47.04 -26.47
CA PRO A 135 -27.97 47.78 -26.44
C PRO A 135 -27.73 49.27 -26.22
N SER A 136 -28.47 50.09 -26.96
CA SER A 136 -28.31 51.54 -26.85
C SER A 136 -28.66 52.02 -25.46
N ILE A 137 -29.90 51.81 -25.03
CA ILE A 137 -30.35 52.16 -23.69
C ILE A 137 -31.32 51.08 -23.20
N ASN A 138 -30.78 49.92 -22.82
CA ASN A 138 -31.57 48.85 -22.22
C ASN A 138 -32.79 48.50 -23.07
N ASN A 139 -32.56 48.37 -24.38
CA ASN A 139 -33.59 48.02 -25.36
C ASN A 139 -34.63 49.10 -25.57
N GLU A 140 -34.32 50.36 -25.25
CA GLU A 140 -35.23 51.48 -25.50
C GLU A 140 -34.92 52.21 -26.80
N THR A 141 -34.05 51.68 -27.63
CA THR A 141 -33.53 52.35 -28.81
C THR A 141 -32.81 51.31 -29.68
N PRO A 142 -32.86 51.44 -31.03
CA PRO A 142 -32.23 50.44 -31.92
C PRO A 142 -31.00 49.72 -31.40
N GLY A 143 -29.97 50.44 -30.97
CA GLY A 143 -28.80 49.79 -30.41
C GLY A 143 -27.51 50.05 -31.16
N ILE A 144 -26.39 50.12 -30.44
CA ILE A 144 -25.09 50.36 -31.05
C ILE A 144 -24.45 49.02 -31.35
N ARG A 145 -23.86 48.86 -32.53
CA ARG A 145 -23.27 47.56 -32.86
C ARG A 145 -22.01 47.75 -33.69
N TYR A 146 -21.04 46.85 -33.48
CA TYR A 146 -19.77 46.89 -34.18
C TYR A 146 -19.51 45.58 -34.90
N GLN A 147 -18.47 45.59 -35.73
CA GLN A 147 -17.91 44.38 -36.31
C GLN A 147 -16.39 44.46 -36.24
N TYR A 148 -15.76 43.29 -36.22
CA TYR A 148 -14.31 43.22 -36.10
C TYR A 148 -13.64 43.39 -37.46
N ASN A 149 -12.55 44.17 -37.46
CA ASN A 149 -11.65 44.25 -38.60
C ASN A 149 -10.37 43.45 -38.39
N VAL A 150 -10.17 42.92 -37.19
CA VAL A 150 -8.98 42.16 -36.83
C VAL A 150 -9.42 40.85 -36.18
N LEU A 151 -8.44 40.03 -35.80
CA LEU A 151 -8.72 38.72 -35.21
C LEU A 151 -9.40 38.88 -33.85
N PRO A 152 -10.59 38.32 -33.65
CA PRO A 152 -11.23 38.40 -32.33
C PRO A 152 -10.72 37.33 -31.38
N MET A 153 -10.72 37.67 -30.09
CA MET A 153 -10.38 36.71 -29.06
C MET A 153 -11.64 35.92 -28.71
N GLY A 154 -11.65 34.63 -29.02
CA GLY A 154 -12.83 33.80 -28.87
C GLY A 154 -13.29 33.14 -30.14
N TRP A 155 -12.79 33.57 -31.30
CA TRP A 155 -13.07 32.92 -32.57
C TRP A 155 -12.06 31.79 -32.79
N LYS A 156 -12.57 30.63 -33.23
CA LYS A 156 -11.73 29.44 -33.27
C LYS A 156 -10.65 29.53 -34.34
N GLY A 157 -10.77 30.46 -35.29
CA GLY A 157 -9.74 30.64 -36.30
C GLY A 157 -8.63 31.59 -35.94
N SER A 158 -8.79 32.35 -34.84
CA SER A 158 -7.83 33.40 -34.53
C SER A 158 -6.45 32.86 -34.17
N PRO A 159 -6.30 31.87 -33.28
CA PRO A 159 -4.93 31.43 -32.92
C PRO A 159 -4.13 30.88 -34.09
N ALA A 160 -4.76 30.08 -34.96
CA ALA A 160 -4.01 29.51 -36.09
C ALA A 160 -3.59 30.59 -37.07
N ILE A 161 -4.50 31.53 -37.39
CA ILE A 161 -4.18 32.60 -38.32
C ILE A 161 -3.09 33.50 -37.75
N PHE A 162 -3.14 33.77 -36.44
CA PHE A 162 -2.08 34.57 -35.83
C PHE A 162 -0.75 33.84 -35.88
N GLN A 163 -0.76 32.55 -35.52
CA GLN A 163 0.50 31.79 -35.54
C GLN A 163 1.10 31.77 -36.94
N SER A 164 0.28 31.56 -37.97
CA SER A 164 0.77 31.56 -39.34
C SER A 164 1.36 32.92 -39.71
N SER A 165 0.64 34.00 -39.36
CA SER A 165 1.12 35.35 -39.65
C SER A 165 2.46 35.61 -38.96
N MET A 166 2.57 35.24 -37.68
CA MET A 166 3.82 35.43 -36.95
C MET A 166 4.96 34.64 -37.58
N THR A 167 4.68 33.41 -38.02
CA THR A 167 5.70 32.62 -38.70
C THR A 167 6.18 33.32 -39.97
N LYS A 168 5.25 33.80 -40.78
CA LYS A 168 5.64 34.50 -42.01
C LYS A 168 6.44 35.77 -41.71
N ILE A 169 6.08 36.47 -40.63
CA ILE A 169 6.79 37.70 -40.28
C ILE A 169 8.19 37.39 -39.77
N LEU A 170 8.36 36.28 -39.05
CA LEU A 170 9.66 35.94 -38.48
C LEU A 170 10.60 35.26 -39.48
N GLU A 171 10.07 34.63 -40.52
CA GLU A 171 10.90 33.87 -41.45
C GLU A 171 12.10 34.63 -41.99
N PRO A 172 11.97 35.88 -42.47
CA PRO A 172 13.17 36.59 -42.98
C PRO A 172 14.28 36.71 -41.94
N PHE A 173 13.94 37.14 -40.71
CA PHE A 173 14.94 37.28 -39.67
C PHE A 173 15.58 35.94 -39.34
N ARG A 174 14.78 34.88 -39.29
CA ARG A 174 15.32 33.55 -39.02
C ARG A 174 16.33 33.14 -40.09
N LYS A 175 15.97 33.29 -41.36
CA LYS A 175 16.89 32.91 -42.43
C LYS A 175 18.16 33.76 -42.41
N GLN A 176 18.04 35.03 -42.04
CA GLN A 176 19.21 35.89 -42.00
C GLN A 176 20.10 35.65 -40.79
N ASN A 177 19.56 35.11 -39.70
CA ASN A 177 20.33 34.88 -38.47
C ASN A 177 20.14 33.43 -38.01
N PRO A 178 20.81 32.48 -38.66
CA PRO A 178 20.65 31.07 -38.26
C PRO A 178 21.26 30.76 -36.90
N ASP A 179 22.19 31.58 -36.41
CA ASP A 179 22.83 31.36 -35.12
C ASP A 179 22.06 31.98 -33.96
N ILE A 180 20.83 32.43 -34.20
CA ILE A 180 19.97 32.99 -33.16
C ILE A 180 18.76 32.08 -33.03
N VAL A 181 18.54 31.55 -31.83
CA VAL A 181 17.44 30.64 -31.57
C VAL A 181 16.22 31.45 -31.14
N ILE A 182 15.11 31.27 -31.84
CA ILE A 182 13.87 31.97 -31.55
C ILE A 182 12.79 30.92 -31.30
N TYR A 183 12.47 30.68 -30.04
CA TYR A 183 11.30 29.90 -29.68
C TYR A 183 10.06 30.79 -29.78
N GLN A 184 9.12 30.39 -30.62
CA GLN A 184 7.94 31.18 -30.95
C GLN A 184 6.72 30.42 -30.44
N TYR A 185 6.15 30.87 -29.33
CA TYR A 185 4.92 30.28 -28.79
C TYR A 185 3.87 31.38 -28.68
N MET A 186 2.94 31.41 -29.60
CA MET A 186 1.91 32.42 -29.73
C MET A 186 2.59 33.76 -29.99
N ASP A 187 2.46 34.72 -29.11
CA ASP A 187 3.18 35.97 -29.28
C ASP A 187 4.36 36.08 -28.32
N ASP A 188 4.76 34.97 -27.71
CA ASP A 188 5.87 34.93 -26.77
C ASP A 188 7.11 34.44 -27.49
N LEU A 189 8.16 35.26 -27.48
CA LEU A 189 9.40 34.98 -28.22
C LEU A 189 10.54 34.83 -27.23
N TYR A 190 11.13 33.64 -27.19
CA TYR A 190 12.42 33.42 -26.54
C TYR A 190 13.50 33.57 -27.59
N VAL A 191 14.56 34.30 -27.25
CA VAL A 191 15.64 34.62 -28.19
C VAL A 191 16.96 34.38 -27.49
N GLY A 192 17.65 33.30 -27.85
CA GLY A 192 18.95 32.97 -27.29
C GLY A 192 20.03 33.04 -28.34
N SER A 193 21.24 33.40 -27.91
CA SER A 193 22.36 33.49 -28.83
C SER A 193 23.66 33.32 -28.06
N ASP A 194 24.72 33.02 -28.79
CA ASP A 194 26.07 32.93 -28.24
C ASP A 194 26.89 34.19 -28.54
N LEU A 195 26.23 35.31 -28.82
CA LEU A 195 26.90 36.57 -29.05
C LEU A 195 27.12 37.30 -27.73
N GLU A 196 28.09 38.21 -27.74
CA GLU A 196 28.28 39.08 -26.60
C GLU A 196 27.06 39.97 -26.42
N ILE A 197 26.86 40.44 -25.19
CA ILE A 197 25.61 41.10 -24.84
C ILE A 197 25.35 42.33 -25.71
N GLY A 198 26.42 43.00 -26.16
CA GLY A 198 26.26 44.17 -27.00
C GLY A 198 25.65 43.86 -28.35
N GLN A 199 26.32 43.02 -29.13
CA GLN A 199 25.79 42.64 -30.44
C GLN A 199 24.49 41.86 -30.30
N HIS A 200 24.30 41.15 -29.18
CA HIS A 200 23.03 40.51 -28.93
C HIS A 200 21.91 41.54 -28.83
N ARG A 201 22.13 42.60 -28.05
CA ARG A 201 21.12 43.65 -27.95
C ARG A 201 20.94 44.38 -29.28
N THR A 202 22.00 44.47 -30.08
CA THR A 202 21.86 45.02 -31.43
C THR A 202 20.89 44.18 -32.25
N LYS A 203 21.09 42.86 -32.26
CA LYS A 203 20.18 41.98 -33.02
C LYS A 203 18.77 42.01 -32.45
N ILE A 204 18.63 42.16 -31.13
CA ILE A 204 17.31 42.26 -30.54
C ILE A 204 16.60 43.52 -31.03
N GLU A 205 17.32 44.65 -31.04
CA GLU A 205 16.72 45.89 -31.54
C GLU A 205 16.32 45.75 -33.00
N GLU A 206 17.17 45.09 -33.81
CA GLU A 206 16.82 44.85 -35.20
C GLU A 206 15.55 44.01 -35.31
N LEU A 207 15.42 42.97 -34.48
CA LEU A 207 14.24 42.12 -34.51
C LEU A 207 12.98 42.90 -34.13
N ARG A 208 13.09 43.75 -33.09
CA ARG A 208 11.94 44.53 -32.67
C ARG A 208 11.53 45.54 -33.74
N GLN A 209 12.51 46.13 -34.43
CA GLN A 209 12.16 47.03 -35.53
C GLN A 209 11.48 46.27 -36.67
N HIS A 210 11.99 45.08 -37.00
CA HIS A 210 11.34 44.26 -38.02
C HIS A 210 9.90 43.94 -37.64
N LEU A 211 9.66 43.57 -36.37
CA LEU A 211 8.30 43.31 -35.92
C LEU A 211 7.44 44.56 -36.02
N LEU A 212 8.02 45.73 -35.68
CA LEU A 212 7.23 46.96 -35.66
C LEU A 212 6.83 47.40 -37.06
N ARG A 213 7.70 47.17 -38.05
CA ARG A 213 7.33 47.46 -39.44
C ARG A 213 6.07 46.70 -39.82
N TRP A 214 5.93 45.47 -39.35
CA TRP A 214 4.76 44.65 -39.63
C TRP A 214 3.66 44.81 -38.59
N GLY A 215 3.73 45.85 -37.76
CA GLY A 215 2.66 46.19 -36.85
C GLY A 215 2.64 45.46 -35.53
N PHE A 216 3.71 44.75 -35.18
CA PHE A 216 3.78 44.05 -33.91
C PHE A 216 4.64 44.86 -32.93
N THR A 217 4.00 45.47 -31.94
CA THR A 217 4.72 46.19 -30.91
C THR A 217 5.32 45.21 -29.91
N THR A 218 6.37 45.66 -29.22
CA THR A 218 7.01 44.89 -28.15
C THR A 218 7.18 45.82 -26.96
N PRO A 219 6.17 45.94 -26.11
CA PRO A 219 6.26 46.88 -24.98
C PRO A 219 7.38 46.49 -24.04
N ASP A 220 8.00 47.54 -23.45
CA ASP A 220 9.13 47.30 -22.56
C ASP A 220 8.70 46.58 -21.29
N LYS A 221 7.44 46.73 -20.89
CA LYS A 221 6.93 46.07 -19.69
C LYS A 221 7.05 44.54 -19.81
N LYS A 222 6.94 44.01 -21.02
CA LYS A 222 7.04 42.58 -21.25
C LYS A 222 8.35 42.19 -21.94
N HIS A 223 9.37 43.02 -21.83
CA HIS A 223 10.69 42.76 -22.42
C HIS A 223 11.64 42.42 -21.28
N GLN A 224 11.93 41.13 -21.10
CA GLN A 224 12.84 40.66 -20.06
C GLN A 224 14.26 40.62 -20.60
N LYS A 225 15.21 41.15 -19.83
CA LYS A 225 16.59 41.23 -20.25
C LYS A 225 17.57 40.49 -19.36
N GLU A 226 17.21 40.21 -18.11
CA GLU A 226 18.13 39.56 -17.19
C GLU A 226 17.46 38.38 -16.49
N PRO A 227 18.23 37.37 -16.12
CA PRO A 227 17.65 36.22 -15.43
C PRO A 227 17.22 36.59 -14.03
N PRO A 228 16.27 35.84 -13.43
CA PRO A 228 15.60 34.68 -14.04
C PRO A 228 14.48 35.08 -15.01
N PHE A 229 14.42 34.42 -16.17
CA PHE A 229 13.41 34.74 -17.16
C PHE A 229 12.14 33.95 -16.86
N LEU A 230 10.99 34.62 -16.94
CA LEU A 230 9.71 33.95 -16.78
C LEU A 230 9.24 33.50 -18.16
N TRP A 231 9.16 32.18 -18.36
CA TRP A 231 8.91 31.64 -19.70
C TRP A 231 8.14 30.34 -19.61
N MET A 232 6.92 30.34 -20.16
CA MET A 232 6.09 29.13 -20.30
C MET A 232 5.82 28.46 -18.97
N GLY A 233 5.75 29.25 -17.90
CA GLY A 233 5.52 28.71 -16.57
C GLY A 233 6.76 28.29 -15.84
N TYR A 234 7.94 28.61 -16.35
CA TYR A 234 9.21 28.25 -15.75
C TYR A 234 10.03 29.50 -15.47
N GLU A 235 11.10 29.31 -14.70
CA GLU A 235 12.12 30.33 -14.47
C GLU A 235 13.43 29.81 -15.05
N LEU A 236 13.96 30.55 -16.02
CA LEU A 236 15.20 30.21 -16.70
C LEU A 236 16.36 30.97 -16.07
N HIS A 237 17.31 30.24 -15.52
CA HIS A 237 18.59 30.74 -15.06
C HIS A 237 19.65 30.39 -16.08
N PRO A 238 20.86 30.97 -15.97
CA PRO A 238 21.91 30.64 -16.94
C PRO A 238 22.27 29.16 -16.96
N ASP A 239 22.34 28.51 -15.79
CA ASP A 239 22.79 27.14 -15.69
C ASP A 239 21.67 26.14 -15.37
N LYS A 240 20.50 26.61 -14.97
CA LYS A 240 19.44 25.70 -14.57
C LYS A 240 18.08 26.35 -14.81
N TRP A 241 17.03 25.56 -14.62
CA TRP A 241 15.67 26.05 -14.76
C TRP A 241 14.81 25.44 -13.65
N THR A 242 13.82 26.19 -13.20
CA THR A 242 12.91 25.72 -12.17
C THR A 242 11.47 25.90 -12.64
N VAL A 243 10.58 25.14 -12.03
CA VAL A 243 9.16 25.36 -12.26
C VAL A 243 8.70 26.50 -11.37
N GLN A 244 7.74 27.28 -11.85
CA GLN A 244 7.15 28.31 -11.01
C GLN A 244 6.36 27.65 -9.89
N PRO A 245 6.28 28.29 -8.71
CA PRO A 245 5.83 27.60 -7.51
C PRO A 245 4.48 26.92 -7.67
N ILE A 246 4.40 25.67 -7.21
CA ILE A 246 3.19 24.87 -7.28
C ILE A 246 2.58 24.84 -5.88
N VAL A 247 1.36 25.32 -5.76
CA VAL A 247 0.65 25.40 -4.48
C VAL A 247 -0.45 24.35 -4.49
N LEU A 248 -0.30 23.32 -3.66
CA LEU A 248 -1.33 22.29 -3.58
C LEU A 248 -2.49 22.77 -2.70
N PRO A 249 -3.72 22.41 -3.06
CA PRO A 249 -4.85 22.72 -2.19
C PRO A 249 -4.71 22.04 -0.83
N GLU A 250 -5.21 22.72 0.20
CA GLU A 250 -5.19 22.20 1.56
C GLU A 250 -6.59 22.33 2.13
N LYS A 251 -7.30 21.21 2.24
CA LYS A 251 -8.70 21.20 2.62
C LYS A 251 -8.92 20.27 3.80
N ASP A 252 -9.89 20.61 4.65
CA ASP A 252 -10.35 19.69 5.66
C ASP A 252 -11.36 18.70 5.08
N SER A 253 -12.28 19.19 4.26
CA SER A 253 -13.23 18.36 3.52
C SER A 253 -12.91 18.49 2.03
N TRP A 254 -12.82 17.36 1.34
CA TRP A 254 -12.45 17.31 -0.06
C TRP A 254 -13.65 16.92 -0.92
N THR A 255 -13.86 17.67 -1.99
CA THR A 255 -14.84 17.31 -3.01
C THR A 255 -14.15 16.60 -4.17
N VAL A 256 -14.96 16.04 -5.06
CA VAL A 256 -14.42 15.42 -6.28
C VAL A 256 -13.58 16.42 -7.05
N ASN A 257 -14.08 17.64 -7.20
CA ASN A 257 -13.39 18.66 -7.98
C ASN A 257 -12.06 19.05 -7.33
N ASP A 258 -12.04 19.13 -6.00
CA ASP A 258 -10.78 19.41 -5.31
C ASP A 258 -9.73 18.34 -5.60
N ILE A 259 -10.14 17.07 -5.56
CA ILE A 259 -9.21 15.98 -5.82
C ILE A 259 -8.74 16.01 -7.27
N GLN A 260 -9.63 16.34 -8.20
CA GLN A 260 -9.24 16.50 -9.59
C GLN A 260 -8.16 17.58 -9.73
N LYS A 261 -8.38 18.74 -9.09
CA LYS A 261 -7.37 19.79 -9.08
C LYS A 261 -6.05 19.27 -8.54
N LEU A 262 -6.08 18.62 -7.38
CA LEU A 262 -4.86 18.13 -6.74
C LEU A 262 -4.08 17.20 -7.67
N VAL A 263 -4.78 16.22 -8.26
CA VAL A 263 -4.11 15.28 -9.15
C VAL A 263 -3.50 16.01 -10.34
N GLY A 264 -4.24 16.97 -10.91
CA GLY A 264 -3.68 17.75 -12.01
C GLY A 264 -2.40 18.46 -11.63
N LYS A 265 -2.41 19.13 -10.47
CA LYS A 265 -1.20 19.82 -10.01
C LYS A 265 -0.05 18.86 -9.80
N LEU A 266 -0.32 17.67 -9.27
CA LEU A 266 0.74 16.70 -9.06
C LEU A 266 1.31 16.19 -10.38
N ASN A 267 0.45 15.98 -11.38
CA ASN A 267 0.93 15.61 -12.70
C ASN A 267 1.83 16.70 -13.28
N TRP A 268 1.40 17.96 -13.17
CA TRP A 268 2.26 19.05 -13.63
C TRP A 268 3.59 19.05 -12.90
N ALA A 269 3.58 18.76 -11.60
CA ALA A 269 4.81 18.77 -10.81
C ALA A 269 5.72 17.60 -11.18
N SER A 270 5.15 16.49 -11.68
CA SER A 270 5.94 15.30 -11.94
C SER A 270 6.98 15.47 -13.03
N GLN A 271 6.96 16.58 -13.76
CA GLN A 271 7.94 16.81 -14.82
C GLN A 271 9.33 17.12 -14.29
N ILE A 272 9.47 17.43 -13.00
CA ILE A 272 10.77 17.78 -12.45
C ILE A 272 10.91 17.24 -11.02
N TYR A 273 9.77 17.00 -10.36
CA TYR A 273 9.78 16.39 -9.04
C TYR A 273 9.71 14.87 -9.19
N ALA A 274 10.76 14.18 -8.75
CA ALA A 274 10.86 12.74 -8.95
C ALA A 274 10.01 11.99 -7.92
N GLY A 275 9.36 10.92 -8.39
CA GLY A 275 8.66 10.01 -7.49
C GLY A 275 7.24 10.37 -7.14
N ILE A 276 6.61 11.28 -7.89
CA ILE A 276 5.23 11.66 -7.62
C ILE A 276 4.31 10.48 -7.96
N LYS A 277 3.31 10.25 -7.09
CA LYS A 277 2.33 9.20 -7.29
C LYS A 277 0.92 9.76 -7.12
N VAL A 278 -0.01 9.29 -7.94
CA VAL A 278 -1.37 9.80 -7.93
C VAL A 278 -2.41 8.67 -8.01
N ARG A 279 -1.96 7.43 -7.92
CA ARG A 279 -2.87 6.29 -8.09
C ARG A 279 -3.95 6.28 -7.02
N GLN A 280 -3.55 6.38 -5.74
CA GLN A 280 -4.51 6.28 -4.66
C GLN A 280 -5.44 7.49 -4.61
N LEU A 281 -4.91 8.68 -4.88
CA LEU A 281 -5.76 9.87 -4.94
C LEU A 281 -6.74 9.78 -6.11
N SER A 282 -6.29 9.24 -7.24
CA SER A 282 -7.17 9.12 -8.40
C SER A 282 -8.25 8.07 -8.19
N LYS A 283 -7.95 7.01 -7.44
CA LYS A 283 -8.97 5.99 -7.15
C LYS A 283 -10.19 6.60 -6.47
N LEU A 284 -10.00 7.69 -5.72
CA LEU A 284 -11.12 8.34 -5.05
C LEU A 284 -12.11 8.91 -6.05
N LEU A 285 -11.65 9.24 -7.26
CA LEU A 285 -12.55 9.78 -8.29
C LEU A 285 -13.44 8.72 -8.92
N ARG A 286 -13.11 7.44 -8.74
CA ARG A 286 -13.85 6.38 -9.40
C ARG A 286 -15.21 6.17 -8.74
N GLY A 287 -16.23 5.98 -9.58
CA GLY A 287 -17.57 5.72 -9.12
C GLY A 287 -18.33 6.92 -8.58
N THR A 288 -17.70 8.09 -8.54
CA THR A 288 -18.38 9.28 -8.05
C THR A 288 -19.38 9.80 -9.09
N LYS A 289 -20.32 10.61 -8.62
CA LYS A 289 -21.44 11.04 -9.44
C LYS A 289 -21.55 12.55 -9.61
N ALA A 290 -20.88 13.35 -8.80
CA ALA A 290 -21.00 14.80 -8.89
C ALA A 290 -19.67 15.45 -8.52
N LEU A 291 -19.41 16.59 -9.16
CA LEU A 291 -18.18 17.33 -8.86
C LEU A 291 -18.17 17.88 -7.44
N THR A 292 -19.33 18.17 -6.88
CA THR A 292 -19.45 18.69 -5.52
C THR A 292 -19.67 17.59 -4.49
N GLU A 293 -19.60 16.33 -4.89
CA GLU A 293 -19.73 15.23 -3.95
C GLU A 293 -18.51 15.18 -3.04
N VAL A 294 -18.76 15.18 -1.73
CA VAL A 294 -17.67 15.09 -0.76
C VAL A 294 -17.12 13.67 -0.76
N VAL A 295 -15.81 13.55 -0.85
CA VAL A 295 -15.13 12.26 -0.89
C VAL A 295 -14.13 12.22 0.27
N PRO A 296 -14.28 11.30 1.22
CA PRO A 296 -13.28 11.19 2.29
C PRO A 296 -12.03 10.49 1.78
N LEU A 297 -10.88 11.03 2.17
CA LEU A 297 -9.61 10.42 1.77
C LEU A 297 -9.43 9.08 2.48
N THR A 298 -9.08 8.06 1.72
CA THR A 298 -8.71 6.80 2.33
C THR A 298 -7.35 6.94 3.03
N GLU A 299 -6.98 5.90 3.77
CA GLU A 299 -5.68 5.90 4.43
C GLU A 299 -4.55 5.91 3.41
N GLU A 300 -4.67 5.09 2.36
CA GLU A 300 -3.64 5.05 1.32
C GLU A 300 -3.51 6.39 0.62
N ALA A 301 -4.64 7.06 0.37
CA ALA A 301 -4.60 8.36 -0.28
C ALA A 301 -3.93 9.40 0.60
N GLU A 302 -4.17 9.35 1.91
CA GLU A 302 -3.50 10.26 2.83
C GLU A 302 -1.99 10.02 2.84
N LEU A 303 -1.59 8.74 2.86
CA LEU A 303 -0.16 8.42 2.83
C LEU A 303 0.49 8.92 1.54
N GLU A 304 -0.14 8.63 0.41
CA GLU A 304 0.38 9.09 -0.88
C GLU A 304 0.49 10.61 -0.92
N LEU A 305 -0.53 11.30 -0.43
CA LEU A 305 -0.49 12.77 -0.42
C LEU A 305 0.65 13.28 0.45
N ALA A 306 0.82 12.70 1.64
CA ALA A 306 1.90 13.13 2.53
C ALA A 306 3.26 12.92 1.88
N GLU A 307 3.46 11.77 1.24
CA GLU A 307 4.72 11.52 0.54
C GLU A 307 4.95 12.56 -0.56
N ASN A 308 3.91 12.88 -1.33
CA ASN A 308 4.04 13.89 -2.36
C ASN A 308 4.41 15.25 -1.78
N ARG A 309 3.81 15.61 -0.63
CA ARG A 309 4.14 16.89 0.00
C ARG A 309 5.59 16.92 0.44
N GLU A 310 6.07 15.83 1.05
CA GLU A 310 7.48 15.73 1.41
C GLU A 310 8.36 15.94 0.20
N ILE A 311 8.01 15.32 -0.93
CA ILE A 311 8.80 15.51 -2.15
C ILE A 311 8.76 16.97 -2.59
N LEU A 312 7.59 17.59 -2.52
CA LEU A 312 7.40 18.92 -3.10
C LEU A 312 8.01 20.04 -2.26
N LYS A 313 8.25 19.82 -0.96
CA LYS A 313 8.88 20.87 -0.19
C LYS A 313 10.39 20.95 -0.38
N GLU A 314 10.99 19.96 -1.03
CA GLU A 314 12.43 20.01 -1.31
C GLU A 314 12.68 20.77 -2.62
N PRO A 315 13.67 21.66 -2.66
CA PRO A 315 13.96 22.39 -3.90
C PRO A 315 14.53 21.46 -4.96
N VAL A 316 14.11 21.68 -6.20
CA VAL A 316 14.60 20.92 -7.35
C VAL A 316 14.83 21.87 -8.51
N HIS A 317 15.65 21.42 -9.46
CA HIS A 317 15.86 22.15 -10.70
C HIS A 317 16.24 21.18 -11.79
N GLY A 318 15.94 21.54 -13.03
CA GLY A 318 16.44 20.84 -14.17
C GLY A 318 17.62 21.58 -14.78
N VAL A 319 18.37 20.89 -15.63
CA VAL A 319 19.47 21.51 -16.35
C VAL A 319 19.14 21.55 -17.82
N TYR A 320 20.01 22.13 -18.63
CA TYR A 320 19.78 22.30 -20.04
C TYR A 320 20.47 21.20 -20.84
N TYR A 321 20.10 21.12 -22.12
CA TYR A 321 20.52 20.02 -22.96
C TYR A 321 21.91 20.27 -23.56
N ASP A 322 22.77 19.25 -23.48
CA ASP A 322 24.08 19.28 -24.11
C ASP A 322 24.09 18.29 -25.26
N PRO A 323 24.03 18.74 -26.52
CA PRO A 323 23.91 17.79 -27.64
C PRO A 323 25.17 16.97 -27.88
N SER A 324 26.31 17.35 -27.28
CA SER A 324 27.53 16.57 -27.42
C SER A 324 27.62 15.43 -26.40
N LYS A 325 26.57 15.20 -25.62
CA LYS A 325 26.52 14.12 -24.65
C LYS A 325 25.28 13.26 -24.89
N ASP A 326 25.29 12.07 -24.32
CA ASP A 326 24.19 11.14 -24.50
C ASP A 326 23.02 11.49 -23.60
N LEU A 327 21.82 11.14 -24.06
CA LEU A 327 20.63 11.18 -23.22
C LEU A 327 20.46 9.84 -22.54
N ILE A 328 20.15 9.88 -21.25
CA ILE A 328 19.99 8.67 -20.44
C ILE A 328 18.66 8.77 -19.70
N ALA A 329 17.88 7.69 -19.78
CA ALA A 329 16.58 7.60 -19.10
C ALA A 329 16.63 6.40 -18.18
N GLU A 330 16.41 6.63 -16.89
CA GLU A 330 16.40 5.57 -15.89
C GLU A 330 14.99 5.42 -15.34
N ILE A 331 14.55 4.17 -15.20
CA ILE A 331 13.17 3.90 -14.76
C ILE A 331 13.20 3.14 -13.43
N GLN A 332 12.25 3.47 -12.56
CA GLN A 332 12.02 2.73 -11.33
C GLN A 332 10.55 2.35 -11.22
N LYS A 333 10.32 1.19 -10.61
CA LYS A 333 8.99 0.65 -10.34
C LYS A 333 8.54 1.10 -8.96
N GLN A 334 7.29 1.54 -8.88
CA GLN A 334 6.74 2.09 -7.64
C GLN A 334 5.61 1.26 -7.06
N GLY A 335 5.10 0.29 -7.78
CA GLY A 335 4.06 -0.57 -7.25
C GLY A 335 2.69 -0.21 -7.81
N GLN A 336 1.85 -1.24 -7.94
CA GLN A 336 0.47 -1.07 -8.42
C GLN A 336 0.43 -0.40 -9.78
N GLY A 337 1.31 -0.84 -10.67
CA GLY A 337 1.34 -0.31 -12.02
C GLY A 337 1.80 1.13 -12.13
N GLN A 338 2.61 1.59 -11.19
CA GLN A 338 3.15 2.94 -11.20
C GLN A 338 4.65 2.90 -11.49
N TRP A 339 5.11 3.81 -12.33
CA TRP A 339 6.49 3.87 -12.76
C TRP A 339 6.94 5.32 -12.76
N THR A 340 8.19 5.56 -12.38
CA THR A 340 8.74 6.91 -12.41
C THR A 340 10.08 6.89 -13.12
N TYR A 341 10.43 7.99 -13.78
CA TYR A 341 11.66 7.98 -14.53
C TYR A 341 12.36 9.33 -14.47
N GLN A 342 13.66 9.30 -14.71
CA GLN A 342 14.48 10.51 -14.80
C GLN A 342 15.28 10.48 -16.09
N ILE A 343 15.42 11.67 -16.70
CA ILE A 343 16.19 11.85 -17.92
C ILE A 343 17.29 12.86 -17.64
N TYR A 344 18.54 12.43 -17.83
CA TYR A 344 19.74 13.19 -17.49
C TYR A 344 20.83 12.86 -18.50
N GLN A 345 21.94 13.59 -18.40
CA GLN A 345 23.13 13.33 -19.20
C GLN A 345 24.37 13.09 -18.34
N GLU A 346 24.58 13.90 -17.31
CA GLU A 346 25.54 13.71 -16.24
C GLU A 346 24.81 13.25 -14.98
N PRO A 347 25.41 12.37 -14.19
CA PRO A 347 24.68 11.79 -13.04
C PRO A 347 24.23 12.86 -12.05
N PHE A 348 23.02 12.67 -11.52
CA PHE A 348 22.42 13.53 -10.50
C PHE A 348 22.14 14.94 -10.99
N LYS A 349 22.11 15.13 -12.32
CA LYS A 349 21.74 16.42 -12.92
C LYS A 349 20.63 16.13 -13.93
N ASN A 350 19.39 16.06 -13.44
CA ASN A 350 18.28 15.68 -14.29
C ASN A 350 17.94 16.79 -15.29
N LEU A 351 17.77 16.39 -16.56
CA LEU A 351 17.09 17.26 -17.50
C LEU A 351 15.62 17.38 -17.15
N LYS A 352 14.97 16.24 -16.91
CA LYS A 352 13.59 16.28 -16.43
C LYS A 352 13.25 14.93 -15.82
N THR A 353 12.06 14.84 -15.24
CA THR A 353 11.55 13.59 -14.70
C THR A 353 10.17 13.34 -15.28
N GLY A 354 9.57 12.23 -14.85
CA GLY A 354 8.22 11.94 -15.29
C GLY A 354 7.71 10.67 -14.65
N LYS A 355 6.50 10.28 -15.07
CA LYS A 355 5.91 9.06 -14.55
C LYS A 355 4.98 8.46 -15.60
N TYR A 356 4.78 7.15 -15.47
CA TYR A 356 3.84 6.41 -16.30
C TYR A 356 3.02 5.51 -15.40
N ALA A 357 1.69 5.63 -15.48
CA ALA A 357 0.83 4.85 -14.58
C ALA A 357 -0.47 4.40 -15.23
N ARG A 358 -0.57 4.43 -16.56
CA ARG A 358 -1.80 4.02 -17.22
C ARG A 358 -1.98 2.50 -17.13
N MET A 359 -3.22 2.08 -16.93
CA MET A 359 -3.59 0.67 -17.00
C MET A 359 -4.13 0.39 -18.40
N LYS A 360 -3.36 -0.32 -19.20
CA LYS A 360 -3.75 -0.68 -20.56
C LYS A 360 -4.16 -2.15 -20.59
N GLY A 361 -5.41 -2.40 -20.96
CA GLY A 361 -5.93 -3.75 -21.03
C GLY A 361 -6.45 -4.24 -19.69
N ALA A 362 -7.30 -5.26 -19.77
CA ALA A 362 -7.87 -5.84 -18.54
C ALA A 362 -6.84 -6.67 -17.78
N HIS A 363 -5.94 -7.34 -18.50
CA HIS A 363 -4.93 -8.20 -17.89
C HIS A 363 -3.58 -7.88 -18.51
N THR A 364 -2.57 -7.68 -17.65
CA THR A 364 -1.23 -7.32 -18.11
C THR A 364 -0.21 -7.77 -17.07
N ASN A 365 1.06 -7.44 -17.31
CA ASN A 365 2.11 -7.73 -16.35
C ASN A 365 3.15 -6.61 -16.36
N ASP A 366 4.10 -6.71 -15.44
CA ASP A 366 5.09 -5.64 -15.25
C ASP A 366 5.99 -5.47 -16.46
N VAL A 367 6.27 -6.55 -17.19
CA VAL A 367 7.15 -6.44 -18.35
C VAL A 367 6.47 -5.63 -19.45
N LYS A 368 5.20 -5.91 -19.71
CA LYS A 368 4.43 -5.13 -20.67
C LYS A 368 4.39 -3.65 -20.28
N GLN A 369 4.12 -3.38 -19.00
CA GLN A 369 4.00 -1.99 -18.56
C GLN A 369 5.34 -1.27 -18.63
N LEU A 370 6.43 -1.97 -18.31
CA LEU A 370 7.76 -1.38 -18.47
C LEU A 370 8.02 -1.07 -19.94
N THR A 371 7.60 -1.96 -20.84
CA THR A 371 7.72 -1.68 -22.27
C THR A 371 6.93 -0.42 -22.64
N GLU A 372 5.73 -0.27 -22.06
CA GLU A 372 4.92 0.91 -22.34
C GLU A 372 5.59 2.17 -21.85
N ALA A 373 6.15 2.14 -20.64
CA ALA A 373 6.88 3.28 -20.12
C ALA A 373 8.07 3.64 -21.01
N VAL A 374 8.79 2.62 -21.48
CA VAL A 374 9.90 2.85 -22.42
C VAL A 374 9.40 3.55 -23.67
N GLN A 375 8.24 3.13 -24.18
CA GLN A 375 7.72 3.75 -25.40
C GLN A 375 7.30 5.21 -25.16
N LYS A 376 6.64 5.48 -24.03
CA LYS A 376 6.29 6.85 -23.69
C LYS A 376 7.53 7.73 -23.60
N ILE A 377 8.57 7.24 -22.92
CA ILE A 377 9.80 8.00 -22.79
C ILE A 377 10.46 8.22 -24.15
N ALA A 378 10.39 7.21 -25.03
CA ALA A 378 11.01 7.35 -26.34
C ALA A 378 10.30 8.44 -27.16
N THR A 379 8.96 8.42 -27.15
CA THR A 379 8.22 9.43 -27.88
C THR A 379 8.49 10.83 -27.32
N GLU A 380 8.44 10.97 -25.99
CA GLU A 380 8.72 12.26 -25.38
C GLU A 380 10.13 12.76 -25.72
N SER A 381 11.11 11.85 -25.70
CA SER A 381 12.48 12.22 -26.01
C SER A 381 12.64 12.64 -27.47
N ILE A 382 11.90 12.01 -28.38
CA ILE A 382 11.96 12.44 -29.77
C ILE A 382 11.33 13.83 -29.91
N VAL A 383 10.24 14.09 -29.18
CA VAL A 383 9.62 15.41 -29.24
C VAL A 383 10.58 16.48 -28.75
N ILE A 384 11.20 16.24 -27.58
CA ILE A 384 11.96 17.31 -26.93
C ILE A 384 13.35 17.46 -27.54
N TRP A 385 14.05 16.35 -27.78
CA TRP A 385 15.45 16.39 -28.19
C TRP A 385 15.70 15.83 -29.58
N GLY A 386 14.69 15.27 -30.24
CA GLY A 386 14.87 14.73 -31.58
C GLY A 386 15.61 13.42 -31.65
N LYS A 387 15.82 12.74 -30.53
CA LYS A 387 16.47 11.44 -30.53
C LYS A 387 16.02 10.65 -29.32
N THR A 388 16.26 9.35 -29.36
CA THR A 388 15.93 8.34 -28.36
C THR A 388 17.08 8.17 -27.36
N PRO A 389 16.80 8.10 -26.07
CA PRO A 389 17.86 7.97 -25.08
C PRO A 389 18.28 6.52 -24.87
N LYS A 390 19.38 6.37 -24.14
CA LYS A 390 19.81 5.06 -23.66
C LYS A 390 19.16 4.79 -22.31
N PHE A 391 18.69 3.56 -22.13
CA PHE A 391 17.84 3.24 -20.99
C PHE A 391 18.60 2.47 -19.91
N LYS A 392 18.26 2.76 -18.66
CA LYS A 392 18.68 1.98 -17.51
C LYS A 392 17.41 1.49 -16.82
N LEU A 393 17.25 0.16 -16.81
CA LEU A 393 16.00 -0.51 -16.47
C LEU A 393 16.23 -1.54 -15.38
N PRO A 394 15.32 -1.64 -14.41
CA PRO A 394 15.45 -2.62 -13.33
C PRO A 394 14.90 -3.98 -13.71
N ILE A 395 15.45 -4.57 -14.77
CA ILE A 395 15.04 -5.88 -15.25
C ILE A 395 16.27 -6.61 -15.76
N GLN A 396 16.42 -7.87 -15.37
CA GLN A 396 17.57 -8.65 -15.79
C GLN A 396 17.50 -8.98 -17.27
N LYS A 397 18.67 -9.11 -17.89
CA LYS A 397 18.72 -9.49 -19.30
C LYS A 397 18.10 -10.86 -19.51
N GLU A 398 18.26 -11.77 -18.55
CA GLU A 398 17.66 -13.10 -18.65
C GLU A 398 16.14 -13.02 -18.63
N THR A 399 15.59 -12.14 -17.78
CA THR A 399 14.14 -12.00 -17.70
C THR A 399 13.58 -11.51 -19.04
N TRP A 400 14.17 -10.45 -19.59
CA TRP A 400 13.71 -9.93 -20.87
C TRP A 400 13.85 -10.96 -21.98
N GLU A 401 15.01 -11.63 -22.04
CA GLU A 401 15.22 -12.67 -23.05
C GLU A 401 14.13 -13.74 -22.97
N ALA A 402 13.89 -14.26 -21.76
CA ALA A 402 12.84 -15.25 -21.57
C ALA A 402 11.50 -14.73 -22.06
N TRP A 403 11.16 -13.48 -21.70
CA TRP A 403 9.87 -12.92 -22.09
C TRP A 403 9.73 -12.83 -23.60
N TRP A 404 10.66 -12.15 -24.28
CA TRP A 404 10.48 -11.95 -25.72
C TRP A 404 10.69 -13.22 -26.52
N THR A 405 11.31 -14.25 -25.94
CA THR A 405 11.35 -15.53 -26.65
C THR A 405 10.05 -16.32 -26.47
N GLU A 406 9.46 -16.29 -25.28
CA GLU A 406 8.27 -17.12 -25.07
C GLU A 406 7.00 -16.44 -25.57
N TYR A 407 6.90 -15.11 -25.42
CA TYR A 407 5.71 -14.38 -25.82
C TYR A 407 5.53 -14.43 -27.33
N TRP A 408 4.27 -14.48 -27.77
CA TRP A 408 3.98 -14.71 -29.18
C TRP A 408 3.94 -13.44 -30.01
N GLN A 409 3.71 -12.28 -29.40
CA GLN A 409 3.73 -11.02 -30.13
C GLN A 409 5.15 -10.47 -30.21
N ALA A 410 5.44 -9.78 -31.32
CA ALA A 410 6.74 -9.15 -31.48
C ALA A 410 6.88 -7.98 -30.50
N THR A 411 8.01 -7.93 -29.80
CA THR A 411 8.26 -6.86 -28.85
C THR A 411 9.75 -6.56 -28.83
N TRP A 412 10.10 -5.38 -28.35
CA TRP A 412 11.49 -4.95 -28.39
C TRP A 412 11.69 -3.76 -27.47
N ILE A 413 12.92 -3.60 -27.00
CA ILE A 413 13.35 -2.45 -26.21
C ILE A 413 14.70 -1.99 -26.78
N PRO A 414 14.90 -0.69 -27.00
CA PRO A 414 16.20 -0.23 -27.54
C PRO A 414 17.35 -0.43 -26.57
N GLU A 415 18.53 0.12 -26.91
CA GLU A 415 19.73 -0.12 -26.13
C GLU A 415 19.52 0.23 -24.66
N TRP A 416 19.67 -0.78 -23.80
CA TRP A 416 19.45 -0.61 -22.38
C TRP A 416 20.47 -1.45 -21.62
N GLU A 417 20.74 -1.04 -20.38
CA GLU A 417 21.60 -1.77 -19.48
C GLU A 417 20.86 -2.03 -18.17
N PHE A 418 21.19 -3.13 -17.53
CA PHE A 418 20.54 -3.49 -16.27
C PHE A 418 21.06 -2.61 -15.14
N VAL A 419 20.15 -2.07 -14.34
CA VAL A 419 20.48 -1.33 -13.14
C VAL A 419 19.77 -1.99 -11.96
N ASN A 420 20.50 -2.24 -10.88
CA ASN A 420 19.97 -3.01 -9.75
C ASN A 420 19.39 -2.03 -8.74
N THR A 421 18.14 -1.65 -8.98
CA THR A 421 17.37 -0.79 -8.07
C THR A 421 16.07 -1.53 -7.74
N PRO A 422 16.07 -2.35 -6.70
CA PRO A 422 14.86 -3.11 -6.37
C PRO A 422 13.72 -2.17 -6.02
N PRO A 423 12.46 -2.60 -6.21
CA PRO A 423 12.08 -3.92 -6.72
C PRO A 423 12.34 -4.09 -8.22
N LEU A 424 12.90 -5.23 -8.60
CA LEU A 424 13.18 -5.51 -10.00
C LEU A 424 11.92 -5.99 -10.72
N VAL A 425 11.90 -5.78 -12.02
CA VAL A 425 10.81 -6.28 -12.86
C VAL A 425 11.12 -7.73 -13.23
N LYS A 426 10.14 -8.61 -13.06
CA LYS A 426 10.37 -10.02 -13.30
C LYS A 426 9.08 -10.71 -13.70
N LEU A 427 9.23 -11.87 -14.33
CA LEU A 427 8.11 -12.75 -14.58
C LEU A 427 7.81 -13.53 -13.31
N TRP A 428 6.53 -13.58 -12.93
CA TRP A 428 6.13 -14.18 -11.67
C TRP A 428 5.83 -15.66 -11.78
N TYR A 429 5.84 -16.22 -12.99
CA TYR A 429 5.70 -17.65 -13.22
C TYR A 429 5.93 -17.90 -14.70
N GLN A 430 6.16 -19.17 -15.04
CA GLN A 430 6.37 -19.56 -16.43
C GLN A 430 5.77 -20.94 -16.65
N LEU A 431 4.89 -21.03 -17.65
CA LEU A 431 4.26 -22.30 -17.97
C LEU A 431 5.27 -23.22 -18.64
N GLU A 432 5.23 -24.50 -18.28
CA GLU A 432 6.14 -25.47 -18.85
C GLU A 432 5.84 -25.67 -20.33
N LYS A 433 6.90 -25.89 -21.12
CA LYS A 433 6.74 -26.15 -22.55
C LYS A 433 6.37 -27.60 -22.83
N GLU A 434 6.69 -28.52 -21.92
CA GLU A 434 6.37 -29.93 -22.03
C GLU A 434 5.59 -30.38 -20.80
N PRO A 435 4.77 -31.42 -20.91
CA PRO A 435 4.08 -31.95 -19.73
C PRO A 435 5.06 -32.44 -18.68
N ILE A 436 4.57 -32.49 -17.44
CA ILE A 436 5.42 -32.78 -16.28
C ILE A 436 5.23 -34.24 -15.88
N ILE A 437 6.35 -34.97 -15.79
CA ILE A 437 6.29 -36.37 -15.39
C ILE A 437 6.00 -36.46 -13.91
N GLY A 438 5.10 -37.38 -13.54
CA GLY A 438 4.71 -37.56 -12.16
C GLY A 438 3.67 -36.59 -11.64
N ALA A 439 3.32 -35.56 -12.41
CA ALA A 439 2.33 -34.59 -12.00
C ALA A 439 0.93 -35.06 -12.38
N GLU A 440 -0.04 -34.72 -11.54
CA GLU A 440 -1.43 -35.07 -11.80
C GLU A 440 -1.93 -34.36 -13.05
N THR A 441 -2.84 -35.03 -13.76
CA THR A 441 -3.42 -34.48 -14.99
C THR A 441 -4.89 -34.14 -14.74
N PHE A 442 -5.20 -32.85 -14.80
CA PHE A 442 -6.54 -32.34 -14.63
C PHE A 442 -7.15 -32.02 -15.98
N TYR A 443 -8.29 -32.62 -16.28
CA TYR A 443 -9.12 -32.24 -17.42
C TYR A 443 -10.24 -31.35 -16.88
N VAL A 444 -10.21 -30.07 -17.24
CA VAL A 444 -11.10 -29.09 -16.64
C VAL A 444 -12.15 -28.70 -17.67
N ASP A 445 -13.31 -28.25 -17.16
CA ASP A 445 -14.34 -27.72 -18.03
C ASP A 445 -15.34 -26.91 -17.21
N GLY A 446 -15.85 -25.85 -17.82
CA GLY A 446 -16.93 -25.08 -17.23
C GLY A 446 -17.90 -24.67 -18.31
N ALA A 447 -19.17 -24.58 -17.94
CA ALA A 447 -20.21 -24.21 -18.89
C ALA A 447 -21.28 -23.40 -18.18
N ALA A 448 -21.92 -22.50 -18.92
CA ALA A 448 -22.97 -21.66 -18.38
C ALA A 448 -24.12 -21.58 -19.36
N ASN A 449 -25.30 -21.26 -18.83
CA ASN A 449 -26.52 -21.09 -19.62
C ASN A 449 -26.79 -19.59 -19.73
N ARG A 450 -26.83 -19.08 -20.97
CA ARG A 450 -26.83 -17.64 -21.16
C ARG A 450 -28.17 -17.03 -20.75
N GLU A 451 -29.28 -17.71 -21.03
CA GLU A 451 -30.57 -17.21 -20.59
C GLU A 451 -30.77 -17.37 -19.09
N THR A 452 -30.20 -18.42 -18.51
CA THR A 452 -30.43 -18.77 -17.11
C THR A 452 -29.50 -18.05 -16.13
N LYS A 453 -28.28 -17.71 -16.56
CA LYS A 453 -27.22 -17.14 -15.74
C LYS A 453 -26.62 -18.15 -14.78
N LEU A 454 -27.00 -19.42 -14.87
CA LEU A 454 -26.43 -20.47 -14.04
C LEU A 454 -25.38 -21.24 -14.83
N GLY A 455 -24.40 -21.78 -14.09
CA GLY A 455 -23.31 -22.52 -14.70
C GLY A 455 -22.73 -23.51 -13.73
N LYS A 456 -21.71 -24.24 -14.20
CA LYS A 456 -21.01 -25.22 -13.39
C LYS A 456 -19.55 -25.27 -13.86
N ALA A 457 -18.67 -25.59 -12.92
CA ALA A 457 -17.24 -25.75 -13.23
C ALA A 457 -16.70 -26.98 -12.51
N GLY A 458 -15.95 -27.80 -13.23
CA GLY A 458 -15.45 -29.02 -12.61
C GLY A 458 -14.28 -29.60 -13.36
N TYR A 459 -13.76 -30.70 -12.81
CA TYR A 459 -12.62 -31.39 -13.39
C TYR A 459 -12.73 -32.89 -13.15
N VAL A 460 -11.99 -33.62 -13.97
CA VAL A 460 -11.75 -35.06 -13.82
C VAL A 460 -10.24 -35.27 -13.93
N THR A 461 -9.67 -36.13 -13.09
CA THR A 461 -8.23 -36.33 -13.12
C THR A 461 -7.86 -37.78 -13.39
N ASP A 462 -6.62 -37.97 -13.88
CA ASP A 462 -6.11 -39.28 -14.20
C ASP A 462 -5.86 -40.14 -12.96
N ARG A 463 -5.83 -39.52 -11.78
CA ARG A 463 -5.71 -40.26 -10.53
C ARG A 463 -7.06 -40.56 -9.90
N GLY A 464 -8.15 -40.34 -10.62
CA GLY A 464 -9.47 -40.71 -10.15
C GLY A 464 -10.25 -39.63 -9.43
N ARG A 465 -9.70 -38.42 -9.32
CA ARG A 465 -10.37 -37.35 -8.61
C ARG A 465 -11.30 -36.59 -9.56
N GLN A 466 -12.44 -36.17 -9.03
CA GLN A 466 -13.45 -35.46 -9.83
C GLN A 466 -14.15 -34.44 -8.95
N LYS A 467 -14.61 -33.35 -9.56
CA LYS A 467 -15.29 -32.32 -8.78
C LYS A 467 -16.18 -31.47 -9.69
N VAL A 468 -17.33 -31.06 -9.14
CA VAL A 468 -18.27 -30.16 -9.83
C VAL A 468 -18.78 -29.16 -8.82
N VAL A 469 -18.72 -27.87 -9.18
CA VAL A 469 -19.15 -26.77 -8.34
C VAL A 469 -20.21 -25.97 -9.09
N PRO A 470 -21.36 -25.69 -8.50
CA PRO A 470 -22.34 -24.82 -9.15
C PRO A 470 -21.97 -23.35 -9.03
N LEU A 471 -22.43 -22.58 -10.01
CA LEU A 471 -22.11 -21.16 -10.13
C LEU A 471 -23.37 -20.40 -10.50
N THR A 472 -23.58 -19.25 -9.86
CA THR A 472 -24.72 -18.39 -10.10
C THR A 472 -24.26 -17.03 -10.59
N ASP A 473 -25.08 -16.43 -11.46
CA ASP A 473 -24.81 -15.09 -12.00
C ASP A 473 -23.44 -15.05 -12.69
N THR A 474 -23.23 -15.97 -13.62
CA THR A 474 -21.93 -16.11 -14.27
C THR A 474 -22.07 -16.07 -15.79
N THR A 475 -20.97 -16.33 -16.50
CA THR A 475 -20.93 -16.39 -17.95
C THR A 475 -20.17 -17.64 -18.37
N ASN A 476 -20.08 -17.85 -19.69
CA ASN A 476 -19.34 -18.99 -20.22
C ASN A 476 -17.86 -18.89 -19.87
N GLN A 477 -17.23 -17.78 -20.27
CA GLN A 477 -15.81 -17.58 -20.02
C GLN A 477 -15.50 -17.61 -18.54
N LYS A 478 -16.40 -17.06 -17.71
CA LYS A 478 -16.18 -17.09 -16.27
C LYS A 478 -16.21 -18.51 -15.72
N THR A 479 -17.09 -19.36 -16.25
CA THR A 479 -17.10 -20.75 -15.80
C THR A 479 -15.83 -21.47 -16.22
N GLU A 480 -15.28 -21.14 -17.40
CA GLU A 480 -14.03 -21.78 -17.80
C GLU A 480 -12.88 -21.36 -16.89
N LEU A 481 -12.73 -20.04 -16.68
CA LEU A 481 -11.73 -19.55 -15.72
C LEU A 481 -11.94 -20.19 -14.35
N GLN A 482 -13.20 -20.42 -13.98
CA GLN A 482 -13.50 -21.01 -12.69
C GLN A 482 -13.02 -22.46 -12.62
N ALA A 483 -13.18 -23.21 -13.71
CA ALA A 483 -12.66 -24.58 -13.75
C ALA A 483 -11.16 -24.60 -13.58
N ILE A 484 -10.45 -23.70 -14.28
CA ILE A 484 -9.00 -23.62 -14.09
C ILE A 484 -8.67 -23.27 -12.64
N HIS A 485 -9.46 -22.36 -12.05
CA HIS A 485 -9.27 -22.00 -10.65
C HIS A 485 -9.40 -23.21 -9.73
N LEU A 486 -10.41 -24.06 -9.97
CA LEU A 486 -10.59 -25.26 -9.18
C LEU A 486 -9.39 -26.19 -9.31
N ALA A 487 -8.95 -26.44 -10.55
CA ALA A 487 -7.82 -27.34 -10.77
C ALA A 487 -6.58 -26.84 -10.03
N LEU A 488 -6.27 -25.55 -10.17
CA LEU A 488 -5.12 -25.00 -9.45
C LEU A 488 -5.31 -25.07 -7.95
N GLN A 489 -6.56 -24.99 -7.47
CA GLN A 489 -6.81 -25.01 -6.04
C GLN A 489 -6.57 -26.39 -5.45
N ASP A 490 -7.02 -27.44 -6.13
CA ASP A 490 -6.99 -28.79 -5.57
C ASP A 490 -5.76 -29.59 -5.96
N SER A 491 -4.83 -29.02 -6.73
CA SER A 491 -3.65 -29.73 -7.17
C SER A 491 -2.44 -29.39 -6.29
N GLY A 492 -1.38 -30.17 -6.46
CA GLY A 492 -0.16 -29.96 -5.73
C GLY A 492 0.72 -28.90 -6.36
N LEU A 493 2.00 -28.91 -5.98
CA LEU A 493 2.94 -27.92 -6.48
C LEU A 493 3.17 -28.05 -7.98
N GLU A 494 3.01 -29.25 -8.52
CA GLU A 494 3.17 -29.51 -9.95
C GLU A 494 1.90 -30.13 -10.49
N VAL A 495 1.44 -29.65 -11.65
CA VAL A 495 0.16 -30.05 -12.20
C VAL A 495 0.16 -29.85 -13.71
N ASN A 496 -0.45 -30.78 -14.42
CA ASN A 496 -0.80 -30.63 -15.82
C ASN A 496 -2.29 -30.33 -15.93
N ILE A 497 -2.66 -29.38 -16.79
CA ILE A 497 -4.05 -28.95 -16.92
C ILE A 497 -4.41 -28.92 -18.41
N VAL A 498 -5.60 -29.43 -18.73
CA VAL A 498 -6.11 -29.52 -20.09
C VAL A 498 -7.47 -28.84 -20.11
N THR A 499 -7.61 -27.81 -20.95
CA THR A 499 -8.85 -27.07 -21.10
C THR A 499 -9.23 -27.00 -22.57
N ASP A 500 -10.47 -26.61 -22.83
CA ASP A 500 -10.92 -26.31 -24.18
C ASP A 500 -11.21 -24.83 -24.38
N SER A 501 -10.84 -23.99 -23.41
CA SER A 501 -11.13 -22.56 -23.47
C SER A 501 -9.93 -21.85 -24.10
N GLN A 502 -10.01 -21.63 -25.41
CA GLN A 502 -9.05 -20.78 -26.11
C GLN A 502 -8.94 -19.42 -25.44
N TYR A 503 -10.04 -18.93 -24.86
CA TYR A 503 -10.05 -17.64 -24.19
C TYR A 503 -9.17 -17.67 -22.94
N ALA A 504 -9.44 -18.63 -22.04
CA ALA A 504 -8.67 -18.72 -20.80
C ALA A 504 -7.21 -19.05 -21.08
N LEU A 505 -6.95 -20.00 -21.98
CA LEU A 505 -5.57 -20.26 -22.39
C LEU A 505 -4.92 -18.99 -22.91
N GLY A 506 -5.67 -18.18 -23.65
CA GLY A 506 -5.12 -16.94 -24.17
C GLY A 506 -4.71 -15.97 -23.08
N ILE A 507 -5.56 -15.81 -22.07
CA ILE A 507 -5.21 -14.91 -20.98
C ILE A 507 -4.02 -15.44 -20.20
N ILE A 508 -4.10 -16.69 -19.75
CA ILE A 508 -3.08 -17.22 -18.84
C ILE A 508 -1.73 -17.33 -19.53
N GLN A 509 -1.71 -17.71 -20.81
CA GLN A 509 -0.45 -17.92 -21.49
C GLN A 509 0.34 -16.63 -21.68
N ALA A 510 -0.30 -15.47 -21.56
CA ALA A 510 0.39 -14.19 -21.60
C ALA A 510 1.08 -13.84 -20.29
N GLN A 511 1.04 -14.73 -19.30
CA GLN A 511 1.68 -14.54 -18.00
C GLN A 511 1.32 -13.22 -17.33
N PRO A 512 0.04 -12.92 -17.12
CA PRO A 512 -0.32 -11.68 -16.43
C PRO A 512 -0.03 -11.78 -14.95
N ASP A 513 0.39 -10.65 -14.35
CA ASP A 513 0.58 -10.58 -12.92
C ASP A 513 -0.41 -9.65 -12.24
N LYS A 514 -1.34 -9.07 -12.99
CA LYS A 514 -2.37 -8.20 -12.43
C LYS A 514 -3.54 -8.17 -13.40
N SER A 515 -4.72 -7.83 -12.86
CA SER A 515 -5.93 -7.88 -13.65
C SER A 515 -7.01 -7.05 -12.95
N GLU A 516 -7.89 -6.46 -13.77
CA GLU A 516 -9.08 -5.81 -13.24
C GLU A 516 -10.14 -6.81 -12.78
N SER A 517 -9.92 -8.09 -13.03
CA SER A 517 -10.86 -9.15 -12.65
C SER A 517 -10.39 -9.82 -11.37
N GLU A 518 -11.30 -9.96 -10.41
CA GLU A 518 -10.97 -10.66 -9.16
C GLU A 518 -10.63 -12.12 -9.43
N LEU A 519 -11.39 -12.77 -10.32
CA LEU A 519 -11.16 -14.19 -10.61
C LEU A 519 -9.79 -14.41 -11.23
N VAL A 520 -9.46 -13.62 -12.26
CA VAL A 520 -8.15 -13.73 -12.89
C VAL A 520 -7.05 -13.43 -11.88
N SER A 521 -7.30 -12.49 -10.97
CA SER A 521 -6.33 -12.18 -9.93
C SER A 521 -6.08 -13.39 -9.03
N GLN A 522 -7.15 -14.09 -8.64
CA GLN A 522 -7.00 -15.29 -7.83
C GLN A 522 -6.21 -16.35 -8.59
N ILE A 523 -6.52 -16.55 -9.87
CA ILE A 523 -5.77 -17.51 -10.68
C ILE A 523 -4.29 -17.15 -10.72
N ILE A 524 -3.99 -15.86 -10.85
CA ILE A 524 -2.59 -15.41 -10.88
C ILE A 524 -1.92 -15.74 -9.55
N GLU A 525 -2.60 -15.46 -8.44
CA GLU A 525 -2.10 -15.85 -7.12
C GLU A 525 -1.71 -17.33 -7.09
N GLN A 526 -2.65 -18.19 -7.48
CA GLN A 526 -2.40 -19.63 -7.47
C GLN A 526 -1.24 -20.03 -8.36
N LEU A 527 -1.13 -19.41 -9.54
CA LEU A 527 -0.04 -19.73 -10.46
C LEU A 527 1.31 -19.34 -9.86
N ILE A 528 1.37 -18.16 -9.22
CA ILE A 528 2.61 -17.73 -8.58
C ILE A 528 3.00 -18.69 -7.46
N LYS A 529 2.02 -19.26 -6.76
CA LYS A 529 2.38 -20.19 -5.69
C LYS A 529 2.78 -21.57 -6.19
N LYS A 530 2.44 -21.93 -7.42
CA LYS A 530 2.81 -23.26 -7.93
C LYS A 530 4.31 -23.35 -8.19
N GLU A 531 4.78 -24.58 -8.41
CA GLU A 531 6.17 -24.84 -8.77
C GLU A 531 6.35 -25.07 -10.27
N LYS A 532 5.54 -25.96 -10.86
CA LYS A 532 5.53 -26.21 -12.29
C LYS A 532 4.09 -26.39 -12.74
N VAL A 533 3.74 -25.77 -13.86
CA VAL A 533 2.39 -25.88 -14.41
C VAL A 533 2.49 -26.02 -15.93
N TYR A 534 1.93 -27.10 -16.47
CA TYR A 534 1.77 -27.29 -17.90
C TYR A 534 0.30 -27.16 -18.24
N LEU A 535 -0.02 -26.24 -19.15
CA LEU A 535 -1.40 -25.98 -19.56
C LEU A 535 -1.54 -26.25 -21.05
N ALA A 536 -2.51 -27.10 -21.40
CA ALA A 536 -2.71 -27.53 -22.78
C ALA A 536 -4.17 -27.36 -23.19
N TRP A 537 -4.38 -27.29 -24.49
CA TRP A 537 -5.70 -27.06 -25.06
C TRP A 537 -6.12 -28.21 -25.96
N VAL A 538 -7.41 -28.52 -25.96
CA VAL A 538 -8.00 -29.47 -26.89
C VAL A 538 -9.32 -28.91 -27.39
N PRO A 539 -9.70 -29.27 -28.62
CA PRO A 539 -11.01 -28.85 -29.13
C PRO A 539 -12.14 -29.55 -28.39
N ALA A 540 -13.23 -28.81 -28.18
CA ALA A 540 -14.34 -29.29 -27.40
C ALA A 540 -15.32 -30.10 -28.25
N HIS A 541 -16.13 -30.91 -27.57
CA HIS A 541 -17.24 -31.66 -28.16
C HIS A 541 -16.78 -32.66 -29.21
N LYS A 542 -15.52 -33.06 -29.18
CA LYS A 542 -14.99 -34.07 -30.10
C LYS A 542 -14.71 -35.40 -29.41
N GLY A 543 -15.23 -35.58 -28.20
CA GLY A 543 -15.06 -36.82 -27.46
C GLY A 543 -13.61 -37.23 -27.26
N ILE A 544 -12.80 -36.32 -26.74
CA ILE A 544 -11.36 -36.51 -26.61
C ILE A 544 -11.03 -36.82 -25.16
N GLY A 545 -10.23 -37.87 -24.93
CA GLY A 545 -9.65 -38.21 -23.66
C GLY A 545 -10.46 -37.93 -22.42
N GLY A 546 -9.84 -37.29 -21.43
CA GLY A 546 -10.57 -36.86 -20.25
C GLY A 546 -11.46 -35.65 -20.48
N ASN A 547 -11.22 -34.91 -21.56
CA ASN A 547 -12.08 -33.77 -21.88
C ASN A 547 -13.53 -34.20 -22.06
N GLU A 548 -13.75 -35.35 -22.71
CA GLU A 548 -15.11 -35.86 -22.86
C GLU A 548 -15.70 -36.26 -21.51
N GLN A 549 -14.88 -36.83 -20.62
CA GLN A 549 -15.39 -37.23 -19.31
C GLN A 549 -15.78 -36.03 -18.47
N VAL A 550 -14.96 -34.98 -18.46
CA VAL A 550 -15.29 -33.81 -17.64
C VAL A 550 -16.45 -33.03 -18.27
N ASP A 551 -16.47 -32.94 -19.61
CA ASP A 551 -17.60 -32.27 -20.26
C ASP A 551 -18.90 -33.01 -20.00
N LYS A 552 -18.84 -34.35 -19.97
CA LYS A 552 -20.01 -35.13 -19.59
C LYS A 552 -20.38 -34.90 -18.13
N LEU A 553 -19.37 -34.73 -17.27
CA LEU A 553 -19.64 -34.57 -15.85
C LEU A 553 -20.31 -33.24 -15.54
N VAL A 554 -19.85 -32.15 -16.18
CA VAL A 554 -20.46 -30.85 -15.96
C VAL A 554 -21.91 -30.84 -16.44
N SER A 555 -22.21 -31.60 -17.48
CA SER A 555 -23.57 -31.68 -18.00
C SER A 555 -24.29 -32.91 -17.45
N PRO B 20 3.03 23.00 -68.31
CA PRO B 20 2.32 23.62 -69.44
C PRO B 20 1.37 22.65 -70.14
N ILE B 21 0.85 21.68 -69.40
CA ILE B 21 -0.13 20.73 -69.91
C ILE B 21 -1.44 20.94 -69.18
N GLU B 22 -2.54 20.60 -69.84
CA GLU B 22 -3.85 20.69 -69.20
C GLU B 22 -4.03 19.56 -68.19
N THR B 23 -4.55 19.90 -67.02
CA THR B 23 -4.70 18.93 -65.95
C THR B 23 -5.95 18.08 -66.15
N VAL B 24 -5.99 16.97 -65.43
CA VAL B 24 -7.11 16.03 -65.45
C VAL B 24 -8.01 16.34 -64.25
N PRO B 25 -9.31 16.56 -64.45
CA PRO B 25 -10.20 16.81 -63.31
C PRO B 25 -10.40 15.54 -62.48
N VAL B 26 -10.04 15.62 -61.21
CA VAL B 26 -10.17 14.50 -60.28
C VAL B 26 -10.96 14.96 -59.07
N LYS B 27 -11.68 14.02 -58.45
CA LYS B 27 -12.53 14.32 -57.31
C LYS B 27 -12.48 13.16 -56.32
N LEU B 28 -12.94 13.43 -55.11
CA LEU B 28 -13.04 12.39 -54.10
C LEU B 28 -14.30 11.55 -54.33
N LYS B 29 -14.33 10.39 -53.69
CA LYS B 29 -15.50 9.53 -53.76
C LYS B 29 -16.71 10.24 -53.13
N PRO B 30 -17.91 9.97 -53.63
CA PRO B 30 -19.08 10.74 -53.18
C PRO B 30 -19.31 10.64 -51.68
N GLY B 31 -19.56 11.79 -51.06
CA GLY B 31 -19.81 11.84 -49.63
C GLY B 31 -18.59 11.68 -48.75
N MET B 32 -17.39 11.77 -49.32
CA MET B 32 -16.15 11.62 -48.57
C MET B 32 -15.38 12.94 -48.59
N ASP B 33 -14.73 13.24 -47.47
CA ASP B 33 -13.92 14.44 -47.33
C ASP B 33 -12.45 14.07 -47.32
N GLY B 34 -11.59 15.08 -47.47
CA GLY B 34 -10.16 14.89 -47.53
C GLY B 34 -9.58 14.35 -46.24
N PRO B 35 -8.31 13.93 -46.29
CA PRO B 35 -7.69 13.34 -45.10
C PRO B 35 -7.38 14.39 -44.05
N LYS B 36 -7.53 14.00 -42.77
CA LYS B 36 -7.24 14.86 -41.63
C LYS B 36 -6.48 14.03 -40.60
N VAL B 37 -5.23 13.70 -40.92
CA VAL B 37 -4.40 12.80 -40.11
C VAL B 37 -3.26 13.61 -39.51
N LYS B 38 -3.03 13.41 -38.21
CA LYS B 38 -2.04 14.19 -37.48
C LYS B 38 -0.62 13.74 -37.80
N GLN B 39 0.31 14.69 -37.71
CA GLN B 39 1.72 14.40 -37.90
C GLN B 39 2.31 13.84 -36.60
N TRP B 40 3.05 12.73 -36.72
CA TRP B 40 3.70 12.13 -35.57
C TRP B 40 5.11 12.68 -35.41
N PRO B 41 5.71 12.52 -34.21
CA PRO B 41 7.04 13.10 -33.99
C PRO B 41 8.09 12.47 -34.88
N LEU B 42 9.10 13.27 -35.23
CA LEU B 42 10.19 12.86 -36.09
C LEU B 42 11.53 13.18 -35.45
N THR B 43 12.52 12.32 -35.70
CA THR B 43 13.86 12.55 -35.20
C THR B 43 14.50 13.75 -35.90
N GLU B 44 15.64 14.18 -35.38
CA GLU B 44 16.32 15.35 -35.92
C GLU B 44 16.72 15.14 -37.38
N GLU B 45 17.34 13.99 -37.68
CA GLU B 45 17.84 13.75 -39.03
C GLU B 45 16.71 13.72 -40.04
N LYS B 46 15.59 13.10 -39.69
CA LYS B 46 14.45 13.04 -40.60
C LYS B 46 13.87 14.43 -40.84
N ILE B 47 13.79 15.25 -39.78
CA ILE B 47 13.26 16.61 -39.93
C ILE B 47 14.18 17.44 -40.83
N LYS B 48 15.49 17.37 -40.60
CA LYS B 48 16.43 18.12 -41.42
C LYS B 48 16.33 17.69 -42.89
N ALA B 49 16.32 16.36 -43.13
CA ALA B 49 16.18 15.87 -44.49
C ALA B 49 14.91 16.40 -45.15
N LEU B 50 13.78 16.34 -44.42
CA LEU B 50 12.53 16.83 -44.99
C LEU B 50 12.59 18.33 -45.26
N VAL B 51 13.30 19.08 -44.42
CA VAL B 51 13.39 20.52 -44.62
C VAL B 51 14.16 20.84 -45.89
N GLU B 52 15.30 20.16 -46.11
CA GLU B 52 16.05 20.44 -47.33
C GLU B 52 15.30 19.96 -48.57
N ILE B 53 14.68 18.78 -48.50
CA ILE B 53 13.95 18.24 -49.65
C ILE B 53 12.79 19.15 -50.02
N CYS B 54 11.99 19.55 -49.02
CA CYS B 54 10.84 20.40 -49.28
C CYS B 54 11.24 21.81 -49.67
N THR B 55 12.39 22.29 -49.18
CA THR B 55 12.88 23.59 -49.64
C THR B 55 13.22 23.53 -51.13
N GLU B 56 13.95 22.51 -51.55
CA GLU B 56 14.29 22.38 -52.96
C GLU B 56 13.04 22.19 -53.82
N MET B 57 12.10 21.36 -53.34
CA MET B 57 10.85 21.17 -54.09
C MET B 57 10.05 22.47 -54.18
N GLU B 58 10.12 23.31 -53.14
CA GLU B 58 9.41 24.57 -53.14
C GLU B 58 10.02 25.54 -54.16
N LYS B 59 11.35 25.60 -54.21
CA LYS B 59 12.00 26.45 -55.21
C LYS B 59 11.69 25.98 -56.63
N GLU B 60 11.54 24.67 -56.82
CA GLU B 60 11.25 24.11 -58.14
C GLU B 60 9.76 24.11 -58.47
N GLY B 61 8.93 24.71 -57.62
CA GLY B 61 7.51 24.83 -57.86
C GLY B 61 6.69 23.57 -57.69
N LYS B 62 7.30 22.48 -57.21
CA LYS B 62 6.55 21.22 -57.07
C LYS B 62 5.59 21.28 -55.90
N ILE B 63 5.90 22.07 -54.87
CA ILE B 63 5.02 22.26 -53.72
C ILE B 63 4.93 23.75 -53.42
N SER B 64 3.90 24.12 -52.67
CA SER B 64 3.65 25.50 -52.29
C SER B 64 3.35 25.56 -50.79
N LYS B 65 3.83 26.63 -50.15
CA LYS B 65 3.51 26.85 -48.75
C LYS B 65 2.05 27.29 -48.60
N ILE B 66 1.38 26.76 -47.58
CA ILE B 66 -0.02 27.03 -47.34
C ILE B 66 -0.22 27.37 -45.88
N GLY B 67 -1.39 27.95 -45.58
CA GLY B 67 -1.73 28.34 -44.23
C GLY B 67 -2.64 27.33 -43.56
N PRO B 68 -3.22 27.72 -42.42
CA PRO B 68 -4.11 26.82 -41.68
C PRO B 68 -5.55 26.81 -42.15
N GLU B 69 -5.95 27.72 -43.05
CA GLU B 69 -7.29 27.67 -43.62
C GLU B 69 -7.49 26.44 -44.51
N ASN B 70 -6.42 25.70 -44.82
CA ASN B 70 -6.54 24.38 -45.40
C ASN B 70 -6.75 23.37 -44.27
N PRO B 71 -7.89 22.72 -44.19
CA PRO B 71 -8.17 21.85 -43.04
C PRO B 71 -7.70 20.41 -43.16
N TYR B 72 -6.90 20.07 -44.16
CA TYR B 72 -6.49 18.70 -44.43
C TYR B 72 -5.02 18.51 -44.08
N ASN B 73 -4.65 17.26 -43.80
CA ASN B 73 -3.27 16.95 -43.50
C ASN B 73 -3.04 15.45 -43.66
N THR B 74 -1.80 15.10 -43.98
CA THR B 74 -1.34 13.75 -44.19
C THR B 74 0.06 13.64 -43.58
N PRO B 75 0.34 12.57 -42.83
CA PRO B 75 1.65 12.46 -42.19
C PRO B 75 2.76 12.29 -43.22
N VAL B 76 3.94 12.80 -42.87
CA VAL B 76 5.12 12.74 -43.72
C VAL B 76 6.29 12.28 -42.87
N PHE B 77 7.18 11.48 -43.47
CA PHE B 77 8.43 11.10 -42.83
C PHE B 77 9.45 10.81 -43.92
N ALA B 78 10.57 10.21 -43.54
CA ALA B 78 11.66 9.97 -44.48
C ALA B 78 12.30 8.62 -44.18
N ILE B 79 12.81 7.99 -45.24
CA ILE B 79 13.48 6.70 -45.12
C ILE B 79 14.85 6.79 -45.79
N LYS B 80 15.68 5.78 -45.54
CA LYS B 80 17.03 5.73 -46.08
C LYS B 80 17.33 4.28 -46.47
N LYS B 81 17.25 3.98 -47.76
CA LYS B 81 17.64 2.66 -48.23
C LYS B 81 19.10 2.38 -47.90
N LYS B 82 19.39 1.12 -47.56
CA LYS B 82 20.74 0.78 -47.15
C LYS B 82 21.74 0.94 -48.30
N ASP B 83 21.33 0.60 -49.51
CA ASP B 83 22.21 0.70 -50.68
C ASP B 83 22.20 2.08 -51.31
N SER B 84 21.38 3.00 -50.82
CA SER B 84 21.33 4.38 -51.31
C SER B 84 21.26 5.30 -50.09
N THR B 85 22.40 5.82 -49.67
CA THR B 85 22.51 6.58 -48.43
C THR B 85 21.85 7.98 -48.51
N LYS B 86 21.11 8.30 -49.57
CA LYS B 86 20.39 9.56 -49.64
C LYS B 86 18.97 9.39 -49.10
N TRP B 87 18.51 10.39 -48.36
CA TRP B 87 17.17 10.34 -47.79
C TRP B 87 16.10 10.41 -48.87
N ARG B 88 15.01 9.71 -48.62
CA ARG B 88 13.86 9.68 -49.53
C ARG B 88 12.61 10.08 -48.74
N LYS B 89 11.93 11.12 -49.20
CA LYS B 89 10.72 11.58 -48.54
C LYS B 89 9.55 10.65 -48.85
N LEU B 90 8.77 10.35 -47.82
CA LEU B 90 7.64 9.44 -47.92
C LEU B 90 6.43 10.06 -47.24
N VAL B 91 5.38 10.31 -48.03
CA VAL B 91 4.11 10.84 -47.53
C VAL B 91 3.12 9.69 -47.48
N ASP B 92 2.46 9.53 -46.33
CA ASP B 92 1.57 8.39 -46.10
C ASP B 92 0.17 8.74 -46.59
N PHE B 93 -0.01 8.66 -47.90
CA PHE B 93 -1.27 9.01 -48.56
C PHE B 93 -2.29 7.88 -48.55
N ARG B 94 -2.20 6.92 -47.60
CA ARG B 94 -3.14 5.80 -47.60
C ARG B 94 -4.57 6.27 -47.45
N GLU B 95 -4.82 7.21 -46.53
CA GLU B 95 -6.17 7.73 -46.34
C GLU B 95 -6.67 8.46 -47.58
N LEU B 96 -5.83 9.35 -48.13
CA LEU B 96 -6.20 10.08 -49.34
C LEU B 96 -6.49 9.12 -50.49
N ASN B 97 -5.66 8.08 -50.64
CA ASN B 97 -5.91 7.10 -51.71
C ASN B 97 -7.22 6.37 -51.48
N LYS B 98 -7.53 6.05 -50.22
CA LYS B 98 -8.81 5.41 -49.94
C LYS B 98 -9.99 6.32 -50.25
N ARG B 99 -9.80 7.64 -50.15
CA ARG B 99 -10.88 8.57 -50.44
C ARG B 99 -10.87 9.08 -51.88
N THR B 100 -9.84 8.77 -52.65
CA THR B 100 -9.76 9.22 -54.03
C THR B 100 -10.63 8.36 -54.94
N GLN B 101 -11.22 9.00 -55.95
CA GLN B 101 -12.01 8.29 -56.95
C GLN B 101 -11.23 7.14 -57.56
N ASP B 102 -11.96 6.11 -57.99
CA ASP B 102 -11.33 5.04 -58.74
C ASP B 102 -11.10 5.47 -60.19
N PHE B 103 -10.14 4.83 -60.83
CA PHE B 103 -9.76 5.17 -62.20
C PHE B 103 -10.05 4.04 -63.19
N TRP B 104 -10.68 2.95 -62.73
CA TRP B 104 -11.20 1.97 -63.67
C TRP B 104 -12.46 2.46 -64.38
N GLU B 105 -13.01 3.60 -63.96
CA GLU B 105 -14.09 4.27 -64.66
C GLU B 105 -13.56 5.22 -65.73
N VAL B 106 -12.44 5.89 -65.45
CA VAL B 106 -11.74 6.69 -66.46
C VAL B 106 -10.84 5.82 -67.33
N GLN B 107 -10.86 4.50 -67.13
CA GLN B 107 -10.13 3.53 -67.95
C GLN B 107 -8.61 3.69 -67.83
N LEU B 108 -8.14 4.33 -66.77
CA LEU B 108 -6.71 4.59 -66.60
C LEU B 108 -6.05 3.58 -65.67
N GLY B 109 -6.60 2.37 -65.55
CA GLY B 109 -6.00 1.36 -64.70
C GLY B 109 -4.83 0.66 -65.35
N ILE B 110 -4.06 -0.06 -64.53
CA ILE B 110 -2.85 -0.75 -64.95
C ILE B 110 -3.12 -2.25 -64.93
N PRO B 111 -3.01 -2.93 -66.08
CA PRO B 111 -3.11 -4.40 -66.06
C PRO B 111 -1.82 -5.04 -65.59
N HIS B 112 -1.95 -6.11 -64.81
CA HIS B 112 -0.80 -6.80 -64.25
C HIS B 112 -0.43 -8.00 -65.11
N PRO B 113 0.85 -8.17 -65.48
CA PRO B 113 1.23 -9.30 -66.32
C PRO B 113 1.55 -10.55 -65.52
N ALA B 114 1.00 -11.69 -65.95
CA ALA B 114 1.20 -12.94 -65.23
C ALA B 114 2.61 -13.50 -65.39
N GLY B 115 3.42 -12.94 -66.30
CA GLY B 115 4.75 -13.46 -66.51
C GLY B 115 5.81 -12.95 -65.56
N LEU B 116 5.48 -11.98 -64.70
CA LEU B 116 6.48 -11.41 -63.82
C LEU B 116 6.98 -12.42 -62.80
N LYS B 117 6.06 -13.20 -62.22
CA LYS B 117 6.44 -14.14 -61.16
C LYS B 117 7.22 -15.33 -61.66
N GLN B 118 7.27 -15.57 -62.98
CA GLN B 118 8.05 -16.67 -63.53
C GLN B 118 9.50 -16.28 -63.82
N LYS B 119 9.81 -14.99 -63.81
CA LYS B 119 11.15 -14.54 -64.18
C LYS B 119 12.16 -14.94 -63.12
N LYS B 120 13.41 -15.09 -63.56
CA LYS B 120 14.47 -15.55 -62.66
C LYS B 120 14.89 -14.47 -61.69
N SER B 121 14.90 -13.20 -62.13
CA SER B 121 15.29 -12.09 -61.27
C SER B 121 14.38 -10.90 -61.56
N VAL B 122 14.03 -10.18 -60.49
CA VAL B 122 13.13 -9.02 -60.58
C VAL B 122 13.74 -7.88 -59.78
N THR B 123 14.10 -6.79 -60.46
CA THR B 123 14.68 -5.63 -59.82
C THR B 123 13.63 -4.53 -59.68
N VAL B 124 13.58 -3.90 -58.52
CA VAL B 124 12.64 -2.83 -58.23
C VAL B 124 13.35 -1.49 -58.43
N LEU B 125 12.65 -0.54 -59.06
CA LEU B 125 13.20 0.78 -59.32
C LEU B 125 12.21 1.85 -58.90
N ASP B 126 12.73 2.90 -58.27
CA ASP B 126 11.91 4.04 -57.83
C ASP B 126 11.88 5.08 -58.95
N VAL B 127 10.72 5.23 -59.58
CA VAL B 127 10.54 6.16 -60.69
C VAL B 127 9.57 7.29 -60.32
N GLY B 128 9.41 7.58 -59.03
CA GLY B 128 8.44 8.60 -58.62
C GLY B 128 8.74 9.98 -59.18
N ASP B 129 10.01 10.30 -59.40
CA ASP B 129 10.39 11.63 -59.86
C ASP B 129 9.73 11.99 -61.18
N ALA B 130 9.42 10.98 -62.02
CA ALA B 130 8.71 11.26 -63.26
C ALA B 130 7.41 12.00 -63.00
N TYR B 131 6.65 11.57 -61.98
CA TYR B 131 5.40 12.25 -61.66
C TYR B 131 5.58 13.75 -61.50
N PHE B 132 6.79 14.19 -61.14
CA PHE B 132 7.01 15.61 -60.92
C PHE B 132 7.03 16.43 -62.20
N SER B 133 6.64 15.89 -63.36
CA SER B 133 6.57 16.70 -64.58
C SER B 133 5.15 16.96 -65.06
N VAL B 134 4.13 16.59 -64.28
CA VAL B 134 2.74 16.72 -64.70
C VAL B 134 1.94 17.48 -63.66
N PRO B 135 1.34 18.62 -64.00
CA PRO B 135 0.61 19.40 -62.98
C PRO B 135 -0.64 18.67 -62.49
N LEU B 136 -1.06 19.04 -61.30
CA LEU B 136 -2.21 18.43 -60.62
C LEU B 136 -3.40 19.39 -60.65
N ASP B 137 -4.59 18.82 -60.71
CA ASP B 137 -5.83 19.60 -60.74
C ASP B 137 -5.85 20.64 -59.63
N LYS B 138 -6.17 21.88 -60.01
CA LYS B 138 -6.09 23.00 -59.08
C LYS B 138 -7.01 22.78 -57.87
N ASP B 139 -8.17 22.16 -58.09
CA ASP B 139 -9.16 22.00 -57.04
C ASP B 139 -8.94 20.74 -56.20
N PHE B 140 -7.91 19.95 -56.49
CA PHE B 140 -7.58 18.78 -55.69
C PHE B 140 -6.36 18.97 -54.81
N ARG B 141 -5.51 19.96 -55.14
CA ARG B 141 -4.23 20.13 -54.44
C ARG B 141 -4.40 20.29 -52.94
N LYS B 142 -5.49 20.93 -52.50
CA LYS B 142 -5.69 21.14 -51.07
C LYS B 142 -5.77 19.82 -50.30
N TYR B 143 -6.11 18.72 -50.96
CA TYR B 143 -6.18 17.44 -50.27
C TYR B 143 -4.81 16.82 -50.02
N THR B 144 -3.74 17.39 -50.57
CA THR B 144 -2.41 16.82 -50.44
C THR B 144 -1.55 17.51 -49.39
N ALA B 145 -2.15 18.31 -48.51
CA ALA B 145 -1.38 19.08 -47.55
C ALA B 145 -0.64 18.17 -46.56
N PHE B 146 0.53 18.63 -46.13
CA PHE B 146 1.27 17.94 -45.07
C PHE B 146 2.03 18.97 -44.26
N THR B 147 2.48 18.53 -43.08
CA THR B 147 3.06 19.42 -42.08
C THR B 147 4.38 18.86 -41.57
N ILE B 148 5.43 19.65 -41.65
CA ILE B 148 6.74 19.31 -41.09
C ILE B 148 6.78 19.79 -39.64
N PRO B 149 7.11 18.92 -38.70
CA PRO B 149 7.15 19.32 -37.28
C PRO B 149 8.46 20.02 -36.94
N SER B 150 8.58 20.37 -35.67
CA SER B 150 9.71 21.14 -35.16
C SER B 150 10.26 20.50 -33.89
N ILE B 151 11.59 20.41 -33.79
CA ILE B 151 12.22 19.85 -32.61
C ILE B 151 11.89 20.71 -31.40
N ASN B 152 11.38 20.08 -30.35
CA ASN B 152 10.97 20.75 -29.11
C ASN B 152 9.95 21.86 -29.36
N ASN B 153 9.21 21.76 -30.47
CA ASN B 153 8.14 22.71 -30.81
C ASN B 153 8.65 24.15 -30.76
N GLU B 154 9.86 24.36 -31.27
CA GLU B 154 10.42 25.71 -31.34
C GLU B 154 9.54 26.62 -32.19
N THR B 155 8.98 26.09 -33.27
CA THR B 155 8.09 26.81 -34.17
C THR B 155 6.83 25.97 -34.39
N PRO B 156 5.76 26.58 -34.89
CA PRO B 156 4.64 25.80 -35.40
C PRO B 156 5.07 24.97 -36.60
N GLY B 157 4.25 23.97 -36.94
CA GLY B 157 4.54 23.15 -38.09
C GLY B 157 4.50 23.93 -39.39
N ILE B 158 5.26 23.46 -40.37
CA ILE B 158 5.38 24.12 -41.66
C ILE B 158 4.55 23.33 -42.68
N ARG B 159 3.56 23.97 -43.28
CA ARG B 159 2.61 23.27 -44.14
C ARG B 159 2.88 23.49 -45.61
N TYR B 160 2.80 22.41 -46.39
CA TYR B 160 2.94 22.46 -47.84
C TYR B 160 1.79 21.71 -48.49
N GLN B 161 1.58 22.00 -49.77
CA GLN B 161 0.68 21.20 -50.60
C GLN B 161 1.31 21.04 -51.97
N TYR B 162 0.87 20.01 -52.69
CA TYR B 162 1.45 19.67 -53.98
C TYR B 162 0.79 20.44 -55.12
N ASN B 163 1.61 20.91 -56.05
CA ASN B 163 1.13 21.42 -57.33
C ASN B 163 1.25 20.40 -58.44
N VAL B 164 1.84 19.24 -58.14
CA VAL B 164 2.20 18.23 -59.12
C VAL B 164 1.65 16.90 -58.64
N LEU B 165 1.61 15.92 -59.55
CA LEU B 165 1.29 14.54 -59.21
C LEU B 165 2.21 14.08 -58.08
N PRO B 166 1.68 13.82 -56.89
CA PRO B 166 2.55 13.49 -55.76
C PRO B 166 3.00 12.04 -55.80
N GLN B 167 4.20 11.81 -55.25
CA GLN B 167 4.63 10.44 -55.00
C GLN B 167 3.73 9.81 -53.94
N GLY B 168 3.37 8.55 -54.17
CA GLY B 168 2.54 7.82 -53.24
C GLY B 168 1.05 8.00 -53.40
N TRP B 169 0.60 8.92 -54.27
CA TRP B 169 -0.81 9.10 -54.54
C TRP B 169 -1.24 8.14 -55.64
N LYS B 170 -2.37 7.46 -55.44
CA LYS B 170 -2.78 6.44 -56.39
C LYS B 170 -3.19 7.01 -57.74
N GLY B 171 -3.54 8.31 -57.79
CA GLY B 171 -3.92 8.92 -59.04
C GLY B 171 -2.75 9.24 -59.95
N SER B 172 -1.54 9.30 -59.38
CA SER B 172 -0.36 9.65 -60.20
C SER B 172 -0.04 8.58 -61.22
N PRO B 173 0.08 7.29 -60.88
CA PRO B 173 0.32 6.29 -61.93
C PRO B 173 -0.81 6.22 -62.95
N ALA B 174 -2.05 6.48 -62.54
CA ALA B 174 -3.17 6.44 -63.48
C ALA B 174 -3.10 7.58 -64.48
N ILE B 175 -2.82 8.80 -64.00
CA ILE B 175 -2.77 9.95 -64.90
C ILE B 175 -1.54 9.88 -65.79
N PHE B 176 -0.40 9.48 -65.24
CA PHE B 176 0.86 9.40 -65.97
C PHE B 176 0.98 8.15 -66.84
N GLN B 177 -0.08 7.33 -66.92
CA GLN B 177 0.02 6.03 -67.58
C GLN B 177 0.45 6.16 -69.04
N SER B 178 -0.27 6.98 -69.82
CA SER B 178 0.04 7.15 -71.23
C SER B 178 1.51 7.53 -71.44
N SER B 179 1.97 8.52 -70.68
CA SER B 179 3.38 8.90 -70.74
C SER B 179 4.29 7.72 -70.47
N MET B 180 4.05 7.00 -69.37
CA MET B 180 4.93 5.90 -69.00
C MET B 180 5.00 4.85 -70.11
N THR B 181 3.87 4.49 -70.70
CA THR B 181 3.90 3.54 -71.81
C THR B 181 4.70 4.10 -72.98
N LYS B 182 4.55 5.40 -73.26
CA LYS B 182 5.29 6.00 -74.37
C LYS B 182 6.79 5.99 -74.10
N ILE B 183 7.20 6.06 -72.83
CA ILE B 183 8.62 6.08 -72.51
C ILE B 183 9.19 4.66 -72.48
N LEU B 184 8.39 3.67 -72.13
CA LEU B 184 8.86 2.30 -72.05
C LEU B 184 8.73 1.54 -73.38
N GLU B 185 7.98 2.08 -74.34
CA GLU B 185 7.77 1.39 -75.62
C GLU B 185 9.07 0.98 -76.32
N PRO B 186 10.09 1.84 -76.45
CA PRO B 186 11.32 1.38 -77.13
C PRO B 186 12.04 0.28 -76.37
N PHE B 187 12.12 0.39 -75.04
CA PHE B 187 12.85 -0.61 -74.27
C PHE B 187 12.16 -1.97 -74.33
N ARG B 188 10.85 -2.00 -74.13
CA ARG B 188 10.11 -3.25 -74.26
C ARG B 188 10.07 -3.74 -75.69
N LYS B 189 10.27 -2.85 -76.67
CA LYS B 189 10.36 -3.29 -78.06
C LYS B 189 11.69 -3.99 -78.33
N GLN B 190 12.78 -3.46 -77.78
CA GLN B 190 14.08 -4.10 -77.92
C GLN B 190 14.24 -5.31 -77.02
N ASN B 191 13.33 -5.53 -76.07
CA ASN B 191 13.43 -6.65 -75.12
C ASN B 191 12.05 -7.21 -74.87
N PRO B 192 11.58 -8.10 -75.75
CA PRO B 192 10.22 -8.64 -75.60
C PRO B 192 10.07 -9.62 -74.44
N ASP B 193 11.16 -10.19 -73.94
CA ASP B 193 11.10 -11.21 -72.89
C ASP B 193 11.47 -10.67 -71.53
N ILE B 194 11.60 -9.35 -71.38
CA ILE B 194 11.72 -8.70 -70.08
C ILE B 194 10.37 -8.10 -69.75
N VAL B 195 9.94 -8.27 -68.49
CA VAL B 195 8.61 -7.84 -68.05
C VAL B 195 8.75 -6.62 -67.17
N ILE B 196 7.98 -5.57 -67.49
CA ILE B 196 7.91 -4.36 -66.69
C ILE B 196 6.50 -4.24 -66.13
N TYR B 197 6.39 -4.10 -64.81
CA TYR B 197 5.09 -3.86 -64.17
C TYR B 197 5.22 -2.67 -63.24
N GLN B 198 4.43 -1.63 -63.50
CA GLN B 198 4.41 -0.44 -62.67
C GLN B 198 3.42 -0.62 -61.53
N TYR B 199 3.90 -0.44 -60.29
CA TYR B 199 3.05 -0.42 -59.11
C TYR B 199 3.37 0.84 -58.33
N MET B 200 2.44 1.80 -58.33
CA MET B 200 2.57 3.08 -57.61
C MET B 200 3.81 3.78 -58.13
N ASP B 201 4.83 4.03 -57.32
CA ASP B 201 6.03 4.72 -57.77
C ASP B 201 7.12 3.78 -58.26
N ASP B 202 6.85 2.48 -58.32
CA ASP B 202 7.88 1.49 -58.57
C ASP B 202 7.70 0.81 -59.92
N LEU B 203 8.82 0.42 -60.51
CA LEU B 203 8.87 -0.46 -61.68
C LEU B 203 9.49 -1.78 -61.25
N TYR B 204 8.75 -2.87 -61.45
CA TYR B 204 9.26 -4.21 -61.19
C TYR B 204 9.68 -4.83 -62.53
N VAL B 205 10.96 -5.17 -62.64
CA VAL B 205 11.60 -5.51 -63.91
C VAL B 205 12.13 -6.93 -63.80
N GLY B 206 11.48 -7.86 -64.48
CA GLY B 206 11.81 -9.28 -64.41
C GLY B 206 12.44 -9.78 -65.69
N SER B 207 13.44 -10.66 -65.54
CA SER B 207 14.07 -11.32 -66.67
C SER B 207 14.55 -12.70 -66.23
N ASP B 208 14.83 -13.55 -67.22
CA ASP B 208 15.28 -14.92 -66.97
C ASP B 208 16.79 -15.09 -67.14
N LEU B 209 17.50 -14.06 -67.58
CA LEU B 209 18.90 -14.20 -67.94
C LEU B 209 19.79 -14.03 -66.71
N GLU B 210 21.11 -14.15 -66.94
CA GLU B 210 22.06 -14.29 -65.85
C GLU B 210 22.24 -12.96 -65.11
N ILE B 211 22.79 -13.06 -63.89
CA ILE B 211 22.83 -11.95 -62.94
C ILE B 211 23.49 -10.72 -63.55
N GLY B 212 24.70 -10.90 -64.09
CA GLY B 212 25.47 -9.74 -64.56
C GLY B 212 24.79 -9.00 -65.69
N GLN B 213 24.39 -9.71 -66.73
CA GLN B 213 23.71 -9.08 -67.84
C GLN B 213 22.34 -8.54 -67.42
N HIS B 214 21.73 -9.14 -66.40
CA HIS B 214 20.48 -8.59 -65.86
C HIS B 214 20.71 -7.20 -65.29
N ARG B 215 21.70 -7.07 -64.40
CA ARG B 215 22.03 -5.75 -63.85
C ARG B 215 22.46 -4.79 -64.94
N THR B 216 23.12 -5.29 -65.99
CA THR B 216 23.51 -4.43 -67.11
C THR B 216 22.29 -3.85 -67.82
N LYS B 217 21.34 -4.72 -68.19
CA LYS B 217 20.11 -4.24 -68.82
C LYS B 217 19.32 -3.32 -67.91
N ILE B 218 19.40 -3.54 -66.59
CA ILE B 218 18.80 -2.59 -65.65
C ILE B 218 19.47 -1.23 -65.76
N GLU B 219 20.80 -1.22 -65.90
CA GLU B 219 21.50 0.05 -66.09
C GLU B 219 21.03 0.75 -67.37
N GLU B 220 20.87 0.01 -68.46
CA GLU B 220 20.40 0.61 -69.70
C GLU B 220 19.00 1.18 -69.54
N LEU B 221 18.10 0.41 -68.90
CA LEU B 221 16.77 0.91 -68.58
C LEU B 221 16.85 2.23 -67.82
N ARG B 222 17.71 2.28 -66.79
CA ARG B 222 17.92 3.51 -66.04
C ARG B 222 18.30 4.66 -66.96
N GLN B 223 19.34 4.48 -67.77
CA GLN B 223 19.82 5.59 -68.59
C GLN B 223 18.76 6.05 -69.58
N HIS B 224 17.91 5.14 -70.06
CA HIS B 224 16.79 5.55 -70.90
C HIS B 224 15.82 6.45 -70.14
N LEU B 225 15.39 6.00 -68.95
CA LEU B 225 14.48 6.80 -68.13
C LEU B 225 15.12 8.15 -67.76
N LEU B 226 16.30 8.12 -67.14
CA LEU B 226 17.06 9.33 -66.86
C LEU B 226 17.14 10.25 -68.07
N ARG B 227 17.22 9.67 -69.27
CA ARG B 227 17.39 10.52 -70.45
C ARG B 227 16.09 11.21 -70.85
N TRP B 228 14.96 10.51 -70.81
CA TRP B 228 13.70 11.17 -71.13
C TRP B 228 13.39 12.27 -70.11
N GLY B 229 13.55 11.95 -68.82
CA GLY B 229 13.28 12.90 -67.76
C GLY B 229 14.21 12.75 -66.58
N GLY B 247 17.87 -0.86 -57.45
CA GLY B 247 18.63 -2.08 -57.69
C GLY B 247 18.36 -3.18 -56.69
N TYR B 248 17.11 -3.30 -56.26
CA TYR B 248 16.69 -4.31 -55.31
C TYR B 248 16.32 -5.57 -56.08
N GLU B 249 17.05 -6.66 -55.84
CA GLU B 249 17.00 -7.86 -56.66
C GLU B 249 16.27 -8.98 -55.92
N LEU B 250 15.20 -9.47 -56.54
CA LEU B 250 14.36 -10.54 -56.02
C LEU B 250 14.46 -11.75 -56.93
N HIS B 251 14.09 -12.91 -56.40
CA HIS B 251 14.10 -14.16 -57.14
C HIS B 251 12.82 -14.92 -56.82
N PRO B 252 11.77 -14.75 -57.63
CA PRO B 252 10.51 -15.44 -57.36
C PRO B 252 10.62 -16.96 -57.47
N ASP B 253 11.55 -17.46 -58.27
CA ASP B 253 11.74 -18.91 -58.39
C ASP B 253 12.14 -19.53 -57.05
N LYS B 254 12.73 -18.74 -56.17
CA LYS B 254 13.16 -19.23 -54.86
C LYS B 254 12.08 -19.12 -53.80
N TRP B 255 10.93 -18.54 -54.12
CA TRP B 255 9.81 -18.43 -53.18
C TRP B 255 9.08 -19.76 -53.14
N THR B 256 9.19 -20.47 -52.03
CA THR B 256 8.52 -21.75 -51.85
C THR B 256 7.35 -21.60 -50.88
N VAL B 257 6.45 -22.58 -50.94
CA VAL B 257 5.29 -22.62 -50.05
C VAL B 257 5.58 -23.62 -48.95
N GLN B 258 5.37 -23.21 -47.69
CA GLN B 258 5.62 -24.07 -46.55
C GLN B 258 4.32 -24.67 -46.08
N PRO B 259 4.07 -25.96 -46.28
CA PRO B 259 2.78 -26.56 -45.95
C PRO B 259 2.67 -26.95 -44.49
N ILE B 260 1.52 -27.49 -44.11
CA ILE B 260 1.29 -27.98 -42.76
C ILE B 260 2.00 -29.32 -42.60
N VAL B 261 2.91 -29.40 -41.64
CA VAL B 261 3.74 -30.58 -41.42
C VAL B 261 3.32 -31.25 -40.12
N LEU B 262 3.29 -32.58 -40.14
CA LEU B 262 3.03 -33.40 -38.96
C LEU B 262 4.33 -33.96 -38.40
N PRO B 263 4.49 -33.98 -37.08
CA PRO B 263 5.71 -34.54 -36.48
C PRO B 263 5.80 -36.04 -36.72
N GLU B 264 7.04 -36.54 -36.69
CA GLU B 264 7.33 -37.95 -36.96
C GLU B 264 8.12 -38.49 -35.77
N LYS B 265 7.50 -39.39 -35.01
CA LYS B 265 8.12 -40.02 -33.86
C LYS B 265 7.94 -41.53 -33.96
N ASP B 266 8.59 -42.26 -33.04
CA ASP B 266 8.41 -43.70 -32.91
C ASP B 266 7.49 -44.06 -31.74
N SER B 267 7.58 -43.33 -30.63
CA SER B 267 6.68 -43.50 -29.50
C SER B 267 5.93 -42.20 -29.29
N TRP B 268 4.64 -42.32 -28.93
CA TRP B 268 3.76 -41.18 -28.84
C TRP B 268 3.10 -41.13 -27.47
N THR B 269 3.11 -39.95 -26.86
CA THR B 269 2.44 -39.75 -25.59
C THR B 269 0.96 -39.41 -25.81
N VAL B 270 0.22 -39.32 -24.71
CA VAL B 270 -1.15 -38.82 -24.78
C VAL B 270 -1.15 -37.36 -25.22
N ASN B 271 -0.17 -36.59 -24.74
CA ASN B 271 -0.09 -35.17 -25.10
C ASN B 271 0.21 -35.00 -26.58
N ASP B 272 1.13 -35.81 -27.12
CA ASP B 272 1.43 -35.75 -28.54
C ASP B 272 0.19 -35.98 -29.39
N ILE B 273 -0.64 -36.94 -28.99
CA ILE B 273 -1.83 -37.26 -29.78
C ILE B 273 -2.93 -36.23 -29.57
N GLN B 274 -3.01 -35.61 -28.39
CA GLN B 274 -3.94 -34.52 -28.20
C GLN B 274 -3.59 -33.34 -29.10
N LYS B 275 -2.31 -32.98 -29.14
CA LYS B 275 -1.91 -31.84 -29.98
C LYS B 275 -2.03 -32.19 -31.46
N LEU B 276 -1.72 -33.43 -31.83
CA LEU B 276 -1.91 -33.86 -33.22
C LEU B 276 -3.37 -33.80 -33.63
N VAL B 277 -4.26 -34.29 -32.76
CA VAL B 277 -5.69 -34.30 -33.08
C VAL B 277 -6.23 -32.88 -33.16
N GLY B 278 -5.80 -32.00 -32.26
CA GLY B 278 -6.23 -30.60 -32.35
C GLY B 278 -5.74 -29.93 -33.62
N LYS B 279 -4.49 -30.18 -33.99
CA LYS B 279 -3.93 -29.60 -35.22
C LYS B 279 -4.71 -30.08 -36.44
N LEU B 280 -4.92 -31.39 -36.56
CA LEU B 280 -5.65 -31.91 -37.71
C LEU B 280 -7.10 -31.44 -37.69
N ASN B 281 -7.69 -31.28 -36.51
CA ASN B 281 -9.06 -30.79 -36.42
C ASN B 281 -9.16 -29.36 -36.94
N TRP B 282 -8.18 -28.51 -36.63
CA TRP B 282 -8.16 -27.20 -37.27
C TRP B 282 -7.97 -27.34 -38.77
N ALA B 283 -7.07 -28.23 -39.19
CA ALA B 283 -6.78 -28.38 -40.61
C ALA B 283 -7.97 -28.87 -41.42
N SER B 284 -8.95 -29.50 -40.76
CA SER B 284 -10.16 -29.92 -41.46
C SER B 284 -11.01 -28.75 -41.95
N GLN B 285 -10.70 -27.52 -41.50
CA GLN B 285 -11.37 -26.35 -42.03
C GLN B 285 -10.79 -25.89 -43.36
N ILE B 286 -9.56 -26.28 -43.67
CA ILE B 286 -8.89 -25.90 -44.90
C ILE B 286 -8.91 -27.02 -45.92
N TYR B 287 -8.48 -28.21 -45.53
CA TYR B 287 -8.41 -29.35 -46.43
C TYR B 287 -9.71 -30.17 -46.34
N ALA B 288 -9.83 -31.14 -47.23
CA ALA B 288 -11.03 -31.95 -47.35
C ALA B 288 -10.75 -33.39 -46.92
N GLY B 289 -11.72 -34.00 -46.26
CA GLY B 289 -11.64 -35.40 -45.88
C GLY B 289 -10.51 -35.73 -44.93
N ILE B 290 -10.45 -35.04 -43.79
CA ILE B 290 -9.46 -35.30 -42.76
C ILE B 290 -10.18 -35.96 -41.58
N LYS B 291 -9.70 -37.13 -41.17
CA LYS B 291 -10.32 -37.93 -40.13
C LYS B 291 -9.48 -37.90 -38.86
N VAL B 292 -10.15 -38.07 -37.72
CA VAL B 292 -9.49 -38.02 -36.42
C VAL B 292 -10.00 -39.14 -35.52
N ARG B 293 -11.02 -39.87 -35.98
CA ARG B 293 -11.81 -40.73 -35.09
C ARG B 293 -10.97 -41.85 -34.47
N GLN B 294 -9.99 -42.38 -35.18
CA GLN B 294 -9.23 -43.51 -34.64
C GLN B 294 -8.11 -43.02 -33.72
N LEU B 295 -7.29 -42.09 -34.21
CA LEU B 295 -6.30 -41.43 -33.35
C LEU B 295 -6.95 -40.86 -32.10
N SER B 296 -8.13 -40.25 -32.23
CA SER B 296 -8.86 -39.78 -31.06
C SER B 296 -9.36 -40.94 -30.21
N LYS B 297 -9.75 -42.05 -30.86
CA LYS B 297 -10.23 -43.20 -30.11
C LYS B 297 -9.13 -43.77 -29.22
N LEU B 298 -7.86 -43.62 -29.61
CA LEU B 298 -6.77 -44.07 -28.76
C LEU B 298 -6.81 -43.44 -27.37
N LEU B 299 -7.38 -42.24 -27.24
CA LEU B 299 -7.30 -41.49 -25.99
C LEU B 299 -8.41 -41.80 -25.00
N ARG B 300 -9.19 -42.86 -25.23
CA ARG B 300 -10.34 -43.11 -24.36
C ARG B 300 -9.90 -43.33 -22.93
N GLY B 301 -10.62 -42.71 -22.00
CA GLY B 301 -10.26 -42.73 -20.59
C GLY B 301 -9.51 -41.47 -20.18
N THR B 302 -9.48 -41.25 -18.86
CA THR B 302 -8.79 -40.09 -18.29
C THR B 302 -7.35 -40.49 -18.04
N LYS B 303 -6.49 -40.21 -19.01
CA LYS B 303 -5.12 -40.71 -19.02
C LYS B 303 -4.12 -39.60 -18.71
N ALA B 304 -3.00 -40.02 -18.14
CA ALA B 304 -1.89 -39.10 -17.87
C ALA B 304 -1.30 -38.60 -19.19
N LEU B 305 -0.91 -37.32 -19.21
CA LEU B 305 -0.39 -36.73 -20.44
C LEU B 305 0.91 -37.39 -20.88
N THR B 306 1.74 -37.83 -19.93
CA THR B 306 3.02 -38.42 -20.23
C THR B 306 2.95 -39.91 -20.54
N GLU B 307 1.78 -40.53 -20.39
CA GLU B 307 1.68 -41.97 -20.64
C GLU B 307 1.81 -42.25 -22.14
N VAL B 308 2.66 -43.22 -22.48
CA VAL B 308 2.92 -43.56 -23.87
C VAL B 308 1.81 -44.46 -24.38
N VAL B 309 1.31 -44.16 -25.58
CA VAL B 309 0.22 -44.90 -26.19
C VAL B 309 0.74 -45.51 -27.49
N PRO B 310 0.63 -46.82 -27.68
CA PRO B 310 1.00 -47.41 -28.97
C PRO B 310 -0.01 -47.07 -30.04
N LEU B 311 0.48 -46.93 -31.27
CA LEU B 311 -0.37 -46.56 -32.40
C LEU B 311 -1.02 -47.79 -33.01
N THR B 312 -2.35 -47.74 -33.11
CA THR B 312 -3.09 -48.80 -33.79
C THR B 312 -2.71 -48.83 -35.28
N GLU B 313 -2.75 -50.02 -35.86
CA GLU B 313 -2.58 -50.16 -37.30
C GLU B 313 -3.53 -49.22 -38.04
N GLU B 314 -4.79 -49.18 -37.60
CA GLU B 314 -5.77 -48.29 -38.21
C GLU B 314 -5.44 -46.83 -37.94
N ALA B 315 -4.92 -46.54 -36.73
CA ALA B 315 -4.52 -45.18 -36.40
C ALA B 315 -3.32 -44.73 -37.23
N GLU B 316 -2.31 -45.60 -37.38
CA GLU B 316 -1.19 -45.30 -38.26
C GLU B 316 -1.67 -45.07 -39.68
N LEU B 317 -2.64 -45.89 -40.12
CA LEU B 317 -3.28 -45.66 -41.42
C LEU B 317 -3.83 -44.24 -41.52
N GLU B 318 -4.58 -43.81 -40.51
CA GLU B 318 -5.15 -42.46 -40.50
C GLU B 318 -4.05 -41.40 -40.56
N LEU B 319 -2.98 -41.57 -39.79
CA LEU B 319 -1.90 -40.60 -39.78
C LEU B 319 -1.21 -40.50 -41.13
N ALA B 320 -0.99 -41.64 -41.80
CA ALA B 320 -0.37 -41.60 -43.12
C ALA B 320 -1.28 -40.91 -44.13
N GLU B 321 -2.58 -41.25 -44.12
CA GLU B 321 -3.51 -40.64 -45.06
C GLU B 321 -3.57 -39.13 -44.87
N ASN B 322 -3.83 -38.67 -43.63
CA ASN B 322 -3.88 -37.24 -43.36
C ASN B 322 -2.55 -36.57 -43.70
N ARG B 323 -1.45 -37.24 -43.39
CA ARG B 323 -0.13 -36.72 -43.74
C ARG B 323 0.01 -36.50 -45.24
N GLU B 324 -0.58 -37.39 -46.04
CA GLU B 324 -0.51 -37.23 -47.49
C GLU B 324 -1.42 -36.12 -47.99
N ILE B 325 -2.61 -35.97 -47.38
CA ILE B 325 -3.52 -34.90 -47.82
C ILE B 325 -2.87 -33.53 -47.64
N LEU B 326 -2.12 -33.35 -46.55
CA LEU B 326 -1.43 -32.08 -46.31
C LEU B 326 -0.26 -31.86 -47.26
N LYS B 327 0.20 -32.90 -47.97
CA LYS B 327 1.37 -32.75 -48.82
C LYS B 327 1.03 -31.97 -50.09
N GLU B 328 -0.16 -32.18 -50.66
CA GLU B 328 -0.47 -31.54 -51.93
C GLU B 328 -1.38 -30.33 -51.73
N PRO B 329 -1.25 -29.32 -52.59
CA PRO B 329 -2.04 -28.09 -52.42
C PRO B 329 -3.53 -28.34 -52.45
N VAL B 330 -4.27 -27.45 -51.80
CA VAL B 330 -5.71 -27.61 -51.68
C VAL B 330 -6.37 -27.30 -53.03
N HIS B 331 -7.39 -28.07 -53.39
CA HIS B 331 -8.05 -27.98 -54.67
C HIS B 331 -9.27 -27.08 -54.57
N GLY B 332 -9.39 -26.13 -55.50
CA GLY B 332 -10.55 -25.26 -55.58
C GLY B 332 -10.33 -23.82 -55.14
N VAL B 333 -9.08 -23.37 -55.00
CA VAL B 333 -8.77 -22.04 -54.52
C VAL B 333 -8.16 -21.24 -55.67
N TYR B 334 -8.81 -20.14 -56.04
CA TYR B 334 -8.38 -19.33 -57.17
C TYR B 334 -8.41 -17.86 -56.79
N TYR B 335 -7.53 -17.08 -57.41
CA TYR B 335 -7.46 -15.66 -57.15
C TYR B 335 -8.67 -14.95 -57.75
N ASP B 336 -9.21 -14.01 -56.98
CA ASP B 336 -10.32 -13.16 -57.42
C ASP B 336 -9.86 -11.72 -57.36
N PRO B 337 -9.66 -11.05 -58.52
CA PRO B 337 -9.15 -9.67 -58.48
C PRO B 337 -10.15 -8.64 -57.97
N SER B 338 -11.43 -9.01 -57.83
CA SER B 338 -12.43 -8.10 -57.31
C SER B 338 -12.41 -8.00 -55.79
N LYS B 339 -11.69 -8.88 -55.12
CA LYS B 339 -11.63 -8.91 -53.66
C LYS B 339 -10.23 -8.55 -53.18
N ASP B 340 -10.15 -8.02 -51.96
CA ASP B 340 -8.87 -7.64 -51.38
C ASP B 340 -8.09 -8.86 -50.91
N LEU B 341 -6.79 -8.67 -50.76
CA LEU B 341 -5.90 -9.69 -50.22
C LEU B 341 -5.63 -9.42 -48.76
N ILE B 342 -5.49 -10.49 -47.98
CA ILE B 342 -5.27 -10.41 -46.53
C ILE B 342 -4.10 -11.31 -46.19
N ALA B 343 -3.22 -10.84 -45.30
CA ALA B 343 -2.05 -11.58 -44.90
C ALA B 343 -1.99 -11.68 -43.38
N GLU B 344 -1.82 -12.90 -42.87
CA GLU B 344 -1.61 -13.15 -41.45
C GLU B 344 -0.19 -13.62 -41.21
N ILE B 345 0.40 -13.20 -40.10
CA ILE B 345 1.77 -13.51 -39.74
C ILE B 345 1.80 -14.02 -38.30
N GLN B 346 2.60 -15.06 -38.06
CA GLN B 346 2.82 -15.59 -36.71
C GLN B 346 4.32 -15.65 -36.46
N LYS B 347 4.73 -15.18 -35.28
CA LYS B 347 6.11 -15.33 -34.84
C LYS B 347 6.35 -16.75 -34.36
N GLN B 348 7.37 -17.40 -34.89
CA GLN B 348 7.69 -18.76 -34.50
C GLN B 348 8.90 -18.86 -33.58
N GLY B 349 9.74 -17.84 -33.54
CA GLY B 349 10.92 -17.86 -32.70
C GLY B 349 12.18 -18.18 -33.50
N GLN B 350 13.31 -17.75 -32.94
CA GLN B 350 14.63 -17.95 -33.56
C GLN B 350 14.67 -17.34 -34.97
N GLY B 351 14.02 -16.19 -35.13
CA GLY B 351 14.03 -15.48 -36.39
C GLY B 351 13.13 -16.05 -37.47
N GLN B 352 12.17 -16.89 -37.10
CA GLN B 352 11.26 -17.52 -38.06
C GLN B 352 9.88 -16.89 -37.96
N TRP B 353 9.26 -16.62 -39.11
CA TRP B 353 7.94 -16.01 -39.16
C TRP B 353 7.12 -16.70 -40.23
N THR B 354 5.95 -17.24 -39.87
CA THR B 354 5.09 -17.87 -40.85
C THR B 354 4.01 -16.90 -41.31
N TYR B 355 3.53 -17.08 -42.54
CA TYR B 355 2.53 -16.17 -43.05
C TYR B 355 1.59 -16.91 -44.00
N GLN B 356 0.36 -16.37 -44.12
CA GLN B 356 -0.62 -16.88 -45.05
C GLN B 356 -1.31 -15.70 -45.76
N ILE B 357 -1.49 -15.84 -47.06
CA ILE B 357 -2.17 -14.85 -47.89
C ILE B 357 -3.43 -15.50 -48.45
N TYR B 358 -4.58 -14.90 -48.17
CA TYR B 358 -5.88 -15.44 -48.56
C TYR B 358 -6.82 -14.27 -48.83
N GLN B 359 -7.95 -14.59 -49.46
CA GLN B 359 -9.05 -13.63 -49.66
C GLN B 359 -10.30 -14.02 -48.91
N GLU B 360 -10.66 -15.29 -48.93
CA GLU B 360 -11.70 -15.84 -48.06
C GLU B 360 -11.06 -16.72 -46.99
N PRO B 361 -11.63 -16.76 -45.79
CA PRO B 361 -11.03 -17.53 -44.70
C PRO B 361 -10.85 -19.00 -45.07
N PHE B 362 -9.69 -19.54 -44.69
CA PHE B 362 -9.26 -20.93 -44.85
C PHE B 362 -9.02 -21.33 -46.29
N LYS B 363 -9.11 -20.41 -47.24
CA LYS B 363 -8.79 -20.66 -48.64
C LYS B 363 -7.52 -19.91 -48.98
N ASN B 364 -6.40 -20.39 -48.46
CA ASN B 364 -5.13 -19.71 -48.60
C ASN B 364 -4.65 -19.75 -50.05
N LEU B 365 -4.42 -18.57 -50.63
CA LEU B 365 -3.72 -18.50 -51.90
C LEU B 365 -2.24 -18.81 -51.76
N LYS B 366 -1.65 -18.54 -50.60
CA LYS B 366 -0.23 -18.83 -50.44
C LYS B 366 0.09 -18.97 -48.96
N THR B 367 0.96 -19.92 -48.63
CA THR B 367 1.48 -20.06 -47.27
C THR B 367 3.00 -20.09 -47.35
N GLY B 368 3.65 -19.40 -46.43
CA GLY B 368 5.09 -19.27 -46.51
C GLY B 368 5.77 -19.06 -45.18
N LYS B 369 7.09 -18.96 -45.23
CA LYS B 369 7.95 -18.81 -44.06
C LYS B 369 9.08 -17.85 -44.40
N TYR B 370 9.07 -16.68 -43.76
CA TYR B 370 10.13 -15.69 -43.85
C TYR B 370 11.14 -15.91 -42.74
N ALA B 371 12.42 -15.68 -43.07
CA ALA B 371 13.53 -15.82 -42.14
C ALA B 371 14.58 -14.77 -42.45
N ARG B 372 14.98 -14.02 -41.44
CA ARG B 372 16.00 -13.00 -41.60
C ARG B 372 17.38 -13.64 -41.69
N MET B 373 18.33 -12.91 -42.29
CA MET B 373 19.71 -13.38 -42.43
C MET B 373 20.72 -12.34 -41.96
N LYS B 374 20.27 -11.34 -41.19
CA LYS B 374 21.15 -10.25 -40.79
C LYS B 374 22.16 -10.62 -39.71
N GLY B 375 21.98 -11.75 -39.03
CA GLY B 375 22.98 -12.20 -38.09
C GLY B 375 22.80 -11.65 -36.69
N ALA B 376 22.23 -10.44 -36.58
CA ALA B 376 22.05 -9.81 -35.27
C ALA B 376 21.06 -10.58 -34.42
N HIS B 377 19.91 -10.94 -34.99
CA HIS B 377 18.97 -11.91 -34.42
C HIS B 377 18.25 -11.39 -33.17
N THR B 378 18.19 -10.07 -32.96
CA THR B 378 17.77 -9.55 -31.66
C THR B 378 16.76 -8.41 -31.74
N ASN B 379 16.00 -8.29 -32.82
CA ASN B 379 14.98 -7.24 -32.92
C ASN B 379 13.73 -7.80 -33.56
N ASP B 380 12.68 -8.01 -32.77
CA ASP B 380 11.43 -8.54 -33.28
C ASP B 380 10.74 -7.55 -34.21
N VAL B 381 10.75 -6.26 -33.86
CA VAL B 381 10.01 -5.28 -34.64
C VAL B 381 10.66 -5.07 -36.01
N LYS B 382 11.99 -5.04 -36.05
CA LYS B 382 12.69 -4.94 -37.33
C LYS B 382 12.36 -6.15 -38.21
N GLN B 383 12.44 -7.35 -37.64
CA GLN B 383 12.17 -8.57 -38.40
C GLN B 383 10.73 -8.58 -38.92
N LEU B 384 9.78 -8.12 -38.11
CA LEU B 384 8.39 -8.10 -38.56
C LEU B 384 8.18 -7.06 -39.66
N THR B 385 8.81 -5.90 -39.54
CA THR B 385 8.69 -4.88 -40.58
C THR B 385 9.26 -5.37 -41.90
N GLU B 386 10.46 -5.96 -41.87
CA GLU B 386 11.04 -6.52 -43.07
C GLU B 386 10.18 -7.65 -43.64
N ALA B 387 9.58 -8.45 -42.74
CA ALA B 387 8.69 -9.51 -43.20
C ALA B 387 7.48 -8.95 -43.92
N VAL B 388 6.92 -7.85 -43.42
CA VAL B 388 5.80 -7.19 -44.09
C VAL B 388 6.23 -6.69 -45.46
N GLN B 389 7.40 -6.06 -45.56
CA GLN B 389 7.86 -5.58 -46.85
C GLN B 389 8.05 -6.72 -47.84
N LYS B 390 8.59 -7.86 -47.37
CA LYS B 390 8.83 -8.98 -48.27
C LYS B 390 7.52 -9.60 -48.74
N ILE B 391 6.58 -9.82 -47.81
CA ILE B 391 5.30 -10.42 -48.17
C ILE B 391 4.55 -9.53 -49.13
N ALA B 392 4.47 -8.23 -48.83
CA ALA B 392 3.78 -7.29 -49.71
C ALA B 392 4.47 -7.24 -51.08
N THR B 393 5.79 -7.32 -51.10
CA THR B 393 6.51 -7.36 -52.38
C THR B 393 6.12 -8.56 -53.20
N GLU B 394 6.08 -9.74 -52.57
CA GLU B 394 5.63 -10.94 -53.27
C GLU B 394 4.20 -10.79 -53.78
N SER B 395 3.35 -10.12 -53.00
CA SER B 395 1.97 -9.91 -53.45
C SER B 395 1.93 -8.98 -54.66
N ILE B 396 2.81 -7.99 -54.71
CA ILE B 396 2.88 -7.13 -55.89
C ILE B 396 3.34 -7.92 -57.10
N VAL B 397 4.36 -8.75 -56.93
CA VAL B 397 4.88 -9.51 -58.07
C VAL B 397 3.86 -10.51 -58.57
N ILE B 398 3.14 -11.17 -57.66
CA ILE B 398 2.26 -12.26 -58.04
C ILE B 398 0.91 -11.75 -58.53
N TRP B 399 0.29 -10.85 -57.75
CA TRP B 399 -1.06 -10.39 -58.03
C TRP B 399 -1.17 -8.93 -58.42
N GLY B 400 -0.15 -8.11 -58.18
CA GLY B 400 -0.19 -6.72 -58.58
C GLY B 400 -0.67 -5.74 -57.54
N LYS B 401 -0.88 -6.18 -56.31
CA LYS B 401 -1.31 -5.28 -55.24
C LYS B 401 -0.88 -5.88 -53.90
N THR B 402 -0.84 -5.01 -52.88
CA THR B 402 -0.45 -5.45 -51.54
C THR B 402 -1.66 -5.92 -50.75
N PRO B 403 -1.46 -6.85 -49.82
CA PRO B 403 -2.56 -7.29 -48.96
C PRO B 403 -2.67 -6.41 -47.72
N LYS B 404 -3.84 -6.51 -47.07
CA LYS B 404 -4.00 -5.90 -45.75
C LYS B 404 -3.44 -6.86 -44.72
N PHE B 405 -2.53 -6.37 -43.88
CA PHE B 405 -1.83 -7.22 -42.93
C PHE B 405 -2.55 -7.22 -41.59
N LYS B 406 -2.56 -8.39 -40.96
CA LYS B 406 -2.97 -8.55 -39.57
C LYS B 406 -1.69 -8.79 -38.78
N LEU B 407 -1.23 -7.77 -38.06
CA LEU B 407 0.10 -7.79 -37.47
C LEU B 407 0.04 -8.32 -36.04
N PRO B 408 0.87 -9.31 -35.70
CA PRO B 408 0.92 -9.85 -34.33
C PRO B 408 1.79 -8.98 -33.41
N ILE B 409 1.30 -7.77 -33.14
CA ILE B 409 2.07 -6.80 -32.36
C ILE B 409 1.10 -5.80 -31.78
N GLN B 410 1.47 -5.21 -30.65
CA GLN B 410 0.71 -4.11 -30.08
C GLN B 410 0.83 -2.89 -30.98
N LYS B 411 -0.28 -2.14 -31.10
CA LYS B 411 -0.31 -0.96 -31.95
C LYS B 411 0.80 0.02 -31.59
N GLU B 412 0.95 0.30 -30.30
CA GLU B 412 1.90 1.33 -29.87
C GLU B 412 3.35 0.87 -30.03
N THR B 413 3.62 -0.42 -29.86
CA THR B 413 4.96 -0.93 -30.10
C THR B 413 5.34 -0.80 -31.58
N TRP B 414 4.42 -1.18 -32.47
CA TRP B 414 4.67 -1.04 -33.91
C TRP B 414 4.88 0.42 -34.29
N GLU B 415 4.00 1.30 -33.79
CA GLU B 415 4.08 2.72 -34.16
C GLU B 415 5.27 3.42 -33.53
N ALA B 416 5.87 2.84 -32.48
CA ALA B 416 7.05 3.46 -31.89
C ALA B 416 8.29 3.26 -32.74
N TRP B 417 8.33 2.26 -33.62
CA TRP B 417 9.59 1.88 -34.25
C TRP B 417 9.53 1.57 -35.74
N TRP B 418 8.37 1.32 -36.34
CA TRP B 418 8.35 0.69 -37.66
C TRP B 418 8.98 1.58 -38.73
N THR B 419 8.89 2.91 -38.61
CA THR B 419 9.47 3.77 -39.63
C THR B 419 10.99 3.70 -39.66
N GLU B 420 11.63 3.23 -38.59
CA GLU B 420 13.07 3.12 -38.57
C GLU B 420 13.58 2.01 -39.48
N TYR B 421 12.73 1.11 -39.93
CA TYR B 421 13.15 -0.03 -40.74
C TYR B 421 12.46 -0.10 -42.09
N TRP B 422 11.56 0.82 -42.41
CA TRP B 422 10.83 0.78 -43.67
C TRP B 422 11.72 1.25 -44.81
N GLN B 423 11.66 0.51 -45.93
CA GLN B 423 12.49 0.79 -47.09
C GLN B 423 11.70 0.91 -48.39
N ALA B 424 10.39 0.68 -48.37
CA ALA B 424 9.58 0.71 -49.58
C ALA B 424 8.97 2.10 -49.78
N THR B 425 8.73 2.44 -51.05
CA THR B 425 8.07 3.70 -51.40
C THR B 425 6.55 3.62 -51.25
N TRP B 426 6.00 2.43 -51.02
CA TRP B 426 4.59 2.24 -50.74
C TRP B 426 4.41 1.76 -49.31
N ILE B 427 3.20 1.90 -48.80
CA ILE B 427 2.85 1.46 -47.45
C ILE B 427 1.55 0.68 -47.52
N PRO B 428 1.50 -0.56 -47.05
CA PRO B 428 0.26 -1.34 -47.12
C PRO B 428 -0.69 -0.99 -45.98
N GLU B 429 -1.93 -1.43 -46.14
CA GLU B 429 -2.89 -1.37 -45.06
C GLU B 429 -2.55 -2.42 -44.00
N TRP B 430 -2.82 -2.09 -42.74
CA TRP B 430 -2.60 -3.06 -41.68
C TRP B 430 -3.54 -2.81 -40.52
N GLU B 431 -3.70 -3.84 -39.69
CA GLU B 431 -4.40 -3.76 -38.43
C GLU B 431 -3.64 -4.63 -37.42
N PHE B 432 -4.02 -4.54 -36.15
CA PHE B 432 -3.28 -5.16 -35.07
C PHE B 432 -4.13 -6.21 -34.37
N VAL B 433 -3.55 -7.39 -34.16
CA VAL B 433 -4.26 -8.52 -33.57
C VAL B 433 -3.44 -9.08 -32.42
N ASN B 434 -4.14 -9.68 -31.46
CA ASN B 434 -3.52 -10.39 -30.34
C ASN B 434 -4.24 -11.74 -30.21
N THR B 435 -3.73 -12.73 -30.92
CA THR B 435 -4.26 -14.10 -30.85
C THR B 435 -3.13 -15.05 -30.53
N PRO B 436 -3.08 -15.59 -29.31
CA PRO B 436 -2.05 -16.57 -28.96
C PRO B 436 -2.17 -17.83 -29.80
N PRO B 437 -1.13 -18.65 -29.85
CA PRO B 437 -1.20 -19.91 -30.62
C PRO B 437 -1.94 -20.97 -29.82
N LEU B 438 -3.08 -21.43 -30.37
CA LEU B 438 -3.78 -22.57 -29.82
C LEU B 438 -2.96 -23.82 -30.12
N VAL B 439 -2.92 -24.20 -31.39
CA VAL B 439 -1.96 -25.17 -31.90
C VAL B 439 -0.97 -24.41 -32.77
N LYS B 440 0.21 -24.99 -32.95
CA LYS B 440 1.22 -24.43 -33.84
C LYS B 440 1.07 -25.09 -35.21
N LEU B 441 0.14 -24.55 -35.99
CA LEU B 441 -0.16 -25.09 -37.31
C LEU B 441 1.06 -25.06 -38.21
N TRP B 442 1.62 -23.88 -38.40
CA TRP B 442 2.55 -23.62 -39.49
C TRP B 442 4.00 -23.91 -39.13
N TYR B 443 4.25 -24.61 -38.03
CA TYR B 443 5.61 -24.97 -37.66
C TYR B 443 5.65 -26.35 -37.00
N SER D 5 35.46 -19.07 43.71
CA SER D 5 35.51 -20.39 44.30
C SER D 5 34.98 -20.47 45.74
N PRO D 6 35.47 -19.62 46.67
CA PRO D 6 35.07 -19.80 48.08
C PRO D 6 33.67 -19.31 48.38
N ILE D 7 32.83 -19.15 47.34
CA ILE D 7 31.44 -18.77 47.54
C ILE D 7 30.69 -19.93 48.18
N GLU D 8 29.83 -19.62 49.14
CA GLU D 8 28.96 -20.65 49.70
C GLU D 8 27.95 -21.11 48.65
N THR D 9 27.79 -22.42 48.55
CA THR D 9 26.90 -22.99 47.54
C THR D 9 25.45 -22.63 47.82
N VAL D 10 24.63 -22.80 46.80
CA VAL D 10 23.18 -22.58 46.88
C VAL D 10 22.49 -23.93 46.93
N PRO D 11 21.70 -24.22 47.95
CA PRO D 11 21.08 -25.54 48.04
C PRO D 11 20.02 -25.73 46.96
N VAL D 12 20.06 -26.91 46.33
CA VAL D 12 19.16 -27.24 45.24
C VAL D 12 18.59 -28.63 45.46
N LYS D 13 17.37 -28.83 44.97
CA LYS D 13 16.65 -30.08 45.15
C LYS D 13 16.09 -30.57 43.82
N LEU D 14 15.91 -31.89 43.73
CA LEU D 14 15.06 -32.42 42.69
C LEU D 14 13.60 -32.29 43.11
N LYS D 15 12.70 -32.40 42.13
CA LYS D 15 11.28 -32.29 42.44
C LYS D 15 10.81 -33.53 43.19
N PRO D 16 9.76 -33.39 44.01
CA PRO D 16 9.34 -34.51 44.87
C PRO D 16 9.04 -35.78 44.07
N GLY D 17 9.60 -36.90 44.55
CA GLY D 17 9.39 -38.18 43.91
C GLY D 17 10.15 -38.39 42.62
N MET D 18 11.15 -37.56 42.34
CA MET D 18 11.90 -37.63 41.09
C MET D 18 13.33 -38.07 41.38
N ASP D 19 13.86 -38.90 40.48
CA ASP D 19 15.23 -39.41 40.56
C ASP D 19 16.08 -38.76 39.48
N GLY D 20 17.39 -38.96 39.60
CA GLY D 20 18.33 -38.40 38.65
C GLY D 20 18.25 -39.05 37.28
N PRO D 21 18.92 -38.45 36.30
CA PRO D 21 18.81 -38.95 34.93
C PRO D 21 19.70 -40.16 34.68
N LYS D 22 19.15 -41.13 33.97
CA LYS D 22 19.88 -42.33 33.55
C LYS D 22 19.78 -42.44 32.03
N VAL D 23 20.51 -41.58 31.34
CA VAL D 23 20.46 -41.44 29.89
C VAL D 23 21.85 -41.69 29.31
N LYS D 24 21.90 -42.37 28.18
CA LYS D 24 23.16 -42.84 27.61
C LYS D 24 23.68 -41.86 26.56
N GLN D 25 24.98 -41.56 26.66
CA GLN D 25 25.69 -40.74 25.68
C GLN D 25 25.51 -41.29 24.26
N TRP D 26 25.51 -40.39 23.29
CA TRP D 26 25.45 -40.71 21.87
C TRP D 26 26.83 -40.60 21.23
N PRO D 27 27.05 -41.25 20.09
CA PRO D 27 28.38 -41.21 19.46
C PRO D 27 28.78 -39.80 19.05
N LEU D 28 30.06 -39.51 19.22
CA LEU D 28 30.66 -38.24 18.83
C LEU D 28 31.81 -38.48 17.86
N THR D 29 32.16 -37.44 17.11
CA THR D 29 33.22 -37.54 16.13
C THR D 29 34.59 -37.48 16.81
N GLU D 30 35.63 -37.77 16.03
CA GLU D 30 36.99 -37.87 16.59
C GLU D 30 37.48 -36.52 17.09
N GLU D 31 37.24 -35.46 16.33
CA GLU D 31 37.68 -34.12 16.72
C GLU D 31 37.06 -33.72 18.05
N LYS D 32 35.72 -33.76 18.13
CA LYS D 32 35.04 -33.42 19.36
C LYS D 32 35.44 -34.34 20.51
N ILE D 33 35.74 -35.60 20.22
CA ILE D 33 36.04 -36.53 21.30
C ILE D 33 37.41 -36.24 21.91
N LYS D 34 38.40 -35.91 21.07
CA LYS D 34 39.71 -35.58 21.64
C LYS D 34 39.67 -34.22 22.31
N ALA D 35 38.91 -33.28 21.74
CA ALA D 35 38.72 -32.00 22.40
C ALA D 35 38.12 -32.18 23.80
N LEU D 36 37.10 -33.02 23.91
CA LEU D 36 36.43 -33.23 25.19
C LEU D 36 37.33 -33.95 26.18
N VAL D 37 38.10 -34.94 25.73
CA VAL D 37 39.01 -35.61 26.65
C VAL D 37 40.05 -34.63 27.18
N GLU D 38 40.54 -33.74 26.31
CA GLU D 38 41.53 -32.75 26.73
C GLU D 38 40.93 -31.80 27.77
N ILE D 39 39.84 -31.12 27.40
CA ILE D 39 39.20 -30.16 28.29
C ILE D 39 38.80 -30.81 29.61
N CYS D 40 38.41 -32.08 29.58
CA CYS D 40 37.97 -32.77 30.79
C CYS D 40 39.13 -33.18 31.67
N THR D 41 40.26 -33.58 31.07
CA THR D 41 41.45 -33.85 31.89
C THR D 41 41.90 -32.57 32.59
N GLU D 42 41.93 -31.44 31.89
CA GLU D 42 42.27 -30.19 32.55
C GLU D 42 41.25 -29.85 33.65
N MET D 43 39.96 -29.79 33.29
CA MET D 43 38.93 -29.46 34.26
C MET D 43 38.99 -30.35 35.50
N GLU D 44 39.37 -31.62 35.32
CA GLU D 44 39.54 -32.49 36.48
C GLU D 44 40.81 -32.15 37.25
N LYS D 45 41.83 -31.62 36.57
CA LYS D 45 43.03 -31.19 37.29
C LYS D 45 42.74 -29.96 38.16
N GLU D 46 41.90 -29.04 37.68
CA GLU D 46 41.57 -27.83 38.43
C GLU D 46 40.38 -28.02 39.38
N GLY D 47 39.99 -29.27 39.66
CA GLY D 47 38.91 -29.53 40.58
C GLY D 47 37.52 -29.24 40.07
N LYS D 48 37.36 -28.86 38.80
CA LYS D 48 36.04 -28.56 38.27
C LYS D 48 35.16 -29.80 38.25
N ILE D 49 35.73 -30.96 37.94
CA ILE D 49 35.01 -32.22 37.90
C ILE D 49 35.84 -33.27 38.63
N SER D 50 35.16 -34.33 39.06
CA SER D 50 35.82 -35.44 39.74
C SER D 50 35.46 -36.75 39.06
N LYS D 51 36.35 -37.72 39.14
CA LYS D 51 36.10 -39.04 38.58
C LYS D 51 35.18 -39.83 39.51
N ILE D 52 34.34 -40.68 38.91
CA ILE D 52 33.34 -41.44 39.64
C ILE D 52 33.47 -42.91 39.28
N GLY D 53 32.93 -43.74 40.17
CA GLY D 53 32.93 -45.18 39.96
C GLY D 53 31.53 -45.72 39.71
N PRO D 54 31.36 -47.03 39.81
CA PRO D 54 30.05 -47.63 39.54
C PRO D 54 29.01 -47.34 40.61
N GLU D 55 29.41 -46.80 41.77
CA GLU D 55 28.45 -46.44 42.80
C GLU D 55 27.52 -45.30 42.37
N ASN D 56 27.82 -44.64 41.26
CA ASN D 56 26.97 -43.57 40.74
C ASN D 56 26.15 -44.13 39.58
N PRO D 57 24.83 -44.22 39.71
CA PRO D 57 24.01 -44.85 38.66
C PRO D 57 23.53 -43.91 37.56
N TYR D 58 23.87 -42.64 37.60
CA TYR D 58 23.31 -41.64 36.70
C TYR D 58 24.27 -41.36 35.53
N ASN D 59 23.71 -40.75 34.49
CA ASN D 59 24.48 -40.36 33.31
C ASN D 59 23.65 -39.38 32.48
N THR D 60 24.35 -38.59 31.68
CA THR D 60 23.73 -37.57 30.83
C THR D 60 24.65 -37.32 29.65
N PRO D 61 24.11 -37.20 28.42
CA PRO D 61 24.97 -36.98 27.25
C PRO D 61 25.71 -35.65 27.31
N VAL D 62 26.78 -35.56 26.51
CA VAL D 62 27.67 -34.41 26.49
C VAL D 62 28.13 -34.16 25.06
N PHE D 63 28.26 -32.89 24.70
CA PHE D 63 28.78 -32.52 23.39
C PHE D 63 29.56 -31.21 23.54
N ALA D 64 29.90 -30.58 22.40
CA ALA D 64 30.70 -29.37 22.44
C ALA D 64 30.49 -28.58 21.15
N ILE D 65 30.37 -27.26 21.29
CA ILE D 65 30.30 -26.36 20.13
C ILE D 65 31.56 -25.52 20.15
N LYS D 66 31.66 -24.55 19.24
CA LYS D 66 32.82 -23.67 19.17
C LYS D 66 32.38 -22.22 19.38
N LYS D 67 33.16 -21.48 20.17
CA LYS D 67 32.85 -20.10 20.49
C LYS D 67 33.27 -19.19 19.32
N LYS D 68 33.00 -17.89 19.48
CA LYS D 68 33.41 -16.90 18.49
C LYS D 68 34.92 -16.87 18.29
N ASP D 69 35.71 -17.20 19.32
CA ASP D 69 37.16 -17.26 19.19
C ASP D 69 37.64 -18.13 18.02
N SER D 70 36.78 -18.96 17.42
CA SER D 70 37.11 -19.83 16.29
C SER D 70 38.19 -20.86 16.62
N THR D 71 38.58 -20.97 17.89
CA THR D 71 39.63 -21.87 18.33
C THR D 71 39.17 -22.70 19.52
N LYS D 72 38.82 -22.03 20.61
CA LYS D 72 38.46 -22.73 21.83
C LYS D 72 37.05 -23.29 21.75
N TRP D 73 36.89 -24.53 22.19
CA TRP D 73 35.58 -25.18 22.25
C TRP D 73 34.86 -24.83 23.54
N ARG D 74 33.55 -25.06 23.52
CA ARG D 74 32.68 -24.90 24.68
C ARG D 74 31.97 -26.23 24.93
N LYS D 75 32.20 -26.81 26.10
CA LYS D 75 31.60 -28.09 26.47
C LYS D 75 30.20 -27.88 27.03
N LEU D 76 29.25 -28.70 26.57
CA LEU D 76 27.87 -28.59 26.97
C LEU D 76 27.32 -29.97 27.32
N VAL D 77 26.28 -29.96 28.15
CA VAL D 77 25.62 -31.18 28.61
C VAL D 77 24.13 -31.09 28.29
N ASP D 78 23.58 -32.16 27.71
CA ASP D 78 22.16 -32.21 27.37
C ASP D 78 21.35 -32.60 28.61
N PHE D 79 21.24 -31.63 29.53
CA PHE D 79 20.62 -31.83 30.83
C PHE D 79 19.09 -31.72 30.79
N ARG D 80 18.44 -31.90 29.64
CA ARG D 80 17.00 -31.69 29.56
C ARG D 80 16.24 -32.60 30.51
N GLU D 81 16.71 -33.83 30.72
CA GLU D 81 16.08 -34.72 31.69
C GLU D 81 16.27 -34.19 33.10
N LEU D 82 17.52 -33.97 33.50
CA LEU D 82 17.80 -33.41 34.82
C LEU D 82 17.09 -32.07 35.01
N ASN D 83 17.08 -31.21 33.98
CA ASN D 83 16.36 -29.96 34.07
C ASN D 83 14.88 -30.19 34.32
N LYS D 84 14.30 -31.19 33.65
CA LYS D 84 12.89 -31.50 33.90
C LYS D 84 12.66 -32.00 35.32
N ARG D 85 13.65 -32.66 35.91
CA ARG D 85 13.50 -33.15 37.29
C ARG D 85 13.98 -32.18 38.35
N THR D 86 14.63 -31.08 37.97
CA THR D 86 15.17 -30.14 38.94
C THR D 86 14.09 -29.18 39.42
N GLN D 87 14.26 -28.72 40.66
CA GLN D 87 13.33 -27.76 41.27
C GLN D 87 13.21 -26.50 40.41
N ASP D 88 12.09 -25.80 40.58
CA ASP D 88 11.91 -24.53 39.92
C ASP D 88 12.75 -23.45 40.60
N PHE D 89 13.06 -22.40 39.84
CA PHE D 89 13.77 -21.25 40.34
C PHE D 89 12.99 -20.00 39.98
N TRP D 90 13.27 -18.91 40.70
CA TRP D 90 12.79 -17.59 40.30
C TRP D 90 13.95 -16.86 39.66
N GLU D 91 13.83 -16.60 38.35
CA GLU D 91 14.91 -15.95 37.61
C GLU D 91 15.06 -14.51 38.05
N VAL D 92 16.31 -14.09 38.31
CA VAL D 92 16.57 -12.73 38.75
C VAL D 92 16.85 -11.77 37.60
N GLN D 93 17.20 -12.28 36.42
CA GLN D 93 17.37 -11.44 35.25
C GLN D 93 16.00 -10.99 34.76
N LEU D 94 15.68 -9.72 34.96
CA LEU D 94 14.36 -9.20 34.63
C LEU D 94 14.30 -8.49 33.29
N GLY D 95 15.45 -8.20 32.68
CA GLY D 95 15.44 -7.53 31.39
C GLY D 95 16.85 -7.32 30.89
N ILE D 96 16.92 -6.64 29.75
CA ILE D 96 18.17 -6.41 29.03
C ILE D 96 18.51 -4.93 29.12
N PRO D 97 19.72 -4.57 29.53
CA PRO D 97 20.11 -3.15 29.50
C PRO D 97 20.20 -2.63 28.08
N HIS D 98 19.98 -1.33 27.94
CA HIS D 98 19.97 -0.69 26.63
C HIS D 98 20.88 0.52 26.64
N PRO D 99 21.67 0.74 25.59
CA PRO D 99 22.63 1.85 25.59
C PRO D 99 21.98 3.22 25.67
N ALA D 100 20.73 3.36 25.21
CA ALA D 100 20.04 4.64 25.35
C ALA D 100 19.82 5.02 26.81
N GLY D 101 19.87 4.05 27.72
CA GLY D 101 19.78 4.34 29.13
C GLY D 101 21.08 4.70 29.80
N LEU D 102 22.20 4.50 29.11
CA LEU D 102 23.50 4.88 29.65
C LEU D 102 23.66 6.39 29.65
N LYS D 103 24.35 6.90 30.66
CA LYS D 103 24.74 8.29 30.71
C LYS D 103 26.17 8.44 30.21
N GLN D 104 26.48 9.60 29.65
CA GLN D 104 27.81 9.85 29.13
C GLN D 104 28.81 9.89 30.28
N LYS D 105 29.81 9.02 30.22
CA LYS D 105 30.83 8.93 31.26
C LYS D 105 32.17 9.40 30.72
N LYS D 106 32.99 9.95 31.61
CA LYS D 106 34.32 10.39 31.21
C LYS D 106 35.23 9.21 30.92
N SER D 107 35.15 8.15 31.74
CA SER D 107 35.99 6.97 31.60
C SER D 107 35.12 5.73 31.61
N VAL D 108 35.44 4.79 30.71
CA VAL D 108 34.64 3.60 30.48
C VAL D 108 35.56 2.39 30.32
N THR D 109 35.17 1.26 30.91
CA THR D 109 35.88 0.00 30.78
C THR D 109 34.85 -1.12 30.67
N VAL D 110 35.22 -2.19 29.96
CA VAL D 110 34.37 -3.37 29.82
C VAL D 110 35.22 -4.60 30.09
N LEU D 111 34.81 -5.41 31.06
CA LEU D 111 35.54 -6.62 31.42
C LEU D 111 34.61 -7.83 31.35
N ASP D 112 35.21 -8.99 31.10
CA ASP D 112 34.49 -10.25 31.05
C ASP D 112 35.19 -11.28 31.92
N VAL D 113 34.42 -12.02 32.70
CA VAL D 113 34.97 -13.01 33.62
C VAL D 113 35.35 -14.27 32.84
N GLY D 114 36.51 -14.83 33.16
CA GLY D 114 36.96 -16.04 32.48
C GLY D 114 36.40 -17.28 33.15
N ASP D 115 35.83 -18.17 32.33
CA ASP D 115 35.22 -19.42 32.78
C ASP D 115 34.28 -19.16 33.96
N ALA D 116 33.24 -18.38 33.68
CA ALA D 116 32.37 -17.86 34.73
C ALA D 116 31.66 -18.98 35.48
N TYR D 117 30.86 -19.77 34.76
CA TYR D 117 30.06 -20.81 35.41
C TYR D 117 30.95 -21.80 36.15
N PHE D 118 32.12 -22.10 35.60
CA PHE D 118 33.02 -23.07 36.20
C PHE D 118 33.79 -22.50 37.39
N SER D 119 33.54 -21.25 37.77
CA SER D 119 34.16 -20.64 38.94
C SER D 119 33.23 -20.58 40.14
N VAL D 120 32.02 -21.09 40.02
CA VAL D 120 31.03 -21.07 41.10
C VAL D 120 30.78 -22.51 41.52
N PRO D 121 30.91 -22.83 42.81
CA PRO D 121 30.73 -24.23 43.23
C PRO D 121 29.27 -24.65 43.23
N LEU D 122 29.05 -25.94 43.02
CA LEU D 122 27.73 -26.54 43.02
C LEU D 122 27.46 -27.22 44.35
N ASP D 123 26.18 -27.26 44.73
CA ASP D 123 25.78 -27.94 45.96
C ASP D 123 26.26 -29.38 45.96
N LYS D 124 26.93 -29.77 47.04
CA LYS D 124 27.56 -31.09 47.09
C LYS D 124 26.54 -32.22 47.09
N ASP D 125 25.33 -31.97 47.61
CA ASP D 125 24.28 -32.97 47.59
C ASP D 125 23.66 -33.17 46.22
N PHE D 126 24.00 -32.31 45.25
CA PHE D 126 23.41 -32.36 43.92
C PHE D 126 24.35 -32.89 42.85
N ARG D 127 25.65 -33.01 43.16
CA ARG D 127 26.65 -33.35 42.15
C ARG D 127 26.46 -34.76 41.60
N LYS D 128 25.81 -35.65 42.35
CA LYS D 128 25.60 -37.01 41.89
C LYS D 128 24.74 -37.08 40.65
N TYR D 129 23.94 -36.06 40.38
CA TYR D 129 23.04 -36.06 39.24
C TYR D 129 23.66 -35.49 37.97
N THR D 130 24.86 -34.92 38.07
CA THR D 130 25.54 -34.32 36.92
C THR D 130 26.54 -35.27 36.27
N ALA D 131 26.40 -36.58 36.52
CA ALA D 131 27.36 -37.55 36.01
C ALA D 131 27.30 -37.62 34.48
N PHE D 132 28.45 -37.91 33.88
CA PHE D 132 28.54 -38.06 32.43
C PHE D 132 29.73 -38.96 32.09
N THR D 133 29.78 -39.37 30.83
CA THR D 133 30.76 -40.34 30.35
C THR D 133 31.39 -39.85 29.05
N ILE D 134 32.63 -40.25 28.83
CA ILE D 134 33.40 -39.91 27.63
C ILE D 134 33.94 -41.20 27.04
N PRO D 135 33.75 -41.44 25.74
CA PRO D 135 34.26 -42.66 25.13
C PRO D 135 35.55 -42.44 24.33
N SER D 136 36.02 -43.48 23.64
CA SER D 136 37.19 -43.40 22.77
C SER D 136 37.24 -44.61 21.86
N ILE D 137 37.63 -45.76 22.41
CA ILE D 137 37.61 -47.04 21.72
C ILE D 137 36.67 -47.94 22.51
N ASN D 138 35.56 -48.33 21.88
CA ASN D 138 34.42 -48.88 22.61
C ASN D 138 34.72 -50.21 23.26
N ASN D 139 34.10 -50.43 24.42
CA ASN D 139 34.08 -51.69 25.17
C ASN D 139 35.47 -52.28 25.44
N GLU D 140 36.34 -52.29 24.43
CA GLU D 140 37.75 -52.57 24.70
C GLU D 140 38.28 -51.62 25.77
N THR D 141 37.79 -50.38 25.77
CA THR D 141 38.08 -49.40 26.82
C THR D 141 36.75 -48.79 27.27
N PRO D 142 36.21 -49.21 28.41
CA PRO D 142 35.04 -48.51 28.96
C PRO D 142 35.36 -47.05 29.22
N GLY D 143 34.43 -46.17 28.86
CA GLY D 143 34.69 -44.74 28.88
C GLY D 143 34.92 -44.20 30.28
N ILE D 144 35.51 -43.01 30.32
CA ILE D 144 35.82 -42.35 31.59
C ILE D 144 34.60 -41.58 32.07
N ARG D 145 34.24 -41.73 33.33
CA ARG D 145 33.06 -41.09 33.90
C ARG D 145 33.46 -40.00 34.89
N TYR D 146 32.76 -38.86 34.81
CA TYR D 146 33.00 -37.74 35.70
C TYR D 146 31.69 -37.24 36.27
N GLN D 147 31.81 -36.38 37.28
CA GLN D 147 30.69 -35.61 37.81
C GLN D 147 31.15 -34.19 38.08
N TYR D 148 30.22 -33.25 37.98
CA TYR D 148 30.54 -31.83 38.10
C TYR D 148 30.67 -31.42 39.56
N ASN D 149 31.65 -30.55 39.83
CA ASN D 149 31.76 -29.87 41.11
C ASN D 149 31.34 -28.42 41.03
N VAL D 150 31.20 -27.87 39.83
CA VAL D 150 30.82 -26.47 39.63
C VAL D 150 29.53 -26.40 38.82
N LEU D 151 29.08 -25.20 38.52
CA LEU D 151 27.87 -25.02 37.71
C LEU D 151 28.12 -25.45 36.28
N PRO D 152 27.44 -26.49 35.78
CA PRO D 152 27.66 -26.92 34.40
C PRO D 152 26.86 -26.07 33.42
N MET D 153 27.36 -26.03 32.18
CA MET D 153 26.66 -25.36 31.09
C MET D 153 25.64 -26.32 30.50
N GLY D 154 24.37 -25.92 30.54
CA GLY D 154 23.27 -26.77 30.13
C GLY D 154 22.26 -27.07 31.22
N TRP D 155 22.64 -26.87 32.48
CA TRP D 155 21.72 -27.06 33.59
C TRP D 155 20.89 -25.79 33.79
N LYS D 156 19.59 -25.97 34.02
CA LYS D 156 18.69 -24.82 34.08
C LYS D 156 18.92 -23.95 35.31
N GLY D 157 19.57 -24.48 36.35
CA GLY D 157 19.82 -23.68 37.53
C GLY D 157 21.06 -22.82 37.46
N SER D 158 21.95 -23.10 36.51
CA SER D 158 23.24 -22.39 36.46
C SER D 158 23.10 -20.89 36.27
N PRO D 159 22.31 -20.37 35.31
CA PRO D 159 22.30 -18.90 35.12
C PRO D 159 21.86 -18.12 36.34
N ALA D 160 20.77 -18.53 36.99
CA ALA D 160 20.27 -17.76 38.14
C ALA D 160 21.23 -17.83 39.32
N ILE D 161 21.82 -19.00 39.56
CA ILE D 161 22.74 -19.15 40.68
C ILE D 161 24.01 -18.33 40.43
N PHE D 162 24.53 -18.35 39.19
CA PHE D 162 25.69 -17.52 38.90
C PHE D 162 25.36 -16.05 39.04
N GLN D 163 24.20 -15.62 38.51
CA GLN D 163 23.85 -14.20 38.59
C GLN D 163 23.71 -13.74 40.03
N SER D 164 23.05 -14.54 40.87
CA SER D 164 22.93 -14.20 42.27
C SER D 164 24.29 -14.14 42.95
N SER D 165 25.17 -15.12 42.66
CA SER D 165 26.51 -15.11 43.23
C SER D 165 27.27 -13.85 42.82
N MET D 166 27.21 -13.48 41.54
CA MET D 166 27.90 -12.29 41.06
C MET D 166 27.35 -11.04 41.74
N THR D 167 26.04 -10.96 41.94
CA THR D 167 25.46 -9.81 42.63
C THR D 167 25.98 -9.71 44.05
N LYS D 168 25.97 -10.84 44.78
CA LYS D 168 26.46 -10.81 46.15
C LYS D 168 27.94 -10.45 46.21
N ILE D 169 28.72 -10.90 45.22
CA ILE D 169 30.14 -10.56 45.20
C ILE D 169 30.32 -9.07 44.94
N LEU D 170 29.53 -8.49 44.04
CA LEU D 170 29.70 -7.10 43.65
C LEU D 170 29.14 -6.12 44.67
N GLU D 171 28.19 -6.55 45.52
CA GLU D 171 27.52 -5.61 46.42
C GLU D 171 28.48 -4.79 47.29
N PRO D 172 29.49 -5.37 47.96
CA PRO D 172 30.39 -4.52 48.75
C PRO D 172 31.07 -3.44 47.94
N PHE D 173 31.54 -3.77 46.73
CA PHE D 173 32.20 -2.78 45.90
C PHE D 173 31.24 -1.67 45.49
N ARG D 174 30.00 -2.04 45.14
CA ARG D 174 29.00 -1.03 44.82
C ARG D 174 28.76 -0.10 45.99
N LYS D 175 28.63 -0.67 47.20
CA LYS D 175 28.38 0.16 48.38
C LYS D 175 29.55 1.09 48.66
N GLN D 176 30.77 0.61 48.44
CA GLN D 176 31.96 1.43 48.71
C GLN D 176 32.25 2.45 47.62
N ASN D 177 31.73 2.26 46.41
CA ASN D 177 31.99 3.14 45.27
C ASN D 177 30.67 3.56 44.64
N PRO D 178 29.93 4.45 45.31
CA PRO D 178 28.55 4.72 44.87
C PRO D 178 28.46 5.51 43.57
N ASP D 179 29.51 6.24 43.17
CA ASP D 179 29.49 7.04 41.95
C ASP D 179 30.19 6.36 40.79
N ILE D 180 30.27 5.03 40.81
CA ILE D 180 30.82 4.24 39.73
C ILE D 180 29.75 3.27 39.26
N VAL D 181 29.31 3.41 38.02
CA VAL D 181 28.21 2.60 37.51
C VAL D 181 28.77 1.27 37.00
N ILE D 182 28.10 0.18 37.35
CA ILE D 182 28.51 -1.16 36.97
C ILE D 182 27.28 -1.87 36.40
N TYR D 183 27.16 -1.89 35.08
CA TYR D 183 26.16 -2.71 34.42
C TYR D 183 26.63 -4.16 34.39
N GLN D 184 25.87 -5.04 35.02
CA GLN D 184 26.26 -6.43 35.23
C GLN D 184 25.28 -7.33 34.48
N TYR D 185 25.69 -7.80 33.30
CA TYR D 185 24.88 -8.73 32.52
C TYR D 185 25.66 -10.04 32.38
N MET D 186 25.22 -11.04 33.09
CA MET D 186 25.88 -12.33 33.20
C MET D 186 27.29 -12.10 33.71
N ASP D 187 28.30 -12.62 33.05
CA ASP D 187 29.65 -12.34 33.53
C ASP D 187 30.28 -11.15 32.84
N ASP D 188 29.51 -10.38 32.09
CA ASP D 188 30.01 -9.20 31.40
C ASP D 188 29.71 -7.97 32.24
N LEU D 189 30.72 -7.11 32.40
CA LEU D 189 30.67 -5.97 33.29
C LEU D 189 31.06 -4.71 32.54
N TYR D 190 30.12 -3.77 32.42
CA TYR D 190 30.41 -2.41 31.98
C TYR D 190 30.64 -1.56 33.23
N VAL D 191 31.71 -0.77 33.22
CA VAL D 191 32.09 0.04 34.37
C VAL D 191 32.37 1.46 33.87
N GLY D 192 31.61 2.42 34.38
CA GLY D 192 31.78 3.79 33.96
C GLY D 192 31.92 4.73 35.15
N SER D 193 32.71 5.77 34.95
CA SER D 193 32.92 6.78 35.98
C SER D 193 33.24 8.12 35.33
N ASP D 194 33.12 9.17 36.14
CA ASP D 194 33.56 10.51 35.73
C ASP D 194 34.91 10.87 36.35
N LEU D 195 35.64 9.89 36.86
CA LEU D 195 36.97 10.13 37.40
C LEU D 195 37.95 10.42 36.26
N GLU D 196 39.08 11.02 36.61
CA GLU D 196 40.18 11.08 35.67
C GLU D 196 40.72 9.67 35.44
N ILE D 197 41.38 9.49 34.28
CA ILE D 197 41.71 8.14 33.82
C ILE D 197 42.58 7.39 34.82
N GLY D 198 43.44 8.10 35.56
CA GLY D 198 44.29 7.43 36.53
C GLY D 198 43.49 6.84 37.68
N GLN D 199 42.65 7.67 38.32
CA GLN D 199 41.80 7.19 39.40
C GLN D 199 40.83 6.12 38.90
N HIS D 200 40.34 6.27 37.66
CA HIS D 200 39.46 5.26 37.09
C HIS D 200 40.17 3.91 36.97
N ARG D 201 41.40 3.92 36.43
CA ARG D 201 42.16 2.68 36.32
C ARG D 201 42.45 2.08 37.69
N THR D 202 42.70 2.94 38.69
CA THR D 202 42.87 2.46 40.06
C THR D 202 41.62 1.71 40.52
N LYS D 203 40.44 2.29 40.27
CA LYS D 203 39.21 1.62 40.69
C LYS D 203 39.00 0.31 39.93
N ILE D 204 39.35 0.30 38.64
CA ILE D 204 39.21 -0.92 37.84
C ILE D 204 40.08 -2.02 38.41
N GLU D 205 41.33 -1.70 38.74
CA GLU D 205 42.22 -2.71 39.30
C GLU D 205 41.73 -3.16 40.68
N GLU D 206 41.18 -2.24 41.48
CA GLU D 206 40.54 -2.64 42.72
C GLU D 206 39.48 -3.69 42.48
N LEU D 207 38.57 -3.42 41.53
CA LEU D 207 37.49 -4.36 41.23
C LEU D 207 38.04 -5.71 40.77
N ARG D 208 39.08 -5.69 39.94
CA ARG D 208 39.66 -6.95 39.47
C ARG D 208 40.25 -7.73 40.64
N GLN D 209 40.94 -7.05 41.56
CA GLN D 209 41.47 -7.73 42.73
C GLN D 209 40.36 -8.36 43.56
N HIS D 210 39.27 -7.61 43.77
CA HIS D 210 38.14 -8.14 44.53
C HIS D 210 37.57 -9.40 43.88
N LEU D 211 37.27 -9.30 42.58
CA LEU D 211 36.73 -10.45 41.85
C LEU D 211 37.66 -11.65 41.90
N LEU D 212 38.97 -11.41 41.84
CA LEU D 212 39.92 -12.52 41.91
C LEU D 212 39.97 -13.12 43.31
N ARG D 213 39.85 -12.27 44.34
CA ARG D 213 39.71 -12.77 45.70
C ARG D 213 38.51 -13.70 45.81
N TRP D 214 37.44 -13.41 45.09
CA TRP D 214 36.29 -14.32 45.09
C TRP D 214 36.32 -15.35 43.96
N GLY D 215 37.47 -15.53 43.31
CA GLY D 215 37.63 -16.60 42.34
C GLY D 215 37.24 -16.29 40.92
N PHE D 216 37.04 -15.01 40.58
CA PHE D 216 36.66 -14.61 39.24
C PHE D 216 37.83 -13.90 38.58
N THR D 217 38.47 -14.56 37.62
CA THR D 217 39.52 -13.90 36.85
C THR D 217 38.90 -13.00 35.78
N THR D 218 39.69 -12.03 35.33
CA THR D 218 39.29 -11.13 34.25
C THR D 218 40.47 -11.03 33.29
N PRO D 219 40.57 -11.95 32.32
CA PRO D 219 41.72 -11.93 31.42
C PRO D 219 41.80 -10.64 30.63
N ASP D 220 43.04 -10.25 30.29
CA ASP D 220 43.27 -9.01 29.56
C ASP D 220 42.75 -9.07 28.13
N LYS D 221 42.58 -10.27 27.57
CA LYS D 221 42.07 -10.40 26.21
C LYS D 221 40.63 -9.93 26.11
N LYS D 222 39.82 -10.16 27.15
CA LYS D 222 38.45 -9.68 27.21
C LYS D 222 38.35 -8.36 27.98
N HIS D 223 39.44 -7.60 28.06
CA HIS D 223 39.52 -6.36 28.82
C HIS D 223 39.67 -5.21 27.83
N GLN D 224 38.56 -4.55 27.53
CA GLN D 224 38.55 -3.43 26.60
C GLN D 224 38.82 -2.12 27.34
N LYS D 225 39.77 -1.34 26.83
CA LYS D 225 40.19 -0.11 27.49
C LYS D 225 39.99 1.14 26.65
N GLU D 226 39.78 1.01 25.34
CA GLU D 226 39.63 2.16 24.45
C GLU D 226 38.37 2.01 23.60
N PRO D 227 37.71 3.13 23.32
CA PRO D 227 36.55 3.09 22.42
C PRO D 227 36.99 2.78 20.99
N PRO D 228 36.10 2.19 20.17
CA PRO D 228 34.72 1.82 20.50
C PRO D 228 34.64 0.55 21.34
N PHE D 229 33.68 0.50 22.27
CA PHE D 229 33.52 -0.63 23.17
C PHE D 229 32.41 -1.54 22.66
N LEU D 230 32.76 -2.80 22.39
CA LEU D 230 31.76 -3.77 21.97
C LEU D 230 31.01 -4.26 23.20
N TRP D 231 29.70 -4.02 23.26
CA TRP D 231 28.94 -4.26 24.47
C TRP D 231 27.48 -4.58 24.12
N MET D 232 27.04 -5.79 24.48
CA MET D 232 25.64 -6.20 24.37
C MET D 232 25.13 -6.10 22.93
N GLY D 233 26.01 -6.24 21.96
CA GLY D 233 25.63 -6.14 20.57
C GLY D 233 25.75 -4.75 19.96
N TYR D 234 26.30 -3.80 20.70
CA TYR D 234 26.45 -2.43 20.25
C TYR D 234 27.92 -2.03 20.25
N GLU D 235 28.19 -0.89 19.63
CA GLU D 235 29.49 -0.24 19.66
C GLU D 235 29.32 1.10 20.36
N LEU D 236 29.92 1.23 21.53
CA LEU D 236 29.80 2.43 22.35
C LEU D 236 30.97 3.36 22.03
N HIS D 237 30.64 4.57 21.59
CA HIS D 237 31.58 5.66 21.41
C HIS D 237 31.44 6.64 22.56
N PRO D 238 32.38 7.57 22.71
CA PRO D 238 32.25 8.54 23.82
C PRO D 238 30.94 9.32 23.81
N ASP D 239 30.52 9.82 22.65
CA ASP D 239 29.33 10.66 22.56
C ASP D 239 28.15 10.01 21.86
N LYS D 240 28.33 8.82 21.29
CA LYS D 240 27.26 8.18 20.56
C LYS D 240 27.37 6.67 20.71
N TRP D 241 26.35 5.95 20.26
CA TRP D 241 26.36 4.49 20.24
C TRP D 241 25.72 4.02 18.95
N THR D 242 26.20 2.88 18.45
CA THR D 242 25.67 2.29 17.24
C THR D 242 25.33 0.83 17.49
N VAL D 243 24.50 0.27 16.62
CA VAL D 243 24.26 -1.16 16.63
C VAL D 243 25.33 -1.83 15.78
N GLN D 244 25.69 -3.06 16.14
CA GLN D 244 26.63 -3.80 15.33
C GLN D 244 26.00 -4.11 13.97
N PRO D 245 26.82 -4.27 12.92
CA PRO D 245 26.28 -4.35 11.56
C PRO D 245 25.20 -5.42 11.41
N ILE D 246 24.10 -5.03 10.77
CA ILE D 246 22.96 -5.91 10.55
C ILE D 246 22.95 -6.28 9.07
N VAL D 247 23.14 -7.57 8.78
CA VAL D 247 23.13 -8.06 7.41
C VAL D 247 21.82 -8.81 7.18
N LEU D 248 21.13 -8.47 6.10
CA LEU D 248 19.87 -9.13 5.80
C LEU D 248 20.10 -10.25 4.78
N PRO D 249 19.33 -11.33 4.86
CA PRO D 249 19.39 -12.35 3.81
C PRO D 249 18.93 -11.77 2.47
N GLU D 250 19.59 -12.21 1.40
CA GLU D 250 19.28 -11.75 0.03
C GLU D 250 19.13 -13.01 -0.83
N LYS D 251 17.93 -13.57 -0.82
CA LYS D 251 17.63 -14.82 -1.50
C LYS D 251 16.88 -14.56 -2.80
N ASP D 252 17.09 -15.45 -3.78
CA ASP D 252 16.25 -15.43 -4.97
C ASP D 252 14.92 -16.14 -4.71
N SER D 253 14.96 -17.21 -3.93
CA SER D 253 13.76 -17.93 -3.50
C SER D 253 13.72 -17.95 -1.99
N TRP D 254 12.56 -17.66 -1.42
CA TRP D 254 12.40 -17.49 0.02
C TRP D 254 11.56 -18.61 0.59
N THR D 255 12.01 -19.15 1.72
CA THR D 255 11.22 -20.09 2.52
C THR D 255 10.58 -19.34 3.69
N VAL D 256 9.64 -20.01 4.35
CA VAL D 256 9.03 -19.46 5.56
C VAL D 256 10.11 -19.09 6.57
N ASN D 257 11.09 -19.97 6.75
CA ASN D 257 12.14 -19.74 7.72
C ASN D 257 12.95 -18.49 7.38
N ASP D 258 13.27 -18.30 6.09
CA ASP D 258 13.99 -17.11 5.66
C ASP D 258 13.20 -15.84 5.99
N ILE D 259 11.89 -15.86 5.75
CA ILE D 259 11.07 -14.69 6.06
C ILE D 259 11.06 -14.43 7.57
N GLN D 260 10.94 -15.48 8.37
CA GLN D 260 10.97 -15.31 9.82
C GLN D 260 12.28 -14.67 10.27
N LYS D 261 13.40 -15.14 9.75
CA LYS D 261 14.70 -14.55 10.08
C LYS D 261 14.75 -13.09 9.68
N LEU D 262 14.31 -12.78 8.46
CA LEU D 262 14.32 -11.40 7.97
C LEU D 262 13.50 -10.48 8.88
N VAL D 263 12.28 -10.90 9.21
CA VAL D 263 11.42 -10.10 10.09
C VAL D 263 12.10 -9.90 11.45
N GLY D 264 12.73 -10.95 11.98
CA GLY D 264 13.43 -10.80 13.24
C GLY D 264 14.55 -9.77 13.18
N LYS D 265 15.36 -9.81 12.13
CA LYS D 265 16.45 -8.86 12.00
C LYS D 265 15.94 -7.43 11.80
N LEU D 266 14.81 -7.26 11.11
CA LEU D 266 14.25 -5.92 10.96
C LEU D 266 13.71 -5.40 12.29
N ASN D 267 13.04 -6.27 13.06
CA ASN D 267 12.62 -5.88 14.40
C ASN D 267 13.81 -5.44 15.25
N TRP D 268 14.90 -6.21 15.21
CA TRP D 268 16.10 -5.82 15.93
C TRP D 268 16.64 -4.48 15.43
N ALA D 269 16.53 -4.23 14.12
CA ALA D 269 17.04 -2.98 13.57
C ALA D 269 16.17 -1.79 13.97
N SER D 270 14.89 -2.02 14.27
CA SER D 270 13.97 -0.92 14.48
C SER D 270 14.24 -0.14 15.77
N GLN D 271 15.17 -0.60 16.61
CA GLN D 271 15.46 0.14 17.84
C GLN D 271 16.24 1.42 17.59
N ILE D 272 16.87 1.56 16.43
CA ILE D 272 17.66 2.75 16.14
C ILE D 272 17.39 3.24 14.72
N TYR D 273 16.98 2.34 13.83
CA TYR D 273 16.63 2.71 12.46
C TYR D 273 15.16 3.09 12.42
N ALA D 274 14.89 4.37 12.15
CA ALA D 274 13.53 4.87 12.17
C ALA D 274 12.78 4.46 10.91
N GLY D 275 11.52 4.07 11.09
CA GLY D 275 10.63 3.83 9.98
C GLY D 275 10.55 2.41 9.48
N ILE D 276 11.16 1.45 10.19
CA ILE D 276 11.12 0.06 9.73
C ILE D 276 9.69 -0.46 9.77
N LYS D 277 9.29 -1.18 8.72
CA LYS D 277 7.96 -1.78 8.63
C LYS D 277 8.10 -3.25 8.25
N VAL D 278 7.28 -4.10 8.88
CA VAL D 278 7.38 -5.54 8.66
C VAL D 278 6.01 -6.17 8.43
N ARG D 279 4.97 -5.35 8.26
CA ARG D 279 3.62 -5.88 8.12
C ARG D 279 3.49 -6.75 6.88
N GLN D 280 3.93 -6.23 5.72
CA GLN D 280 3.74 -6.97 4.47
C GLN D 280 4.64 -8.20 4.39
N LEU D 281 5.82 -8.15 4.98
CA LEU D 281 6.67 -9.35 5.01
C LEU D 281 6.09 -10.38 5.98
N SER D 282 5.57 -9.93 7.12
CA SER D 282 4.98 -10.87 8.09
C SER D 282 3.71 -11.52 7.55
N LYS D 283 2.93 -10.79 6.75
CA LYS D 283 1.71 -11.36 6.18
C LYS D 283 1.99 -12.63 5.40
N LEU D 284 3.17 -12.74 4.79
CA LEU D 284 3.53 -13.94 4.04
C LEU D 284 3.61 -15.17 4.93
N LEU D 285 3.77 -14.99 6.24
CA LEU D 285 3.85 -16.13 7.14
C LEU D 285 2.47 -16.70 7.47
N ARG D 286 1.43 -15.88 7.34
CA ARG D 286 0.09 -16.33 7.67
C ARG D 286 -0.36 -17.44 6.74
N GLY D 287 -0.85 -18.54 7.32
CA GLY D 287 -1.43 -19.63 6.55
C GLY D 287 -0.45 -20.69 6.08
N THR D 288 0.84 -20.45 6.19
CA THR D 288 1.82 -21.44 5.75
C THR D 288 1.82 -22.63 6.71
N LYS D 289 2.53 -23.69 6.31
CA LYS D 289 2.44 -24.97 7.03
C LYS D 289 3.79 -25.66 7.26
N ALA D 290 4.91 -25.09 6.83
CA ALA D 290 6.20 -25.73 7.05
C ALA D 290 7.30 -24.69 6.90
N LEU D 291 8.35 -24.84 7.71
CA LEU D 291 9.45 -23.87 7.68
C LEU D 291 10.17 -23.88 6.35
N THR D 292 10.13 -25.00 5.63
CA THR D 292 10.79 -25.13 4.33
C THR D 292 9.84 -24.86 3.16
N GLU D 293 8.61 -24.45 3.43
CA GLU D 293 7.66 -24.14 2.38
C GLU D 293 8.10 -22.88 1.65
N VAL D 294 8.30 -22.98 0.34
CA VAL D 294 8.67 -21.83 -0.46
C VAL D 294 7.51 -20.84 -0.48
N VAL D 295 7.81 -19.57 -0.21
CA VAL D 295 6.82 -18.51 -0.17
C VAL D 295 7.26 -17.41 -1.14
N PRO D 296 6.46 -17.08 -2.16
CA PRO D 296 6.84 -15.98 -3.05
C PRO D 296 6.54 -14.64 -2.41
N LEU D 297 7.45 -13.68 -2.64
CA LEU D 297 7.29 -12.33 -2.11
C LEU D 297 6.27 -11.58 -2.96
N THR D 298 5.20 -11.12 -2.33
CA THR D 298 4.24 -10.28 -3.02
C THR D 298 4.87 -8.93 -3.38
N GLU D 299 4.18 -8.17 -4.23
CA GLU D 299 4.69 -6.87 -4.64
C GLU D 299 4.83 -5.93 -3.44
N GLU D 300 3.82 -5.92 -2.56
CA GLU D 300 3.87 -5.04 -1.41
C GLU D 300 5.00 -5.43 -0.47
N ALA D 301 5.22 -6.74 -0.28
CA ALA D 301 6.35 -7.18 0.53
C ALA D 301 7.67 -6.81 -0.11
N GLU D 302 7.74 -6.84 -1.45
CA GLU D 302 8.95 -6.41 -2.14
C GLU D 302 9.22 -4.93 -1.90
N LEU D 303 8.19 -4.10 -2.03
CA LEU D 303 8.35 -2.66 -1.80
C LEU D 303 8.75 -2.37 -0.36
N GLU D 304 8.12 -3.07 0.59
CA GLU D 304 8.46 -2.90 2.00
C GLU D 304 9.92 -3.27 2.26
N LEU D 305 10.37 -4.40 1.70
CA LEU D 305 11.77 -4.80 1.87
C LEU D 305 12.72 -3.78 1.25
N ALA D 306 12.37 -3.25 0.08
CA ALA D 306 13.22 -2.27 -0.57
C ALA D 306 13.33 -0.99 0.27
N GLU D 307 12.19 -0.54 0.82
CA GLU D 307 12.21 0.64 1.70
C GLU D 307 13.08 0.38 2.93
N ASN D 308 12.92 -0.79 3.55
CA ASN D 308 13.74 -1.12 4.71
C ASN D 308 15.22 -1.13 4.37
N ARG D 309 15.58 -1.68 3.20
CA ARG D 309 16.98 -1.70 2.79
C ARG D 309 17.52 -0.29 2.58
N GLU D 310 16.72 0.58 1.95
CA GLU D 310 17.11 1.97 1.79
C GLU D 310 17.34 2.64 3.14
N ILE D 311 16.51 2.31 4.13
CA ILE D 311 16.71 2.84 5.47
C ILE D 311 18.00 2.31 6.07
N LEU D 312 18.28 1.03 5.86
CA LEU D 312 19.43 0.39 6.51
C LEU D 312 20.76 0.77 5.88
N LYS D 313 20.75 1.24 4.63
CA LYS D 313 22.02 1.63 4.01
C LYS D 313 22.57 2.92 4.60
N GLU D 314 21.72 3.75 5.22
CA GLU D 314 22.16 5.03 5.76
C GLU D 314 22.84 4.84 7.12
N PRO D 315 23.86 5.63 7.43
CA PRO D 315 24.47 5.55 8.76
C PRO D 315 23.58 6.19 9.82
N VAL D 316 23.49 5.55 10.98
CA VAL D 316 22.64 6.00 12.06
C VAL D 316 23.35 5.76 13.39
N HIS D 317 22.98 6.53 14.40
CA HIS D 317 23.53 6.37 15.74
C HIS D 317 22.53 6.92 16.75
N GLY D 318 22.58 6.38 17.96
CA GLY D 318 21.86 6.92 19.08
C GLY D 318 22.79 7.70 19.98
N VAL D 319 22.19 8.51 20.87
CA VAL D 319 22.97 9.27 21.83
C VAL D 319 22.69 8.74 23.22
N TYR D 320 23.34 9.32 24.23
CA TYR D 320 23.22 8.88 25.61
C TYR D 320 22.24 9.77 26.37
N TYR D 321 21.85 9.31 27.56
CA TYR D 321 20.78 9.91 28.33
C TYR D 321 21.31 11.05 29.20
N ASP D 322 20.59 12.18 29.18
CA ASP D 322 20.90 13.34 30.02
C ASP D 322 19.80 13.48 31.06
N PRO D 323 20.05 13.14 32.33
CA PRO D 323 18.96 13.20 33.32
C PRO D 323 18.45 14.60 33.59
N SER D 324 19.21 15.63 33.24
CA SER D 324 18.80 17.01 33.49
C SER D 324 17.83 17.54 32.45
N LYS D 325 17.42 16.72 31.48
CA LYS D 325 16.55 17.17 30.41
C LYS D 325 15.36 16.23 30.28
N ASP D 326 14.29 16.75 29.68
CA ASP D 326 13.07 15.99 29.52
C ASP D 326 13.22 14.92 28.45
N LEU D 327 12.46 13.84 28.61
CA LEU D 327 12.35 12.81 27.58
C LEU D 327 11.18 13.13 26.67
N ILE D 328 11.43 13.06 25.36
CA ILE D 328 10.41 13.39 24.36
C ILE D 328 10.25 12.20 23.44
N ALA D 329 9.01 11.74 23.27
CA ALA D 329 8.64 10.66 22.37
C ALA D 329 7.67 11.20 21.34
N GLU D 330 8.03 11.07 20.07
CA GLU D 330 7.19 11.51 18.97
C GLU D 330 6.73 10.30 18.17
N ILE D 331 5.46 10.31 17.75
CA ILE D 331 4.88 9.17 17.05
C ILE D 331 4.40 9.58 15.66
N GLN D 332 4.58 8.68 14.70
CA GLN D 332 4.01 8.83 13.36
C GLN D 332 3.25 7.56 12.97
N LYS D 333 2.15 7.77 12.25
CA LYS D 333 1.35 6.70 11.68
C LYS D 333 1.86 6.35 10.29
N GLN D 334 1.87 5.05 9.99
CA GLN D 334 2.40 4.56 8.72
C GLN D 334 1.38 3.79 7.90
N GLY D 335 0.16 3.61 8.40
CA GLY D 335 -0.84 2.88 7.65
C GLY D 335 -0.89 1.41 8.04
N GLN D 336 -2.07 0.83 7.90
CA GLN D 336 -2.32 -0.59 8.18
C GLN D 336 -1.94 -0.96 9.60
N GLY D 337 -2.27 -0.07 10.55
CA GLY D 337 -1.99 -0.36 11.94
C GLY D 337 -0.53 -0.34 12.33
N GLN D 338 0.32 0.32 11.55
CA GLN D 338 1.74 0.43 11.82
C GLN D 338 2.06 1.82 12.35
N TRP D 339 2.92 1.88 13.36
CA TRP D 339 3.30 3.13 13.99
C TRP D 339 4.79 3.08 14.28
N THR D 340 5.48 4.21 14.09
CA THR D 340 6.88 4.30 14.48
C THR D 340 7.05 5.50 15.41
N TYR D 341 8.07 5.41 16.27
CA TYR D 341 8.29 6.47 17.24
C TYR D 341 9.78 6.73 17.42
N GLN D 342 10.08 7.95 17.83
CA GLN D 342 11.44 8.37 18.15
C GLN D 342 11.47 8.93 19.56
N ILE D 343 12.49 8.56 20.32
CA ILE D 343 12.71 9.06 21.67
C ILE D 343 14.04 9.80 21.69
N TYR D 344 13.98 11.09 22.04
CA TYR D 344 15.12 11.99 22.03
C TYR D 344 14.95 13.01 23.16
N GLN D 345 15.97 13.85 23.32
CA GLN D 345 15.95 14.98 24.25
C GLN D 345 16.23 16.30 23.55
N GLU D 346 17.27 16.33 22.71
CA GLU D 346 17.61 17.40 21.78
C GLU D 346 17.07 17.05 20.40
N PRO D 347 16.55 18.03 19.66
CA PRO D 347 15.98 17.75 18.34
C PRO D 347 16.98 17.06 17.42
N PHE D 348 16.49 16.06 16.68
CA PHE D 348 17.27 15.33 15.69
C PHE D 348 18.45 14.59 16.32
N LYS D 349 18.35 14.25 17.61
CA LYS D 349 19.37 13.47 18.32
C LYS D 349 18.65 12.36 19.07
N ASN D 350 18.26 11.32 18.34
CA ASN D 350 17.47 10.24 18.91
C ASN D 350 18.26 9.48 19.97
N LEU D 351 17.62 9.25 21.11
CA LEU D 351 18.10 8.22 22.03
C LEU D 351 17.83 6.84 21.49
N LYS D 352 16.60 6.61 21.01
CA LYS D 352 16.30 5.35 20.33
C LYS D 352 15.04 5.54 19.51
N THR D 353 14.69 4.51 18.74
CA THR D 353 13.47 4.51 17.95
C THR D 353 12.70 3.22 18.23
N GLY D 354 11.53 3.09 17.62
CA GLY D 354 10.79 1.86 17.78
C GLY D 354 9.55 1.84 16.91
N LYS D 355 8.81 0.74 17.04
CA LYS D 355 7.61 0.52 16.24
C LYS D 355 6.56 -0.21 17.08
N TYR D 356 5.30 0.08 16.79
CA TYR D 356 4.17 -0.66 17.33
C TYR D 356 3.27 -1.06 16.17
N ALA D 357 2.96 -2.35 16.08
CA ALA D 357 2.14 -2.82 14.97
C ALA D 357 1.20 -3.96 15.36
N ARG D 358 0.98 -4.21 16.64
CA ARG D 358 0.13 -5.32 17.05
C ARG D 358 -1.32 -5.04 16.69
N MET D 359 -2.00 -6.06 16.15
CA MET D 359 -3.42 -5.97 15.81
C MET D 359 -4.21 -6.53 17.00
N LYS D 360 -4.72 -5.63 17.83
CA LYS D 360 -5.43 -6.01 19.04
C LYS D 360 -6.94 -5.85 18.82
N GLY D 361 -7.66 -6.94 18.93
CA GLY D 361 -9.10 -6.91 18.72
C GLY D 361 -9.48 -7.08 17.27
N ALA D 362 -10.68 -7.63 17.06
CA ALA D 362 -11.18 -7.82 15.70
C ALA D 362 -11.61 -6.50 15.06
N HIS D 363 -12.07 -5.55 15.89
CA HIS D 363 -12.51 -4.25 15.41
C HIS D 363 -11.91 -3.17 16.30
N THR D 364 -11.28 -2.18 15.68
CA THR D 364 -10.63 -1.11 16.43
C THR D 364 -10.57 0.13 15.54
N ASN D 365 -9.94 1.19 16.06
CA ASN D 365 -9.75 2.41 15.28
C ASN D 365 -8.37 2.99 15.58
N ASP D 366 -8.03 4.09 14.90
CA ASP D 366 -6.71 4.67 15.00
C ASP D 366 -6.44 5.27 16.38
N VAL D 367 -7.48 5.78 17.05
CA VAL D 367 -7.26 6.41 18.35
C VAL D 367 -6.91 5.35 19.40
N LYS D 368 -7.59 4.21 19.37
CA LYS D 368 -7.23 3.11 20.26
C LYS D 368 -5.80 2.66 20.03
N GLN D 369 -5.39 2.51 18.77
CA GLN D 369 -4.05 2.04 18.47
C GLN D 369 -3.00 3.07 18.86
N LEU D 370 -3.31 4.35 18.71
CA LEU D 370 -2.40 5.39 19.20
C LEU D 370 -2.27 5.31 20.72
N THR D 371 -3.37 5.03 21.41
CA THR D 371 -3.31 4.85 22.86
C THR D 371 -2.43 3.66 23.23
N GLU D 372 -2.55 2.56 22.48
CA GLU D 372 -1.72 1.39 22.75
C GLU D 372 -0.24 1.68 22.51
N ALA D 373 0.06 2.40 21.43
CA ALA D 373 1.45 2.78 21.16
C ALA D 373 2.00 3.67 22.26
N VAL D 374 1.20 4.63 22.73
CA VAL D 374 1.61 5.48 23.83
C VAL D 374 1.91 4.64 25.06
N GLN D 375 1.08 3.63 25.33
CA GLN D 375 1.29 2.81 26.51
C GLN D 375 2.55 1.95 26.40
N LYS D 376 2.80 1.39 25.22
CA LYS D 376 4.05 0.65 25.00
C LYS D 376 5.25 1.55 25.23
N ILE D 377 5.22 2.76 24.66
CA ILE D 377 6.35 3.68 24.82
C ILE D 377 6.54 4.04 26.28
N ALA D 378 5.44 4.26 27.01
CA ALA D 378 5.55 4.62 28.42
C ALA D 378 6.18 3.49 29.23
N THR D 379 5.75 2.25 29.00
CA THR D 379 6.34 1.13 29.71
C THR D 379 7.82 0.99 29.40
N GLU D 380 8.17 1.07 28.10
CA GLU D 380 9.58 1.01 27.71
C GLU D 380 10.39 2.11 28.39
N SER D 381 9.82 3.30 28.49
CA SER D 381 10.53 4.42 29.10
C SER D 381 10.72 4.21 30.60
N ILE D 382 9.72 3.64 31.28
CA ILE D 382 9.91 3.28 32.68
C ILE D 382 11.04 2.27 32.82
N VAL D 383 11.09 1.29 31.91
CA VAL D 383 12.12 0.25 32.01
C VAL D 383 13.50 0.86 31.82
N ILE D 384 13.66 1.71 30.80
CA ILE D 384 15.00 2.17 30.42
C ILE D 384 15.45 3.33 31.31
N TRP D 385 14.63 4.38 31.41
CA TRP D 385 15.03 5.60 32.09
C TRP D 385 14.33 5.82 33.42
N GLY D 386 13.37 4.97 33.78
CA GLY D 386 12.68 5.11 35.06
C GLY D 386 11.68 6.24 35.13
N LYS D 387 11.30 6.83 34.00
CA LYS D 387 10.31 7.89 33.99
C LYS D 387 9.60 7.88 32.64
N THR D 388 8.45 8.55 32.59
CA THR D 388 7.56 8.71 31.45
C THR D 388 7.98 9.93 30.63
N PRO D 389 8.01 9.81 29.30
CA PRO D 389 8.39 10.95 28.47
C PRO D 389 7.19 11.86 28.18
N LYS D 390 7.51 13.05 27.70
CA LYS D 390 6.49 13.93 27.13
C LYS D 390 6.23 13.53 25.69
N PHE D 391 4.97 13.56 25.29
CA PHE D 391 4.55 12.98 24.01
C PHE D 391 4.24 14.05 22.98
N LYS D 392 4.59 13.76 21.73
CA LYS D 392 4.25 14.57 20.57
C LYS D 392 3.55 13.65 19.57
N LEU D 393 2.26 13.90 19.37
CA LEU D 393 1.33 13.02 18.72
C LEU D 393 0.63 13.72 17.56
N PRO D 394 0.43 13.02 16.44
CA PRO D 394 -0.30 13.60 15.30
C PRO D 394 -1.81 13.45 15.44
N ILE D 395 -2.35 14.01 16.54
CA ILE D 395 -3.78 13.97 16.80
C ILE D 395 -4.19 15.33 17.38
N GLN D 396 -5.30 15.86 16.89
CA GLN D 396 -5.79 17.13 17.40
C GLN D 396 -6.34 16.96 18.81
N LYS D 397 -6.18 18.01 19.63
CA LYS D 397 -6.81 18.03 20.94
C LYS D 397 -8.31 17.81 20.83
N GLU D 398 -8.93 18.43 19.82
CA GLU D 398 -10.37 18.31 19.64
C GLU D 398 -10.77 16.88 19.32
N THR D 399 -9.99 16.20 18.48
CA THR D 399 -10.27 14.80 18.17
C THR D 399 -10.24 13.94 19.42
N TRP D 400 -9.19 14.08 20.24
CA TRP D 400 -9.09 13.29 21.46
C TRP D 400 -10.21 13.62 22.42
N GLU D 401 -10.58 14.91 22.54
CA GLU D 401 -11.68 15.27 23.42
C GLU D 401 -12.98 14.64 22.97
N ALA D 402 -13.22 14.62 21.65
CA ALA D 402 -14.42 13.97 21.12
C ALA D 402 -14.41 12.47 21.40
N TRP D 403 -13.23 11.84 21.30
CA TRP D 403 -13.14 10.40 21.59
C TRP D 403 -13.41 10.12 23.06
N TRP D 404 -12.67 10.81 23.94
CA TRP D 404 -12.86 10.65 25.38
C TRP D 404 -14.30 10.92 25.81
N THR D 405 -14.97 11.84 25.12
CA THR D 405 -16.38 12.09 25.42
C THR D 405 -17.26 10.95 24.94
N GLU D 406 -17.12 10.55 23.67
CA GLU D 406 -18.03 9.57 23.09
C GLU D 406 -17.80 8.15 23.60
N TYR D 407 -16.60 7.84 24.08
CA TYR D 407 -16.27 6.47 24.46
C TYR D 407 -16.62 6.20 25.91
N TRP D 408 -17.21 5.04 26.16
CA TRP D 408 -17.77 4.71 27.47
C TRP D 408 -16.76 4.08 28.42
N GLN D 409 -15.57 3.74 27.96
CA GLN D 409 -14.53 3.21 28.84
C GLN D 409 -13.58 4.34 29.24
N ALA D 410 -13.02 4.21 30.44
CA ALA D 410 -12.03 5.16 30.90
C ALA D 410 -10.77 5.04 30.04
N THR D 411 -10.31 6.17 29.51
CA THR D 411 -9.08 6.18 28.73
C THR D 411 -8.36 7.49 28.98
N TRP D 412 -7.05 7.49 28.69
CA TRP D 412 -6.24 8.64 29.02
C TRP D 412 -4.90 8.53 28.31
N ILE D 413 -4.30 9.68 28.04
CA ILE D 413 -2.93 9.78 27.53
C ILE D 413 -2.22 10.85 28.33
N PRO D 414 -0.97 10.64 28.75
CA PRO D 414 -0.29 11.67 29.56
C PRO D 414 -0.04 12.96 28.81
N GLU D 415 0.74 13.86 29.42
CA GLU D 415 0.95 15.19 28.85
C GLU D 415 1.49 15.10 27.42
N TRP D 416 0.79 15.73 26.49
CA TRP D 416 1.17 15.65 25.08
C TRP D 416 0.78 16.94 24.38
N GLU D 417 1.54 17.28 23.34
CA GLU D 417 1.25 18.43 22.50
C GLU D 417 1.09 17.97 21.05
N PHE D 418 0.22 18.66 20.33
CA PHE D 418 -0.09 18.28 18.96
C PHE D 418 1.04 18.66 18.01
N VAL D 419 1.40 17.73 17.14
CA VAL D 419 2.39 17.95 16.09
C VAL D 419 1.75 17.65 14.74
N ASN D 420 1.89 18.57 13.80
CA ASN D 420 1.21 18.48 12.50
C ASN D 420 2.10 17.70 11.54
N THR D 421 2.05 16.38 11.66
CA THR D 421 2.76 15.47 10.76
C THR D 421 1.72 14.56 10.10
N PRO D 422 1.19 14.96 8.94
CA PRO D 422 0.21 14.11 8.26
C PRO D 422 0.83 12.78 7.89
N PRO D 423 0.02 11.70 7.86
CA PRO D 423 -1.42 11.69 8.14
C PRO D 423 -1.75 11.79 9.62
N LEU D 424 -2.72 12.64 9.96
CA LEU D 424 -3.12 12.83 11.35
C LEU D 424 -4.07 11.73 11.79
N VAL D 425 -4.04 11.43 13.08
CA VAL D 425 -5.01 10.51 13.68
C VAL D 425 -6.32 11.25 13.86
N LYS D 426 -7.42 10.65 13.37
CA LYS D 426 -8.71 11.32 13.45
C LYS D 426 -9.80 10.27 13.60
N LEU D 427 -10.99 10.75 13.99
CA LEU D 427 -12.19 9.94 13.99
C LEU D 427 -12.85 10.06 12.62
N TRP D 428 -13.10 8.91 11.98
CA TRP D 428 -13.56 8.91 10.60
C TRP D 428 -15.08 9.09 10.48
N TYR D 429 -15.79 9.06 11.59
CA TYR D 429 -17.22 9.36 11.64
C TYR D 429 -17.62 9.43 13.11
N GLN D 430 -18.64 10.24 13.40
CA GLN D 430 -19.16 10.38 14.75
C GLN D 430 -20.67 10.20 14.71
N LEU D 431 -21.15 9.16 15.38
CA LEU D 431 -22.58 8.90 15.44
C LEU D 431 -23.29 10.06 16.17
N GLU D 432 -24.51 10.36 15.73
CA GLU D 432 -25.29 11.40 16.36
C GLU D 432 -25.72 10.97 17.76
N LYS D 433 -25.77 11.94 18.67
CA LYS D 433 -26.22 11.67 20.03
C LYS D 433 -27.74 11.70 20.15
N GLU D 434 -28.43 12.38 19.25
CA GLU D 434 -29.88 12.50 19.24
C GLU D 434 -30.40 12.14 17.87
N PRO D 435 -31.65 11.67 17.77
CA PRO D 435 -32.24 11.38 16.46
C PRO D 435 -32.32 12.64 15.61
N ILE D 436 -32.25 12.44 14.29
CA ILE D 436 -32.13 13.54 13.34
C ILE D 436 -33.52 13.92 12.84
N ILE D 437 -33.92 15.15 13.10
CA ILE D 437 -35.17 15.67 12.56
C ILE D 437 -35.04 15.83 11.05
N GLY D 438 -35.95 15.20 10.31
CA GLY D 438 -35.96 15.29 8.87
C GLY D 438 -35.35 14.10 8.15
N ALA D 439 -34.73 13.17 8.88
CA ALA D 439 -34.12 12.00 8.29
C ALA D 439 -35.04 10.79 8.42
N GLU D 440 -34.91 9.87 7.46
CA GLU D 440 -35.71 8.66 7.47
C GLU D 440 -35.32 7.76 8.63
N THR D 441 -36.28 7.01 9.14
CA THR D 441 -36.08 6.08 10.26
C THR D 441 -36.23 4.65 9.76
N PHE D 442 -35.14 3.89 9.82
CA PHE D 442 -35.11 2.50 9.41
C PHE D 442 -35.16 1.61 10.64
N TYR D 443 -36.19 0.77 10.73
CA TYR D 443 -36.23 -0.32 11.70
C TYR D 443 -35.71 -1.56 11.00
N VAL D 444 -34.56 -2.07 11.47
CA VAL D 444 -33.87 -3.16 10.80
C VAL D 444 -33.93 -4.41 11.67
N ASP D 445 -33.81 -5.57 11.02
CA ASP D 445 -33.68 -6.82 11.75
C ASP D 445 -33.18 -7.90 10.80
N GLY D 446 -32.52 -8.89 11.37
CA GLY D 446 -32.10 -10.06 10.63
C GLY D 446 -32.23 -11.30 11.48
N ALA D 447 -32.33 -12.44 10.82
CA ALA D 447 -32.47 -13.70 11.53
C ALA D 447 -31.98 -14.85 10.66
N ALA D 448 -31.55 -15.93 11.30
CA ALA D 448 -31.03 -17.08 10.58
C ALA D 448 -31.38 -18.35 11.33
N ASN D 449 -31.82 -19.37 10.58
CA ASN D 449 -32.02 -20.68 11.17
C ASN D 449 -30.67 -21.34 11.43
N ARG D 450 -30.52 -21.92 12.61
CA ARG D 450 -29.23 -22.52 12.98
C ARG D 450 -28.89 -23.70 12.09
N GLU D 451 -29.90 -24.45 11.64
CA GLU D 451 -29.64 -25.70 10.93
C GLU D 451 -29.27 -25.47 9.47
N THR D 452 -30.09 -24.71 8.75
CA THR D 452 -29.87 -24.55 7.31
C THR D 452 -28.83 -23.49 6.99
N LYS D 453 -28.34 -22.74 7.98
CA LYS D 453 -27.35 -21.68 7.78
C LYS D 453 -27.82 -20.65 6.77
N LEU D 454 -29.13 -20.53 6.57
CA LEU D 454 -29.74 -19.52 5.72
C LEU D 454 -30.48 -18.51 6.59
N GLY D 455 -30.60 -17.29 6.07
CA GLY D 455 -31.24 -16.25 6.86
C GLY D 455 -31.83 -15.17 5.99
N LYS D 456 -32.34 -14.13 6.66
CA LYS D 456 -32.89 -12.96 6.00
C LYS D 456 -32.47 -11.72 6.77
N ALA D 457 -32.50 -10.59 6.06
CA ALA D 457 -32.24 -9.29 6.69
C ALA D 457 -33.05 -8.23 5.99
N GLY D 458 -33.73 -7.37 6.75
CA GLY D 458 -34.60 -6.39 6.13
C GLY D 458 -34.85 -5.19 7.02
N TYR D 459 -35.64 -4.27 6.48
CA TYR D 459 -35.97 -3.02 7.15
C TYR D 459 -37.36 -2.56 6.74
N VAL D 460 -38.00 -1.81 7.63
CA VAL D 460 -39.17 -0.98 7.31
C VAL D 460 -38.80 0.45 7.66
N THR D 461 -39.45 1.42 7.01
CA THR D 461 -39.17 2.81 7.29
C THR D 461 -40.45 3.58 7.59
N ASP D 462 -40.29 4.68 8.32
CA ASP D 462 -41.40 5.57 8.63
C ASP D 462 -41.96 6.26 7.39
N ARG D 463 -41.26 6.18 6.25
CA ARG D 463 -41.75 6.72 4.99
C ARG D 463 -42.41 5.65 4.13
N GLY D 464 -42.79 4.52 4.72
CA GLY D 464 -43.48 3.46 4.02
C GLY D 464 -42.58 2.47 3.32
N ARG D 465 -41.32 2.81 3.11
CA ARG D 465 -40.40 1.92 2.40
C ARG D 465 -40.14 0.66 3.23
N GLN D 466 -39.76 -0.41 2.52
CA GLN D 466 -39.62 -1.73 3.13
C GLN D 466 -38.81 -2.61 2.19
N LYS D 467 -37.99 -3.49 2.75
CA LYS D 467 -37.19 -4.39 1.93
C LYS D 467 -36.69 -5.56 2.75
N VAL D 468 -36.64 -6.74 2.12
CA VAL D 468 -36.09 -7.96 2.72
C VAL D 468 -35.14 -8.60 1.73
N VAL D 469 -34.07 -9.19 2.24
CA VAL D 469 -33.02 -9.81 1.41
C VAL D 469 -32.66 -11.18 1.97
N PRO D 470 -32.51 -12.19 1.12
CA PRO D 470 -32.09 -13.52 1.58
C PRO D 470 -30.57 -13.62 1.72
N LEU D 471 -30.15 -14.61 2.51
CA LEU D 471 -28.76 -14.81 2.87
C LEU D 471 -28.47 -16.30 3.03
N THR D 472 -27.24 -16.68 2.72
CA THR D 472 -26.76 -18.05 2.86
C THR D 472 -25.45 -18.04 3.63
N ASP D 473 -25.18 -19.16 4.32
CA ASP D 473 -23.96 -19.37 5.09
C ASP D 473 -23.71 -18.20 6.05
N THR D 474 -24.55 -18.17 7.09
CA THR D 474 -24.63 -17.01 7.96
C THR D 474 -25.04 -17.43 9.35
N THR D 475 -25.15 -16.43 10.23
CA THR D 475 -25.61 -16.60 11.61
C THR D 475 -26.55 -15.44 11.93
N ASN D 476 -27.06 -15.42 13.16
CA ASN D 476 -27.92 -14.31 13.58
C ASN D 476 -27.13 -13.01 13.64
N GLN D 477 -25.98 -13.03 14.29
CA GLN D 477 -25.12 -11.85 14.36
C GLN D 477 -24.85 -11.28 12.98
N LYS D 478 -24.45 -12.15 12.04
CA LYS D 478 -24.16 -11.69 10.69
C LYS D 478 -25.40 -11.14 9.99
N THR D 479 -26.58 -11.70 10.28
CA THR D 479 -27.79 -11.16 9.65
C THR D 479 -28.13 -9.78 10.20
N GLU D 480 -27.87 -9.55 11.49
CA GLU D 480 -28.10 -8.23 12.05
C GLU D 480 -27.15 -7.20 11.46
N LEU D 481 -25.86 -7.53 11.42
CA LEU D 481 -24.89 -6.66 10.75
C LEU D 481 -25.30 -6.41 9.30
N GLN D 482 -25.79 -7.44 8.61
CA GLN D 482 -26.21 -7.29 7.23
C GLN D 482 -27.43 -6.39 7.10
N ALA D 483 -28.32 -6.41 8.10
CA ALA D 483 -29.47 -5.52 8.09
C ALA D 483 -29.04 -4.07 8.23
N ILE D 484 -28.07 -3.81 9.12
CA ILE D 484 -27.53 -2.46 9.22
C ILE D 484 -26.87 -2.04 7.91
N HIS D 485 -26.11 -2.95 7.30
CA HIS D 485 -25.51 -2.68 6.00
C HIS D 485 -26.56 -2.32 4.96
N LEU D 486 -27.68 -3.04 4.96
CA LEU D 486 -28.74 -2.78 3.99
C LEU D 486 -29.38 -1.42 4.23
N ALA D 487 -29.64 -1.08 5.50
CA ALA D 487 -30.24 0.23 5.79
C ALA D 487 -29.31 1.36 5.39
N LEU D 488 -28.02 1.22 5.67
CA LEU D 488 -27.06 2.22 5.21
C LEU D 488 -27.01 2.28 3.69
N GLN D 489 -27.24 1.16 3.01
CA GLN D 489 -27.15 1.12 1.56
C GLN D 489 -28.27 1.91 0.90
N ASP D 490 -29.51 1.78 1.42
CA ASP D 490 -30.70 2.33 0.77
C ASP D 490 -31.20 3.61 1.44
N SER D 491 -30.31 4.40 2.03
CA SER D 491 -30.70 5.61 2.73
C SER D 491 -29.94 6.81 2.20
N GLY D 492 -30.44 8.00 2.51
CA GLY D 492 -29.78 9.22 2.15
C GLY D 492 -28.55 9.46 3.00
N LEU D 493 -28.05 10.70 2.91
CA LEU D 493 -26.85 11.06 3.66
C LEU D 493 -27.11 11.17 5.16
N GLU D 494 -28.37 11.31 5.57
CA GLU D 494 -28.78 11.34 6.97
C GLU D 494 -29.81 10.25 7.20
N VAL D 495 -29.65 9.50 8.30
CA VAL D 495 -30.51 8.35 8.56
C VAL D 495 -30.50 8.03 10.04
N ASN D 496 -31.66 7.63 10.55
CA ASN D 496 -31.80 7.02 11.87
C ASN D 496 -32.00 5.52 11.68
N ILE D 497 -31.37 4.71 12.53
CA ILE D 497 -31.46 3.26 12.44
C ILE D 497 -31.76 2.69 13.82
N VAL D 498 -32.70 1.74 13.87
CA VAL D 498 -33.14 1.10 15.09
C VAL D 498 -32.95 -0.40 14.95
N THR D 499 -32.26 -1.00 15.90
CA THR D 499 -31.96 -2.42 15.90
C THR D 499 -32.17 -2.98 17.29
N ASP D 500 -32.24 -4.32 17.38
CA ASP D 500 -32.35 -5.01 18.66
C ASP D 500 -31.10 -5.84 18.97
N SER D 501 -30.08 -5.77 18.12
CA SER D 501 -28.87 -6.57 18.28
C SER D 501 -27.88 -5.83 19.17
N GLN D 502 -27.71 -6.32 20.40
CA GLN D 502 -26.67 -5.76 21.26
C GLN D 502 -25.28 -6.01 20.69
N TYR D 503 -25.13 -7.08 19.92
CA TYR D 503 -23.83 -7.38 19.31
C TYR D 503 -23.43 -6.33 18.29
N ALA D 504 -24.26 -6.16 17.26
CA ALA D 504 -23.96 -5.18 16.22
C ALA D 504 -23.84 -3.78 16.80
N LEU D 505 -24.75 -3.41 17.71
CA LEU D 505 -24.67 -2.09 18.33
C LEU D 505 -23.38 -1.94 19.11
N GLY D 506 -22.98 -2.99 19.84
CA GLY D 506 -21.72 -2.92 20.56
C GLY D 506 -20.52 -2.71 19.66
N ILE D 507 -20.53 -3.35 18.48
CA ILE D 507 -19.43 -3.16 17.55
C ILE D 507 -19.43 -1.75 16.98
N ILE D 508 -20.60 -1.26 16.55
CA ILE D 508 -20.63 0.00 15.82
C ILE D 508 -20.49 1.21 16.75
N GLN D 509 -21.00 1.11 17.98
CA GLN D 509 -20.92 2.23 18.91
C GLN D 509 -19.49 2.59 19.24
N ALA D 510 -18.57 1.62 19.21
CA ALA D 510 -17.17 1.89 19.48
C ALA D 510 -16.47 2.60 18.32
N GLN D 511 -17.20 2.93 17.26
CA GLN D 511 -16.69 3.70 16.13
C GLN D 511 -15.41 3.11 15.53
N PRO D 512 -15.44 1.85 15.09
CA PRO D 512 -14.23 1.27 14.48
C PRO D 512 -14.00 1.84 13.09
N ASP D 513 -12.72 2.02 12.74
CA ASP D 513 -12.36 2.41 11.38
C ASP D 513 -11.67 1.31 10.61
N LYS D 514 -11.42 0.16 11.25
CA LYS D 514 -10.81 -0.98 10.58
C LYS D 514 -11.30 -2.25 11.28
N SER D 515 -11.31 -3.35 10.53
CA SER D 515 -11.83 -4.61 11.06
C SER D 515 -11.30 -5.76 10.23
N GLU D 516 -11.13 -6.92 10.88
CA GLU D 516 -10.78 -8.13 10.17
C GLU D 516 -11.97 -8.76 9.46
N SER D 517 -13.18 -8.29 9.75
CA SER D 517 -14.38 -8.74 9.05
C SER D 517 -14.61 -7.87 7.83
N GLU D 518 -14.88 -8.53 6.70
CA GLU D 518 -15.17 -7.77 5.48
C GLU D 518 -16.51 -7.05 5.59
N LEU D 519 -17.49 -7.69 6.22
CA LEU D 519 -18.80 -7.06 6.40
C LEU D 519 -18.70 -5.80 7.25
N VAL D 520 -18.02 -5.90 8.39
CA VAL D 520 -17.82 -4.73 9.24
C VAL D 520 -17.03 -3.65 8.51
N SER D 521 -16.09 -4.04 7.65
CA SER D 521 -15.35 -3.05 6.87
C SER D 521 -16.25 -2.32 5.91
N GLN D 522 -17.13 -3.06 5.21
CA GLN D 522 -18.11 -2.42 4.34
C GLN D 522 -18.99 -1.44 5.11
N ILE D 523 -19.50 -1.87 6.27
CA ILE D 523 -20.32 -0.99 7.08
C ILE D 523 -19.55 0.26 7.47
N ILE D 524 -18.28 0.10 7.85
CA ILE D 524 -17.45 1.24 8.21
C ILE D 524 -17.35 2.21 7.04
N GLU D 525 -17.13 1.68 5.84
CA GLU D 525 -17.05 2.52 4.65
C GLU D 525 -18.33 3.31 4.45
N GLN D 526 -19.48 2.64 4.58
CA GLN D 526 -20.77 3.32 4.44
C GLN D 526 -20.92 4.43 5.48
N LEU D 527 -20.57 4.13 6.74
CA LEU D 527 -20.70 5.13 7.80
C LEU D 527 -19.81 6.34 7.53
N ILE D 528 -18.62 6.10 6.98
CA ILE D 528 -17.75 7.22 6.61
C ILE D 528 -18.37 8.04 5.50
N LYS D 529 -19.07 7.39 4.56
CA LYS D 529 -19.68 8.13 3.46
C LYS D 529 -20.88 8.96 3.92
N LYS D 530 -21.54 8.56 5.00
CA LYS D 530 -22.76 9.24 5.44
C LYS D 530 -22.44 10.61 6.01
N GLU D 531 -23.47 11.47 6.06
CA GLU D 531 -23.34 12.79 6.67
C GLU D 531 -23.76 12.77 8.14
N LYS D 532 -24.87 12.11 8.46
CA LYS D 532 -25.34 11.97 9.84
C LYS D 532 -25.99 10.61 10.00
N VAL D 533 -25.68 9.94 11.11
CA VAL D 533 -26.24 8.63 11.42
C VAL D 533 -26.56 8.57 12.91
N TYR D 534 -27.79 8.19 13.24
CA TYR D 534 -28.20 7.95 14.62
C TYR D 534 -28.56 6.48 14.76
N LEU D 535 -28.03 5.83 15.79
CA LEU D 535 -28.24 4.41 16.04
C LEU D 535 -28.89 4.23 17.40
N ALA D 536 -30.02 3.52 17.43
CA ALA D 536 -30.77 3.30 18.66
C ALA D 536 -31.06 1.81 18.83
N TRP D 537 -31.25 1.41 20.09
CA TRP D 537 -31.48 0.01 20.44
C TRP D 537 -32.81 -0.13 21.18
N VAL D 538 -33.49 -1.23 20.90
CA VAL D 538 -34.69 -1.61 21.65
C VAL D 538 -34.66 -3.10 21.92
N PRO D 539 -35.29 -3.54 23.01
CA PRO D 539 -35.37 -4.98 23.29
C PRO D 539 -36.28 -5.68 22.29
N ALA D 540 -35.92 -6.90 21.93
CA ALA D 540 -36.65 -7.65 20.91
C ALA D 540 -37.81 -8.43 21.52
N HIS D 541 -38.78 -8.75 20.66
CA HIS D 541 -39.93 -9.57 21.02
C HIS D 541 -40.73 -8.96 22.17
N LYS D 542 -40.86 -7.63 22.15
CA LYS D 542 -41.63 -6.92 23.16
C LYS D 542 -42.74 -6.08 22.55
N GLY D 543 -43.03 -6.27 21.26
CA GLY D 543 -44.16 -5.59 20.62
C GLY D 543 -43.94 -4.12 20.34
N ILE D 544 -42.71 -3.72 20.02
CA ILE D 544 -42.39 -2.33 19.75
C ILE D 544 -42.36 -2.14 18.24
N GLY D 545 -43.24 -1.27 17.73
CA GLY D 545 -43.17 -0.90 16.34
C GLY D 545 -42.18 0.24 16.11
N GLY D 546 -41.55 0.23 14.94
CA GLY D 546 -41.79 -0.78 13.92
C GLY D 546 -40.76 -1.90 13.90
N ASN D 547 -40.22 -2.21 15.09
CA ASN D 547 -39.34 -3.37 15.20
C ASN D 547 -40.11 -4.67 15.09
N GLU D 548 -41.36 -4.69 15.57
CA GLU D 548 -42.18 -5.89 15.45
C GLU D 548 -42.55 -6.17 14.00
N GLN D 549 -42.69 -5.13 13.17
CA GLN D 549 -43.03 -5.33 11.77
C GLN D 549 -41.86 -5.93 11.01
N VAL D 550 -40.67 -5.33 11.13
CA VAL D 550 -39.50 -5.87 10.44
C VAL D 550 -39.17 -7.26 10.98
N ASP D 551 -39.40 -7.50 12.27
CA ASP D 551 -39.26 -8.85 12.79
C ASP D 551 -40.26 -9.81 12.15
N LYS D 552 -41.48 -9.33 11.90
CA LYS D 552 -42.47 -10.14 11.19
C LYS D 552 -41.99 -10.51 9.80
N LEU D 553 -41.42 -9.54 9.07
CA LEU D 553 -40.93 -9.82 7.73
C LEU D 553 -39.78 -10.83 7.76
N VAL D 554 -38.76 -10.56 8.57
CA VAL D 554 -37.58 -11.43 8.57
C VAL D 554 -37.92 -12.78 9.18
N SER D 555 -38.92 -12.85 10.04
CA SER D 555 -39.37 -14.12 10.61
C SER D 555 -40.83 -14.37 10.26
N PRO E 20 10.55 -12.56 70.25
CA PRO E 20 10.82 -13.55 71.30
C PRO E 20 9.58 -14.35 71.71
N ILE E 21 8.75 -14.69 70.71
CA ILE E 21 7.58 -15.53 70.92
C ILE E 21 7.61 -16.65 69.88
N GLU E 22 7.06 -17.80 70.25
CA GLU E 22 7.00 -18.92 69.32
C GLU E 22 5.93 -18.68 68.26
N THR E 23 6.28 -18.98 67.01
CA THR E 23 5.40 -18.74 65.88
C THR E 23 4.19 -19.66 65.92
N VAL E 24 3.13 -19.26 65.23
CA VAL E 24 1.95 -20.09 65.03
C VAL E 24 2.02 -20.65 63.62
N PRO E 25 1.75 -21.95 63.42
CA PRO E 25 1.89 -22.54 62.09
C PRO E 25 0.71 -22.19 61.20
N VAL E 26 1.03 -21.81 59.97
CA VAL E 26 0.03 -21.53 58.94
C VAL E 26 0.40 -22.30 57.69
N LYS E 27 -0.60 -22.56 56.86
CA LYS E 27 -0.41 -23.34 55.64
C LYS E 27 -1.28 -22.75 54.54
N LEU E 28 -1.01 -23.21 53.32
CA LEU E 28 -1.83 -22.84 52.18
C LEU E 28 -3.05 -23.76 52.09
N LYS E 29 -4.06 -23.29 51.35
CA LYS E 29 -5.23 -24.13 51.11
C LYS E 29 -4.81 -25.42 50.41
N PRO E 30 -5.51 -26.53 50.67
CA PRO E 30 -5.05 -27.82 50.16
C PRO E 30 -4.93 -27.83 48.64
N GLY E 31 -3.80 -28.35 48.16
CA GLY E 31 -3.55 -28.46 46.74
C GLY E 31 -3.08 -27.18 46.07
N MET E 32 -2.73 -26.15 46.83
CA MET E 32 -2.34 -24.87 46.28
C MET E 32 -0.88 -24.59 46.57
N ASP E 33 -0.17 -24.10 45.55
CA ASP E 33 1.21 -23.70 45.70
C ASP E 33 1.28 -22.19 45.96
N GLY E 34 2.49 -21.72 46.29
CA GLY E 34 2.70 -20.32 46.59
C GLY E 34 2.62 -19.43 45.37
N PRO E 35 2.68 -18.12 45.58
CA PRO E 35 2.53 -17.18 44.47
C PRO E 35 3.77 -17.14 43.58
N LYS E 36 3.54 -16.89 42.29
CA LYS E 36 4.61 -16.79 41.28
C LYS E 36 4.22 -15.70 40.29
N VAL E 37 4.25 -14.45 40.75
CA VAL E 37 3.79 -13.29 39.97
C VAL E 37 4.99 -12.41 39.66
N LYS E 38 5.11 -11.99 38.40
CA LYS E 38 6.26 -11.22 37.96
C LYS E 38 6.21 -9.80 38.48
N GLN E 39 7.40 -9.24 38.71
CA GLN E 39 7.52 -7.84 39.11
C GLN E 39 7.38 -6.94 37.90
N TRP E 40 6.54 -5.91 38.02
CA TRP E 40 6.34 -4.98 36.92
C TRP E 40 7.31 -3.80 37.05
N PRO E 41 7.54 -3.06 35.96
CA PRO E 41 8.51 -1.95 36.01
C PRO E 41 8.08 -0.87 37.00
N LEU E 42 9.08 -0.24 37.61
CA LEU E 42 8.86 0.82 38.60
C LEU E 42 9.63 2.07 38.20
N THR E 43 9.08 3.23 38.56
CA THR E 43 9.77 4.49 38.34
C THR E 43 11.00 4.58 39.24
N GLU E 44 11.82 5.60 38.97
CA GLU E 44 13.05 5.77 39.73
C GLU E 44 12.75 6.10 41.19
N GLU E 45 11.81 7.02 41.42
CA GLU E 45 11.45 7.41 42.79
C GLU E 45 11.07 6.20 43.63
N LYS E 46 10.18 5.35 43.10
CA LYS E 46 9.72 4.19 43.86
C LYS E 46 10.85 3.19 44.09
N ILE E 47 11.77 3.05 43.14
CA ILE E 47 12.88 2.13 43.32
C ILE E 47 13.81 2.62 44.43
N LYS E 48 14.15 3.92 44.42
CA LYS E 48 14.99 4.46 45.49
C LYS E 48 14.30 4.30 46.84
N ALA E 49 13.01 4.68 46.92
CA ALA E 49 12.27 4.55 48.18
C ALA E 49 12.28 3.11 48.68
N LEU E 50 12.03 2.16 47.78
CA LEU E 50 12.01 0.75 48.18
C LEU E 50 13.40 0.27 48.59
N VAL E 51 14.46 0.81 47.98
CA VAL E 51 15.80 0.41 48.36
C VAL E 51 16.11 0.88 49.78
N GLU E 52 15.75 2.12 50.09
CA GLU E 52 15.96 2.60 51.47
C GLU E 52 15.12 1.81 52.46
N ILE E 53 13.82 1.65 52.16
CA ILE E 53 12.91 0.99 53.08
C ILE E 53 13.36 -0.45 53.35
N CYS E 54 13.71 -1.18 52.29
CA CYS E 54 14.10 -2.57 52.45
C CYS E 54 15.49 -2.70 53.07
N THR E 55 16.39 -1.75 52.81
CA THR E 55 17.68 -1.76 53.51
C THR E 55 17.47 -1.61 55.01
N GLU E 56 16.63 -0.67 55.42
CA GLU E 56 16.38 -0.48 56.85
C GLU E 56 15.66 -1.68 57.44
N MET E 57 14.69 -2.25 56.71
CA MET E 57 13.97 -3.41 57.21
C MET E 57 14.90 -4.61 57.38
N GLU E 58 15.81 -4.82 56.42
CA GLU E 58 16.76 -5.91 56.52
C GLU E 58 17.74 -5.69 57.67
N LYS E 59 18.18 -4.44 57.86
CA LYS E 59 19.06 -4.11 58.99
C LYS E 59 18.40 -4.43 60.32
N GLU E 60 17.07 -4.35 60.38
CA GLU E 60 16.31 -4.61 61.60
C GLU E 60 15.83 -6.05 61.71
N GLY E 61 16.12 -6.89 60.74
CA GLY E 61 15.76 -8.29 60.78
C GLY E 61 14.35 -8.61 60.33
N LYS E 62 13.56 -7.61 59.94
CA LYS E 62 12.19 -7.87 59.49
C LYS E 62 12.18 -8.68 58.20
N ILE E 63 13.12 -8.42 57.30
CA ILE E 63 13.25 -9.15 56.05
C ILE E 63 14.68 -9.62 55.91
N SER E 64 14.86 -10.67 55.09
CA SER E 64 16.18 -11.22 54.81
C SER E 64 16.36 -11.37 53.31
N LYS E 65 17.61 -11.24 52.88
CA LYS E 65 17.94 -11.49 51.48
C LYS E 65 17.89 -12.99 51.18
N ILE E 66 17.42 -13.33 49.98
CA ILE E 66 17.30 -14.71 49.54
C ILE E 66 17.83 -14.80 48.11
N GLY E 67 17.86 -16.01 47.58
CA GLY E 67 18.35 -16.25 46.24
C GLY E 67 17.27 -16.79 45.31
N PRO E 68 17.70 -17.28 44.14
CA PRO E 68 16.72 -17.79 43.16
C PRO E 68 16.22 -19.19 43.47
N GLU E 69 16.80 -19.90 44.44
CA GLU E 69 16.29 -21.21 44.80
C GLU E 69 14.89 -21.14 45.40
N ASN E 70 14.47 -19.98 45.87
CA ASN E 70 13.08 -19.75 46.23
C ASN E 70 12.28 -19.50 44.95
N PRO E 71 11.32 -20.37 44.61
CA PRO E 71 10.62 -20.24 43.33
C PRO E 71 9.43 -19.28 43.35
N TYR E 72 9.20 -18.56 44.44
CA TYR E 72 8.01 -17.75 44.61
C TYR E 72 8.35 -16.27 44.47
N ASN E 73 7.32 -15.48 44.13
CA ASN E 73 7.49 -14.05 44.02
C ASN E 73 6.13 -13.37 44.05
N THR E 74 6.14 -12.13 44.55
CA THR E 74 4.97 -11.29 44.68
C THR E 74 5.39 -9.87 44.35
N PRO E 75 4.61 -9.16 43.53
CA PRO E 75 5.01 -7.80 43.12
C PRO E 75 5.02 -6.85 44.30
N VAL E 76 5.88 -5.83 44.18
CA VAL E 76 6.01 -4.79 45.20
C VAL E 76 6.10 -3.44 44.51
N PHE E 77 5.50 -2.43 45.12
CA PHE E 77 5.70 -1.04 44.69
C PHE E 77 5.58 -0.17 45.95
N ALA E 78 5.33 1.12 45.75
CA ALA E 78 5.28 2.05 46.88
C ALA E 78 4.32 3.18 46.54
N ILE E 79 3.76 3.78 47.58
CA ILE E 79 2.78 4.86 47.41
C ILE E 79 3.13 6.01 48.35
N LYS E 80 2.79 7.22 47.92
CA LYS E 80 2.73 8.38 48.81
C LYS E 80 1.28 8.54 49.25
N LYS E 81 1.03 8.42 50.55
CA LYS E 81 -0.34 8.37 51.04
C LYS E 81 -0.96 9.77 51.06
N LYS E 82 -2.24 9.82 51.43
CA LYS E 82 -2.95 11.09 51.49
C LYS E 82 -2.41 11.95 52.61
N ASP E 83 -2.14 13.22 52.28
CA ASP E 83 -1.67 14.26 53.20
C ASP E 83 -0.26 14.00 53.71
N SER E 84 0.35 12.87 53.36
CA SER E 84 1.71 12.55 53.76
C SER E 84 2.57 12.38 52.52
N THR E 85 3.84 12.79 52.63
CA THR E 85 4.81 12.66 51.54
C THR E 85 5.96 11.74 51.92
N LYS E 86 5.71 10.82 52.84
CA LYS E 86 6.64 9.74 53.15
C LYS E 86 6.20 8.50 52.39
N TRP E 87 7.15 7.82 51.74
CA TRP E 87 6.81 6.65 50.95
C TRP E 87 6.45 5.48 51.85
N ARG E 88 5.47 4.70 51.39
CA ARG E 88 5.01 3.51 52.09
C ARG E 88 5.14 2.34 51.14
N LYS E 89 5.88 1.32 51.56
CA LYS E 89 6.01 0.11 50.74
C LYS E 89 4.68 -0.64 50.71
N LEU E 90 4.33 -1.15 49.54
CA LEU E 90 3.10 -1.90 49.35
C LEU E 90 3.41 -3.15 48.55
N VAL E 91 3.22 -4.31 49.17
CA VAL E 91 3.40 -5.60 48.52
C VAL E 91 2.03 -6.14 48.15
N ASP E 92 1.86 -6.55 46.89
CA ASP E 92 0.56 -6.96 46.38
C ASP E 92 0.36 -8.46 46.67
N PHE E 93 -0.03 -8.75 47.91
CA PHE E 93 -0.21 -10.12 48.39
C PHE E 93 -1.58 -10.70 48.04
N ARG E 94 -2.28 -10.18 47.04
CA ARG E 94 -3.63 -10.67 46.72
C ARG E 94 -3.60 -12.15 46.37
N GLU E 95 -2.60 -12.57 45.59
CA GLU E 95 -2.50 -13.98 45.21
C GLU E 95 -2.18 -14.85 46.43
N LEU E 96 -1.17 -14.44 47.21
CA LEU E 96 -0.85 -15.18 48.43
C LEU E 96 -2.04 -15.23 49.38
N ASN E 97 -2.79 -14.14 49.48
CA ASN E 97 -3.97 -14.13 50.34
C ASN E 97 -5.03 -15.09 49.82
N LYS E 98 -5.20 -15.16 48.50
CA LYS E 98 -6.11 -16.15 47.93
C LYS E 98 -5.69 -17.56 48.27
N ARG E 99 -4.38 -17.83 48.28
CA ARG E 99 -3.89 -19.18 48.50
C ARG E 99 -3.72 -19.55 49.98
N THR E 100 -3.68 -18.56 50.87
CA THR E 100 -3.50 -18.83 52.29
C THR E 100 -4.77 -19.42 52.90
N GLN E 101 -4.58 -20.29 53.89
CA GLN E 101 -5.71 -20.86 54.65
C GLN E 101 -6.62 -19.76 55.17
N ASP E 102 -7.89 -20.09 55.34
CA ASP E 102 -8.85 -19.14 55.86
C ASP E 102 -8.70 -18.99 57.38
N PHE E 103 -9.19 -17.87 57.90
CA PHE E 103 -9.19 -17.58 59.33
C PHE E 103 -10.62 -17.13 59.67
N TRP E 104 -11.45 -18.08 60.08
CA TRP E 104 -12.86 -17.79 60.29
C TRP E 104 -13.13 -17.10 61.63
N GLU E 105 -12.20 -17.18 62.58
CA GLU E 105 -12.37 -16.41 63.82
C GLU E 105 -12.24 -14.91 63.58
N VAL E 106 -11.62 -14.51 62.48
CA VAL E 106 -11.48 -13.10 62.13
C VAL E 106 -12.55 -12.65 61.16
N GLN E 107 -12.73 -13.38 60.06
CA GLN E 107 -13.68 -12.97 59.02
C GLN E 107 -15.13 -13.22 59.42
N LEU E 108 -15.38 -14.05 60.43
CA LEU E 108 -16.75 -14.33 60.85
C LEU E 108 -16.92 -14.20 62.36
N GLY E 109 -15.86 -14.52 63.12
CA GLY E 109 -15.97 -14.48 64.57
C GLY E 109 -16.06 -13.09 65.14
N ILE E 110 -15.40 -12.12 64.49
CA ILE E 110 -15.42 -10.73 64.94
C ILE E 110 -16.65 -10.06 64.33
N PRO E 111 -17.57 -9.54 65.14
CA PRO E 111 -18.75 -8.87 64.59
C PRO E 111 -18.39 -7.54 63.95
N HIS E 112 -18.90 -7.31 62.75
CA HIS E 112 -18.75 -6.02 62.11
C HIS E 112 -19.69 -5.02 62.78
N PRO E 113 -19.18 -3.90 63.30
CA PRO E 113 -20.07 -2.96 64.01
C PRO E 113 -21.04 -2.26 63.07
N ALA E 114 -22.33 -2.55 63.23
CA ALA E 114 -23.35 -1.93 62.39
C ALA E 114 -23.43 -0.42 62.61
N GLY E 115 -22.95 0.08 63.75
CA GLY E 115 -22.98 1.51 64.00
C GLY E 115 -21.84 2.30 63.39
N LEU E 116 -20.86 1.61 62.79
CA LEU E 116 -19.72 2.32 62.19
C LEU E 116 -20.17 3.22 61.06
N LYS E 117 -21.15 2.79 60.27
CA LYS E 117 -21.63 3.58 59.14
C LYS E 117 -22.54 4.74 59.56
N GLN E 118 -22.99 4.77 60.80
CA GLN E 118 -23.86 5.84 61.29
C GLN E 118 -23.09 6.90 62.08
N LYS E 119 -21.76 6.82 62.12
CA LYS E 119 -20.98 7.79 62.85
C LYS E 119 -20.78 9.06 62.04
N LYS E 120 -20.71 10.19 62.76
CA LYS E 120 -20.48 11.47 62.08
C LYS E 120 -19.09 11.54 61.46
N SER E 121 -18.09 10.91 62.08
CA SER E 121 -16.75 10.93 61.51
C SER E 121 -16.11 9.55 61.67
N VAL E 122 -15.34 9.15 60.65
CA VAL E 122 -14.56 7.91 60.69
C VAL E 122 -13.19 8.20 60.12
N THR E 123 -12.15 7.86 60.87
CA THR E 123 -10.76 8.12 60.49
C THR E 123 -10.02 6.81 60.30
N VAL E 124 -9.21 6.75 59.25
CA VAL E 124 -8.47 5.54 58.88
C VAL E 124 -7.03 5.68 59.34
N LEU E 125 -6.55 4.70 60.11
CA LEU E 125 -5.20 4.70 60.64
C LEU E 125 -4.43 3.49 60.12
N ASP E 126 -3.18 3.72 59.73
CA ASP E 126 -2.30 2.66 59.23
C ASP E 126 -1.53 2.08 60.40
N VAL E 127 -1.87 0.86 60.80
CA VAL E 127 -1.21 0.22 61.94
C VAL E 127 -0.42 -0.99 61.47
N GLY E 128 0.10 -0.94 60.25
CA GLY E 128 0.84 -2.08 59.73
C GLY E 128 2.11 -2.37 60.50
N ASP E 129 2.78 -1.32 60.99
CA ASP E 129 4.03 -1.48 61.71
C ASP E 129 3.90 -2.44 62.88
N ALA E 130 2.73 -2.49 63.52
CA ALA E 130 2.53 -3.41 64.63
C ALA E 130 2.88 -4.84 64.24
N TYR E 131 2.49 -5.26 63.04
CA TYR E 131 2.75 -6.63 62.60
C TYR E 131 4.24 -6.99 62.65
N PHE E 132 5.11 -5.99 62.63
CA PHE E 132 6.54 -6.25 62.64
C PHE E 132 7.08 -6.69 63.99
N SER E 133 6.22 -6.79 65.01
CA SER E 133 6.69 -7.24 66.32
C SER E 133 6.52 -8.73 66.55
N VAL E 134 5.86 -9.45 65.64
CA VAL E 134 5.56 -10.87 65.80
C VAL E 134 6.27 -11.64 64.70
N PRO E 135 7.04 -12.67 65.01
CA PRO E 135 7.73 -13.43 63.97
C PRO E 135 6.80 -14.37 63.22
N LEU E 136 7.19 -14.67 61.98
CA LEU E 136 6.40 -15.49 61.08
C LEU E 136 6.92 -16.92 61.07
N ASP E 137 6.00 -17.87 60.93
CA ASP E 137 6.35 -19.29 60.78
C ASP E 137 7.43 -19.46 59.74
N LYS E 138 8.56 -20.07 60.16
CA LYS E 138 9.71 -20.18 59.28
C LYS E 138 9.40 -20.95 58.01
N ASP E 139 8.48 -21.92 58.08
CA ASP E 139 8.12 -22.70 56.90
C ASP E 139 7.21 -21.95 55.94
N PHE E 140 6.61 -20.83 56.36
CA PHE E 140 5.77 -20.04 55.49
C PHE E 140 6.48 -18.85 54.87
N ARG E 141 7.66 -18.49 55.40
CA ARG E 141 8.33 -17.26 54.99
C ARG E 141 8.66 -17.26 53.50
N LYS E 142 8.96 -18.42 52.92
CA LYS E 142 9.38 -18.46 51.53
C LYS E 142 8.27 -18.00 50.60
N TYR E 143 7.01 -18.12 51.02
CA TYR E 143 5.89 -17.64 50.21
C TYR E 143 5.81 -16.12 50.17
N THR E 144 6.57 -15.41 50.99
CA THR E 144 6.51 -13.96 51.06
C THR E 144 7.59 -13.28 50.23
N ALA E 145 8.23 -14.00 49.32
CA ALA E 145 9.36 -13.45 48.58
C ALA E 145 8.90 -12.34 47.63
N PHE E 146 9.75 -11.33 47.48
CA PHE E 146 9.52 -10.27 46.50
C PHE E 146 10.87 -9.83 45.94
N THR E 147 10.82 -9.08 44.83
CA THR E 147 11.99 -8.75 44.04
C THR E 147 12.00 -7.28 43.70
N ILE E 148 13.08 -6.59 44.04
CA ILE E 148 13.28 -5.19 43.68
C ILE E 148 13.97 -5.11 42.33
N PRO E 149 13.42 -4.36 41.36
CA PRO E 149 14.07 -4.22 40.05
C PRO E 149 15.08 -3.10 40.02
N SER E 150 15.73 -2.89 38.88
CA SER E 150 16.72 -1.84 38.71
C SER E 150 16.49 -1.12 37.39
N ILE E 151 16.82 0.18 37.39
CA ILE E 151 16.62 1.01 36.21
C ILE E 151 17.52 0.53 35.08
N ASN E 152 16.93 0.36 33.89
CA ASN E 152 17.63 -0.12 32.70
C ASN E 152 18.29 -1.47 32.94
N ASN E 153 17.79 -2.24 33.91
CA ASN E 153 18.32 -3.56 34.25
C ASN E 153 19.84 -3.51 34.44
N GLU E 154 20.29 -2.48 35.15
CA GLU E 154 21.71 -2.34 35.46
C GLU E 154 22.22 -3.52 36.26
N THR E 155 21.39 -4.07 37.14
CA THR E 155 21.69 -5.22 37.97
C THR E 155 20.54 -6.21 37.89
N PRO E 156 20.77 -7.47 38.26
CA PRO E 156 19.64 -8.38 38.44
C PRO E 156 18.74 -7.91 39.58
N GLY E 157 17.55 -8.49 39.65
CA GLY E 157 16.63 -8.16 40.72
C GLY E 157 17.16 -8.63 42.07
N ILE E 158 16.77 -7.91 43.12
CA ILE E 158 17.25 -8.19 44.47
C ILE E 158 16.08 -8.75 45.29
N ARG E 159 16.22 -9.99 45.76
CA ARG E 159 15.09 -10.72 46.34
C ARG E 159 15.16 -10.76 47.86
N TYR E 160 14.01 -10.54 48.49
CA TYR E 160 13.87 -10.60 49.94
C TYR E 160 12.69 -11.51 50.31
N GLN E 161 12.69 -11.95 51.56
CA GLN E 161 11.53 -12.61 52.14
C GLN E 161 11.34 -12.12 53.57
N TYR E 162 10.13 -12.30 54.09
CA TYR E 162 9.75 -11.77 55.39
C TYR E 162 10.12 -12.72 56.52
N ASN E 163 10.56 -12.15 57.63
CA ASN E 163 10.76 -12.91 58.86
C ASN E 163 9.68 -12.64 59.90
N VAL E 164 8.92 -11.55 59.75
CA VAL E 164 7.85 -11.19 60.65
C VAL E 164 6.54 -11.16 59.86
N LEU E 165 5.44 -10.96 60.58
CA LEU E 165 4.12 -10.87 59.95
C LEU E 165 4.13 -9.73 58.94
N PRO E 166 3.94 -10.01 57.65
CA PRO E 166 4.05 -8.96 56.64
C PRO E 166 2.83 -8.06 56.63
N GLN E 167 3.05 -6.85 56.11
CA GLN E 167 1.93 -5.97 55.82
C GLN E 167 1.19 -6.46 54.59
N GLY E 168 -0.14 -6.39 54.64
CA GLY E 168 -0.96 -6.78 53.51
C GLY E 168 -1.29 -8.26 53.43
N TRP E 169 -0.71 -9.10 54.29
CA TRP E 169 -1.02 -10.52 54.31
C TRP E 169 -2.22 -10.76 55.23
N LYS E 170 -3.17 -11.57 54.76
CA LYS E 170 -4.41 -11.76 55.54
C LYS E 170 -4.18 -12.57 56.80
N GLY E 171 -3.06 -13.28 56.92
CA GLY E 171 -2.74 -13.96 58.15
C GLY E 171 -2.25 -13.05 59.26
N SER E 172 -1.78 -11.84 58.91
CA SER E 172 -1.22 -10.96 59.93
C SER E 172 -2.28 -10.45 60.91
N PRO E 173 -3.42 -9.89 60.48
CA PRO E 173 -4.43 -9.49 61.47
C PRO E 173 -5.00 -10.66 62.26
N ALA E 174 -5.01 -11.86 61.68
CA ALA E 174 -5.53 -13.02 62.40
C ALA E 174 -4.56 -13.45 63.50
N ILE E 175 -3.28 -13.57 63.18
CA ILE E 175 -2.29 -13.96 64.19
C ILE E 175 -2.13 -12.87 65.25
N PHE E 176 -2.27 -11.61 64.86
CA PHE E 176 -2.07 -10.48 65.77
C PHE E 176 -3.32 -10.12 66.56
N GLN E 177 -4.40 -10.88 66.44
CA GLN E 177 -5.70 -10.45 66.93
C GLN E 177 -5.69 -10.22 68.44
N SER E 178 -5.20 -11.20 69.20
CA SER E 178 -5.22 -11.07 70.66
C SER E 178 -4.34 -9.92 71.12
N SER E 179 -3.16 -9.76 70.51
CA SER E 179 -2.32 -8.62 70.80
C SER E 179 -3.06 -7.31 70.58
N MET E 180 -3.70 -7.16 69.41
CA MET E 180 -4.42 -5.93 69.10
C MET E 180 -5.54 -5.68 70.10
N THR E 181 -6.26 -6.74 70.49
CA THR E 181 -7.30 -6.60 71.51
C THR E 181 -6.73 -6.05 72.81
N LYS E 182 -5.57 -6.57 73.23
CA LYS E 182 -4.92 -6.03 74.42
C LYS E 182 -4.52 -4.57 74.22
N ILE E 183 -4.08 -4.22 73.01
CA ILE E 183 -3.69 -2.84 72.73
C ILE E 183 -4.88 -1.90 72.91
N LEU E 184 -6.04 -2.30 72.39
CA LEU E 184 -7.17 -1.39 72.28
C LEU E 184 -8.11 -1.41 73.49
N GLU E 185 -8.06 -2.46 74.31
CA GLU E 185 -9.00 -2.57 75.42
C GLU E 185 -9.03 -1.37 76.35
N PRO E 186 -7.89 -0.78 76.78
CA PRO E 186 -7.98 0.42 77.62
C PRO E 186 -8.70 1.57 76.93
N PHE E 187 -8.33 1.87 75.68
CA PHE E 187 -8.99 2.95 74.95
C PHE E 187 -10.46 2.64 74.71
N ARG E 188 -10.78 1.37 74.47
CA ARG E 188 -12.17 1.01 74.18
C ARG E 188 -13.05 1.15 75.42
N LYS E 189 -12.57 0.68 76.57
CA LYS E 189 -13.36 0.82 77.78
C LYS E 189 -13.36 2.26 78.30
N GLN E 190 -12.35 3.05 77.95
CA GLN E 190 -12.34 4.47 78.34
C GLN E 190 -13.27 5.28 77.46
N ASN E 191 -13.37 4.93 76.17
CA ASN E 191 -14.25 5.61 75.21
C ASN E 191 -15.25 4.60 74.68
N PRO E 192 -16.29 4.28 75.47
CA PRO E 192 -17.21 3.20 75.06
C PRO E 192 -18.10 3.53 73.88
N ASP E 193 -18.17 4.80 73.46
CA ASP E 193 -18.97 5.18 72.31
C ASP E 193 -18.11 5.54 71.09
N ILE E 194 -16.85 5.13 71.09
CA ILE E 194 -15.98 5.22 69.93
C ILE E 194 -15.85 3.82 69.35
N VAL E 195 -16.04 3.70 68.04
CA VAL E 195 -16.08 2.41 67.37
C VAL E 195 -14.78 2.20 66.61
N ILE E 196 -14.16 1.04 66.79
CA ILE E 196 -12.91 0.70 66.12
C ILE E 196 -13.11 -0.63 65.41
N TYR E 197 -12.99 -0.62 64.09
CA TYR E 197 -13.06 -1.84 63.28
C TYR E 197 -11.76 -2.02 62.52
N GLN E 198 -11.13 -3.17 62.69
CA GLN E 198 -9.87 -3.46 62.02
C GLN E 198 -10.13 -4.14 60.68
N TYR E 199 -9.43 -3.68 59.64
CA TYR E 199 -9.45 -4.32 58.33
C TYR E 199 -8.03 -4.33 57.79
N MET E 200 -7.42 -5.52 57.76
CA MET E 200 -6.06 -5.72 57.24
C MET E 200 -5.11 -4.81 58.00
N ASP E 201 -4.42 -3.87 57.36
CA ASP E 201 -3.47 -2.98 58.03
C ASP E 201 -4.11 -1.74 58.63
N ASP E 202 -5.43 -1.57 58.51
CA ASP E 202 -6.08 -0.33 58.85
C ASP E 202 -7.00 -0.49 60.06
N LEU E 203 -7.13 0.60 60.81
CA LEU E 203 -8.15 0.76 61.84
C LEU E 203 -9.10 1.86 61.41
N TYR E 204 -10.39 1.56 61.40
CA TYR E 204 -11.42 2.54 61.10
C TYR E 204 -12.06 2.94 62.42
N VAL E 205 -11.86 4.20 62.81
CA VAL E 205 -12.23 4.71 64.12
C VAL E 205 -13.29 5.78 63.93
N GLY E 206 -14.52 5.49 64.32
CA GLY E 206 -15.64 6.40 64.12
C GLY E 206 -16.22 6.87 65.43
N SER E 207 -16.77 8.09 65.40
CA SER E 207 -17.41 8.69 66.56
C SER E 207 -18.45 9.69 66.08
N ASP E 208 -19.36 10.02 66.99
CA ASP E 208 -20.34 11.09 66.81
C ASP E 208 -19.92 12.38 67.51
N LEU E 209 -18.65 12.48 67.89
CA LEU E 209 -18.15 13.67 68.55
C LEU E 209 -18.03 14.83 67.56
N GLU E 210 -17.85 16.03 68.12
CA GLU E 210 -17.48 17.16 67.28
C GLU E 210 -16.16 16.87 66.58
N ILE E 211 -15.95 17.49 65.43
CA ILE E 211 -14.80 17.16 64.60
C ILE E 211 -13.51 17.44 65.35
N GLY E 212 -13.45 18.54 66.10
CA GLY E 212 -12.26 18.82 66.91
C GLY E 212 -12.02 17.76 67.96
N GLN E 213 -13.07 17.44 68.75
CA GLN E 213 -12.97 16.36 69.71
C GLN E 213 -12.59 15.05 69.04
N HIS E 214 -13.18 14.76 67.89
CA HIS E 214 -12.88 13.53 67.17
C HIS E 214 -11.38 13.45 66.85
N ARG E 215 -10.81 14.52 66.31
CA ARG E 215 -9.38 14.50 65.99
C ARG E 215 -8.54 14.37 67.26
N THR E 216 -8.97 15.00 68.35
CA THR E 216 -8.29 14.82 69.63
C THR E 216 -8.22 13.35 70.02
N LYS E 217 -9.38 12.68 70.03
CA LYS E 217 -9.41 11.25 70.34
C LYS E 217 -8.51 10.45 69.42
N ILE E 218 -8.51 10.81 68.12
CA ILE E 218 -7.66 10.10 67.16
C ILE E 218 -6.20 10.22 67.54
N GLU E 219 -5.76 11.42 67.93
CA GLU E 219 -4.36 11.58 68.36
C GLU E 219 -4.07 10.74 69.59
N GLU E 220 -4.97 10.78 70.58
CA GLU E 220 -4.79 9.98 71.79
C GLU E 220 -4.57 8.52 71.46
N LEU E 221 -5.47 7.93 70.67
CA LEU E 221 -5.30 6.54 70.25
C LEU E 221 -3.99 6.36 69.48
N ARG E 222 -3.64 7.34 68.65
CA ARG E 222 -2.44 7.23 67.83
C ARG E 222 -1.20 7.01 68.68
N GLN E 223 -1.00 7.84 69.69
CA GLN E 223 0.19 7.65 70.51
C GLN E 223 0.01 6.60 71.61
N HIS E 224 -1.22 6.16 71.89
CA HIS E 224 -1.36 4.93 72.64
C HIS E 224 -0.83 3.75 71.83
N LEU E 225 -0.97 3.81 70.50
CA LEU E 225 -0.33 2.83 69.63
C LEU E 225 1.18 3.04 69.57
N LEU E 226 1.61 4.31 69.55
CA LEU E 226 3.04 4.60 69.50
C LEU E 226 3.76 4.23 70.79
N ARG E 227 3.04 4.14 71.92
CA ARG E 227 3.63 3.62 73.15
C ARG E 227 4.02 2.16 73.01
N TRP E 228 3.45 1.46 72.04
CA TRP E 228 3.81 0.07 71.72
C TRP E 228 4.44 -0.03 70.33
N GLY E 229 4.98 1.07 69.80
CA GLY E 229 5.54 1.08 68.47
C GLY E 229 4.49 1.38 67.40
N GLY E 247 -4.94 9.63 59.06
CA GLY E 247 -5.32 9.39 57.68
C GLY E 247 -6.45 10.30 57.21
N TYR E 248 -7.21 9.82 56.22
CA TYR E 248 -8.32 10.60 55.69
C TYR E 248 -9.56 10.41 56.54
N GLU E 249 -10.42 11.44 56.53
CA GLU E 249 -11.59 11.50 57.40
C GLU E 249 -12.85 11.29 56.57
N LEU E 250 -13.60 10.25 56.91
CA LEU E 250 -14.86 9.92 56.25
C LEU E 250 -16.03 10.44 57.07
N HIS E 251 -17.19 10.55 56.41
CA HIS E 251 -18.43 10.97 57.04
C HIS E 251 -19.56 10.12 56.49
N PRO E 252 -19.70 8.89 56.98
CA PRO E 252 -20.64 7.95 56.36
C PRO E 252 -22.09 8.35 56.52
N ASP E 253 -22.44 9.09 57.58
CA ASP E 253 -23.83 9.50 57.76
C ASP E 253 -24.30 10.49 56.70
N LYS E 254 -23.44 10.86 55.76
CA LYS E 254 -23.83 11.67 54.61
C LYS E 254 -23.92 10.85 53.33
N TRP E 255 -23.48 9.59 53.35
CA TRP E 255 -23.53 8.77 52.15
C TRP E 255 -24.97 8.55 51.71
N THR E 256 -25.18 8.60 50.38
CA THR E 256 -26.52 8.55 49.82
C THR E 256 -26.62 7.43 48.79
N VAL E 257 -27.85 7.07 48.46
CA VAL E 257 -28.15 6.06 47.45
C VAL E 257 -28.59 6.76 46.17
N GLN E 258 -28.18 6.21 45.03
CA GLN E 258 -28.61 6.70 43.72
C GLN E 258 -29.48 5.64 43.06
N PRO E 259 -30.80 5.72 43.16
CA PRO E 259 -31.66 4.74 42.50
C PRO E 259 -31.88 5.09 41.04
N ILE E 260 -32.46 4.15 40.31
CA ILE E 260 -32.87 4.41 38.94
C ILE E 260 -33.92 5.51 38.94
N VAL E 261 -33.75 6.49 38.06
CA VAL E 261 -34.61 7.66 38.01
C VAL E 261 -35.36 7.66 36.67
N LEU E 262 -36.66 7.89 36.74
CA LEU E 262 -37.51 8.03 35.56
C LEU E 262 -37.90 9.50 35.42
N PRO E 263 -37.22 10.27 34.59
CA PRO E 263 -37.52 11.71 34.50
C PRO E 263 -38.90 11.97 33.93
N GLU E 264 -39.46 13.11 34.31
CA GLU E 264 -40.73 13.60 33.77
C GLU E 264 -40.43 14.78 32.86
N LYS E 265 -40.84 14.66 31.60
CA LYS E 265 -40.53 15.66 30.58
C LYS E 265 -41.81 16.33 30.10
N ASP E 266 -41.64 17.55 29.56
CA ASP E 266 -42.79 18.28 29.06
C ASP E 266 -43.35 17.68 27.79
N SER E 267 -42.50 17.14 26.92
CA SER E 267 -42.93 16.46 25.72
C SER E 267 -42.06 15.24 25.50
N TRP E 268 -42.67 14.19 24.92
CA TRP E 268 -42.01 12.91 24.73
C TRP E 268 -41.97 12.59 23.24
N THR E 269 -40.80 12.18 22.76
CA THR E 269 -40.64 11.70 21.40
C THR E 269 -40.70 10.18 21.38
N VAL E 270 -40.85 9.63 20.17
CA VAL E 270 -40.85 8.17 20.01
C VAL E 270 -39.56 7.57 20.56
N ASN E 271 -38.44 8.24 20.28
CA ASN E 271 -37.15 7.75 20.78
C ASN E 271 -37.10 7.76 22.31
N ASP E 272 -37.60 8.84 22.92
CA ASP E 272 -37.64 8.92 24.38
C ASP E 272 -38.41 7.75 24.97
N ILE E 273 -39.55 7.42 24.39
CA ILE E 273 -40.38 6.34 24.93
C ILE E 273 -39.73 4.98 24.66
N GLN E 274 -39.03 4.85 23.54
CA GLN E 274 -38.30 3.61 23.27
C GLN E 274 -37.22 3.39 24.32
N LYS E 275 -36.42 4.41 24.61
CA LYS E 275 -35.37 4.28 25.61
C LYS E 275 -35.96 4.06 26.99
N LEU E 276 -37.11 4.70 27.28
CA LEU E 276 -37.78 4.47 28.56
C LEU E 276 -38.24 3.02 28.70
N VAL E 277 -38.81 2.46 27.62
CA VAL E 277 -39.28 1.09 27.65
C VAL E 277 -38.12 0.12 27.82
N GLY E 278 -37.01 0.38 27.14
CA GLY E 278 -35.83 -0.46 27.34
C GLY E 278 -35.31 -0.39 28.76
N LYS E 279 -35.25 0.82 29.32
CA LYS E 279 -34.78 1.00 30.70
C LYS E 279 -35.67 0.25 31.68
N LEU E 280 -36.99 0.36 31.51
CA LEU E 280 -37.90 -0.30 32.44
C LEU E 280 -37.87 -1.81 32.26
N ASN E 281 -37.79 -2.29 31.02
CA ASN E 281 -37.66 -3.72 30.78
C ASN E 281 -36.42 -4.28 31.43
N TRP E 282 -35.31 -3.53 31.39
CA TRP E 282 -34.11 -3.98 32.09
C TRP E 282 -34.31 -3.93 33.60
N ALA E 283 -34.97 -2.89 34.11
CA ALA E 283 -35.20 -2.77 35.54
C ALA E 283 -36.15 -3.83 36.08
N SER E 284 -36.96 -4.45 35.22
CA SER E 284 -37.86 -5.50 35.69
C SER E 284 -37.11 -6.73 36.18
N GLN E 285 -35.84 -6.89 35.81
CA GLN E 285 -35.04 -8.00 36.34
C GLN E 285 -34.78 -7.84 37.82
N ILE E 286 -34.78 -6.61 38.31
CA ILE E 286 -34.48 -6.33 39.72
C ILE E 286 -35.73 -6.11 40.54
N TYR E 287 -36.72 -5.41 39.98
CA TYR E 287 -37.93 -5.02 40.70
C TYR E 287 -39.13 -5.76 40.15
N ALA E 288 -39.99 -6.23 41.06
CA ALA E 288 -41.24 -6.85 40.69
C ALA E 288 -42.32 -5.79 40.50
N GLY E 289 -43.31 -6.11 39.67
CA GLY E 289 -44.40 -5.21 39.42
C GLY E 289 -44.15 -4.14 38.39
N ILE E 290 -42.97 -4.12 37.77
CA ILE E 290 -42.70 -3.16 36.71
C ILE E 290 -43.47 -3.55 35.46
N LYS E 291 -44.24 -2.61 34.92
CA LYS E 291 -45.08 -2.87 33.76
C LYS E 291 -44.84 -1.80 32.70
N VAL E 292 -45.01 -2.19 31.43
CA VAL E 292 -44.66 -1.33 30.31
C VAL E 292 -45.73 -1.38 29.22
N ARG E 293 -46.87 -2.02 29.49
CA ARG E 293 -47.86 -2.21 28.44
C ARG E 293 -48.44 -0.87 27.98
N GLN E 294 -48.80 0.00 28.92
CA GLN E 294 -49.40 1.27 28.53
C GLN E 294 -48.41 2.18 27.82
N LEU E 295 -47.13 2.10 28.18
CA LEU E 295 -46.12 2.85 27.44
C LEU E 295 -45.88 2.24 26.07
N SER E 296 -45.92 0.91 25.97
CA SER E 296 -45.76 0.25 24.68
C SER E 296 -46.91 0.58 23.74
N LYS E 297 -48.12 0.80 24.28
CA LYS E 297 -49.24 1.21 23.45
C LYS E 297 -48.92 2.47 22.66
N LEU E 298 -48.19 3.40 23.26
CA LEU E 298 -47.79 4.62 22.56
C LEU E 298 -46.86 4.32 21.40
N LEU E 299 -46.26 3.14 21.35
CA LEU E 299 -45.33 2.74 20.29
C LEU E 299 -45.99 1.65 19.45
N ARG E 300 -46.88 2.07 18.56
CA ARG E 300 -47.53 1.17 17.61
C ARG E 300 -47.45 1.79 16.23
N GLY E 301 -47.00 1.02 15.26
CA GLY E 301 -46.77 1.52 13.91
C GLY E 301 -45.29 1.75 13.66
N THR E 302 -45.01 2.39 12.53
CA THR E 302 -43.65 2.69 12.09
C THR E 302 -43.49 4.21 12.12
N LYS E 303 -43.08 4.74 13.27
CA LYS E 303 -43.02 6.17 13.50
C LYS E 303 -41.60 6.69 13.39
N ALA E 304 -41.48 7.97 13.07
CA ALA E 304 -40.19 8.64 13.11
C ALA E 304 -39.74 8.78 14.56
N LEU E 305 -38.43 8.66 14.79
CA LEU E 305 -37.90 8.76 16.14
C LEU E 305 -38.13 10.14 16.73
N THR E 306 -38.23 11.16 15.89
CA THR E 306 -38.42 12.54 16.34
C THR E 306 -39.89 12.91 16.50
N GLU E 307 -40.81 12.00 16.23
CA GLU E 307 -42.23 12.31 16.36
C GLU E 307 -42.61 12.46 17.82
N VAL E 308 -43.32 13.56 18.13
CA VAL E 308 -43.80 13.80 19.48
C VAL E 308 -45.06 12.96 19.72
N VAL E 309 -45.08 12.26 20.85
CA VAL E 309 -46.20 11.40 21.22
C VAL E 309 -46.70 11.83 22.59
N PRO E 310 -47.93 12.32 22.71
CA PRO E 310 -48.47 12.65 24.03
C PRO E 310 -48.75 11.39 24.85
N LEU E 311 -48.38 11.44 26.12
CA LEU E 311 -48.67 10.32 27.01
C LEU E 311 -50.16 10.25 27.33
N THR E 312 -50.64 9.03 27.53
CA THR E 312 -52.00 8.82 27.99
C THR E 312 -52.04 8.79 29.52
N GLU E 313 -53.23 9.01 30.06
CA GLU E 313 -53.40 8.94 31.51
C GLU E 313 -52.97 7.58 32.04
N GLU E 314 -53.29 6.51 31.31
CA GLU E 314 -52.91 5.17 31.74
C GLU E 314 -51.40 5.01 31.76
N ALA E 315 -50.71 5.59 30.77
CA ALA E 315 -49.25 5.52 30.74
C ALA E 315 -48.63 6.40 31.82
N GLU E 316 -49.24 7.54 32.13
CA GLU E 316 -48.76 8.36 33.23
C GLU E 316 -48.91 7.64 34.56
N LEU E 317 -50.02 6.94 34.76
CA LEU E 317 -50.21 6.18 35.99
C LEU E 317 -49.24 5.01 36.06
N GLU E 318 -49.04 4.30 34.95
CA GLU E 318 -48.06 3.23 34.91
C GLU E 318 -46.66 3.74 35.26
N LEU E 319 -46.30 4.91 34.70
CA LEU E 319 -45.00 5.50 34.98
C LEU E 319 -44.87 5.88 36.46
N ALA E 320 -45.93 6.45 37.04
CA ALA E 320 -45.89 6.82 38.45
C ALA E 320 -45.73 5.58 39.34
N GLU E 321 -46.49 4.52 39.05
CA GLU E 321 -46.38 3.29 39.82
C GLU E 321 -44.98 2.70 39.69
N ASN E 322 -44.40 2.74 38.49
CA ASN E 322 -43.03 2.27 38.31
C ASN E 322 -42.05 3.09 39.14
N ARG E 323 -42.22 4.41 39.17
CA ARG E 323 -41.39 5.24 40.04
C ARG E 323 -41.51 4.82 41.50
N GLU E 324 -42.75 4.61 41.95
CA GLU E 324 -42.96 4.16 43.33
C GLU E 324 -42.22 2.86 43.62
N ILE E 325 -42.27 1.91 42.68
CA ILE E 325 -41.59 0.64 42.88
C ILE E 325 -40.08 0.83 42.92
N LEU E 326 -39.56 1.67 42.02
CA LEU E 326 -38.12 1.92 41.97
C LEU E 326 -37.62 2.70 43.18
N LYS E 327 -38.51 3.37 43.93
CA LYS E 327 -38.09 4.06 45.14
C LYS E 327 -38.11 3.16 46.37
N GLU E 328 -38.91 2.10 46.36
CA GLU E 328 -39.00 1.18 47.50
C GLU E 328 -37.89 0.14 47.43
N PRO E 329 -37.42 -0.35 48.57
CA PRO E 329 -36.31 -1.32 48.56
C PRO E 329 -36.75 -2.67 48.06
N VAL E 330 -35.85 -3.34 47.33
CA VAL E 330 -36.14 -4.66 46.80
C VAL E 330 -36.25 -5.65 47.95
N HIS E 331 -37.23 -6.56 47.85
CA HIS E 331 -37.54 -7.47 48.94
C HIS E 331 -36.58 -8.65 48.95
N GLY E 332 -36.02 -8.93 50.13
CA GLY E 332 -35.26 -10.16 50.31
C GLY E 332 -33.81 -10.11 49.89
N VAL E 333 -33.17 -8.95 49.95
CA VAL E 333 -31.74 -8.83 49.65
C VAL E 333 -31.01 -8.51 50.95
N TYR E 334 -30.15 -9.42 51.38
CA TYR E 334 -29.46 -9.30 52.65
C TYR E 334 -27.99 -9.64 52.46
N TYR E 335 -27.14 -9.05 53.29
CA TYR E 335 -25.70 -9.29 53.19
C TYR E 335 -25.36 -10.65 53.78
N ASP E 336 -24.68 -11.47 52.97
CA ASP E 336 -24.17 -12.76 53.42
C ASP E 336 -22.67 -12.60 53.66
N PRO E 337 -22.20 -12.57 54.92
CA PRO E 337 -20.76 -12.38 55.15
C PRO E 337 -19.90 -13.51 54.61
N SER E 338 -20.48 -14.64 54.24
CA SER E 338 -19.71 -15.77 53.72
C SER E 338 -19.47 -15.69 52.22
N LYS E 339 -20.21 -14.84 51.51
CA LYS E 339 -20.09 -14.74 50.07
C LYS E 339 -19.41 -13.44 49.67
N ASP E 340 -18.88 -13.41 48.46
CA ASP E 340 -18.11 -12.27 47.99
C ASP E 340 -19.02 -11.11 47.63
N LEU E 341 -18.47 -9.90 47.73
CA LEU E 341 -19.10 -8.69 47.23
C LEU E 341 -18.55 -8.39 45.85
N ILE E 342 -19.43 -7.88 44.98
CA ILE E 342 -19.10 -7.56 43.60
C ILE E 342 -19.58 -6.14 43.32
N ALA E 343 -18.75 -5.37 42.61
CA ALA E 343 -19.03 -3.98 42.31
C ALA E 343 -18.86 -3.73 40.83
N GLU E 344 -19.85 -3.07 40.22
CA GLU E 344 -19.79 -2.64 38.84
C GLU E 344 -19.78 -1.12 38.77
N ILE E 345 -19.00 -0.58 37.83
CA ILE E 345 -18.83 0.85 37.66
C ILE E 345 -19.11 1.21 36.21
N GLN E 346 -19.81 2.32 36.00
CA GLN E 346 -20.06 2.87 34.67
C GLN E 346 -19.60 4.32 34.63
N LYS E 347 -18.86 4.66 33.58
CA LYS E 347 -18.48 6.03 33.31
C LYS E 347 -19.65 6.77 32.68
N GLN E 348 -20.12 7.82 33.34
CA GLN E 348 -21.27 8.58 32.87
C GLN E 348 -20.88 9.91 32.23
N GLY E 349 -19.60 10.25 32.19
CA GLY E 349 -19.17 11.52 31.65
C GLY E 349 -19.28 12.65 32.65
N GLN E 350 -18.63 13.76 32.31
CA GLN E 350 -18.59 14.96 33.15
C GLN E 350 -18.09 14.64 34.56
N GLY E 351 -17.16 13.70 34.67
CA GLY E 351 -16.61 13.32 35.95
C GLY E 351 -17.54 12.52 36.83
N GLN E 352 -18.63 11.98 36.29
CA GLN E 352 -19.60 11.22 37.06
C GLN E 352 -19.44 9.73 36.78
N TRP E 353 -19.55 8.92 37.84
CA TRP E 353 -19.36 7.48 37.76
C TRP E 353 -20.43 6.81 38.63
N THR E 354 -21.21 5.90 38.04
CA THR E 354 -22.21 5.18 38.81
C THR E 354 -21.66 3.81 39.21
N TYR E 355 -22.18 3.27 40.30
CA TYR E 355 -21.71 1.96 40.74
C TYR E 355 -22.82 1.19 41.42
N GLN E 356 -22.71 -0.13 41.38
CA GLN E 356 -23.63 -1.01 42.07
C GLN E 356 -22.85 -2.11 42.77
N ILE E 357 -23.27 -2.43 43.99
CA ILE E 357 -22.63 -3.44 44.83
C ILE E 357 -23.69 -4.49 45.17
N TYR E 358 -23.38 -5.75 44.88
CA TYR E 358 -24.29 -6.87 45.05
C TYR E 358 -23.47 -8.13 45.31
N GLN E 359 -24.13 -9.15 45.84
CA GLN E 359 -23.54 -10.48 45.98
C GLN E 359 -24.07 -11.46 44.95
N GLU E 360 -25.35 -11.37 44.61
CA GLU E 360 -25.96 -12.11 43.52
C GLU E 360 -26.50 -11.13 42.49
N PRO E 361 -26.50 -11.49 41.21
CA PRO E 361 -26.94 -10.55 40.17
C PRO E 361 -28.37 -10.08 40.42
N PHE E 362 -28.58 -8.79 40.14
CA PHE E 362 -29.87 -8.11 40.23
C PHE E 362 -30.43 -8.05 41.65
N LYS E 363 -29.62 -8.37 42.65
CA LYS E 363 -29.98 -8.21 44.06
C LYS E 363 -28.96 -7.25 44.65
N ASN E 364 -29.13 -5.97 44.36
CA ASN E 364 -28.14 -4.96 44.70
C ASN E 364 -28.23 -4.58 46.18
N LEU E 365 -27.10 -4.65 46.87
CA LEU E 365 -27.03 -4.14 48.24
C LEU E 365 -26.86 -2.63 48.26
N LYS E 366 -26.28 -2.04 47.22
CA LYS E 366 -26.27 -0.58 47.14
C LYS E 366 -26.07 -0.16 45.69
N THR E 367 -26.73 0.94 45.31
CA THR E 367 -26.45 1.61 44.04
C THR E 367 -26.15 3.07 44.36
N GLY E 368 -25.02 3.57 43.86
CA GLY E 368 -24.56 4.89 44.21
C GLY E 368 -23.89 5.60 43.05
N LYS E 369 -23.41 6.81 43.34
CA LYS E 369 -22.78 7.66 42.35
C LYS E 369 -21.62 8.40 43.00
N TYR E 370 -20.42 8.23 42.44
CA TYR E 370 -19.21 8.95 42.79
C TYR E 370 -18.94 10.01 41.73
N ALA E 371 -18.28 11.10 42.14
CA ALA E 371 -18.17 12.22 41.21
C ALA E 371 -17.00 13.12 41.55
N ARG E 372 -16.25 13.54 40.53
CA ARG E 372 -15.53 14.84 40.48
C ARG E 372 -14.47 15.28 41.54
N MET E 373 -13.54 14.42 41.91
CA MET E 373 -12.80 14.69 43.15
C MET E 373 -11.98 15.98 43.12
N LYS E 374 -11.24 16.17 42.03
CA LYS E 374 -10.10 17.08 42.03
C LYS E 374 -10.43 18.37 41.27
N GLY E 375 -11.31 19.20 41.84
CA GLY E 375 -11.60 20.53 41.35
C GLY E 375 -11.66 20.69 39.84
N ALA E 376 -10.53 21.04 39.22
CA ALA E 376 -10.41 21.14 37.76
C ALA E 376 -9.61 19.93 37.30
N HIS E 377 -10.29 19.02 36.59
CA HIS E 377 -9.77 17.67 36.45
C HIS E 377 -10.32 17.03 35.18
N THR E 378 -9.45 16.34 34.44
CA THR E 378 -9.85 15.54 33.28
C THR E 378 -8.90 14.34 33.11
N ASN E 379 -8.87 13.42 34.08
CA ASN E 379 -8.08 12.19 33.97
C ASN E 379 -8.98 11.01 34.31
N ASP E 380 -9.37 10.24 33.29
CA ASP E 380 -10.31 9.14 33.50
C ASP E 380 -9.71 8.05 34.39
N VAL E 381 -8.45 7.69 34.17
CA VAL E 381 -7.85 6.62 34.96
C VAL E 381 -7.71 7.04 36.42
N LYS E 382 -7.29 8.28 36.66
CA LYS E 382 -7.22 8.81 38.01
C LYS E 382 -8.58 8.78 38.69
N GLN E 383 -9.61 9.27 37.98
CA GLN E 383 -10.96 9.29 38.55
C GLN E 383 -11.46 7.89 38.85
N LEU E 384 -11.17 6.93 37.98
CA LEU E 384 -11.63 5.57 38.21
C LEU E 384 -10.91 4.92 39.38
N THR E 385 -9.61 5.19 39.52
CA THR E 385 -8.84 4.63 40.63
C THR E 385 -9.36 5.20 41.96
N GLU E 386 -9.57 6.51 42.02
CA GLU E 386 -10.13 7.12 43.22
C GLU E 386 -11.54 6.60 43.50
N ALA E 387 -12.32 6.38 42.45
CA ALA E 387 -13.67 5.82 42.63
C ALA E 387 -13.60 4.41 43.22
N VAL E 388 -12.68 3.59 42.74
CA VAL E 388 -12.49 2.26 43.30
C VAL E 388 -12.14 2.35 44.78
N GLN E 389 -11.21 3.25 45.13
CA GLN E 389 -10.84 3.39 46.53
C GLN E 389 -12.03 3.83 47.39
N LYS E 390 -12.83 4.75 46.89
CA LYS E 390 -13.97 5.23 47.67
C LYS E 390 -15.02 4.13 47.84
N ILE E 391 -15.32 3.40 46.77
CA ILE E 391 -16.33 2.35 46.83
C ILE E 391 -15.88 1.24 47.77
N ALA E 392 -14.62 0.82 47.65
CA ALA E 392 -14.10 -0.23 48.52
C ALA E 392 -14.10 0.22 49.97
N THR E 393 -13.76 1.50 50.21
CA THR E 393 -13.80 2.03 51.57
C THR E 393 -15.22 1.99 52.13
N GLU E 394 -16.20 2.43 51.34
CA GLU E 394 -17.59 2.36 51.77
C GLU E 394 -18.00 0.93 52.07
N SER E 395 -17.50 -0.03 51.29
CA SER E 395 -17.82 -1.43 51.55
C SER E 395 -17.22 -1.89 52.87
N ILE E 396 -15.99 -1.47 53.16
CA ILE E 396 -15.36 -1.81 54.43
C ILE E 396 -16.18 -1.25 55.59
N VAL E 397 -16.63 0.01 55.47
CA VAL E 397 -17.37 0.62 56.57
C VAL E 397 -18.73 -0.05 56.74
N ILE E 398 -19.43 -0.30 55.64
CA ILE E 398 -20.79 -0.81 55.71
C ILE E 398 -20.81 -2.30 56.03
N TRP E 399 -20.01 -3.09 55.30
CA TRP E 399 -20.05 -4.54 55.44
C TRP E 399 -18.77 -5.15 55.99
N GLY E 400 -17.63 -4.47 55.92
CA GLY E 400 -16.40 -4.99 56.47
C GLY E 400 -15.53 -5.75 55.51
N LYS E 401 -15.59 -5.44 54.21
CA LYS E 401 -14.95 -6.28 53.20
C LYS E 401 -14.93 -5.52 51.88
N THR E 402 -13.83 -5.70 51.09
CA THR E 402 -13.89 -5.02 49.81
C THR E 402 -14.51 -5.92 48.75
N PRO E 403 -15.17 -5.34 47.75
CA PRO E 403 -15.75 -6.15 46.68
C PRO E 403 -14.74 -6.41 45.57
N LYS E 404 -15.06 -7.40 44.74
CA LYS E 404 -14.34 -7.58 43.49
C LYS E 404 -14.94 -6.66 42.44
N PHE E 405 -14.08 -5.89 41.77
CA PHE E 405 -14.51 -4.85 40.87
C PHE E 405 -14.54 -5.33 39.42
N LYS E 406 -15.53 -4.87 38.67
CA LYS E 406 -15.60 -5.03 37.22
C LYS E 406 -15.27 -3.66 36.63
N LEU E 407 -14.05 -3.48 36.15
CA LEU E 407 -13.59 -2.15 35.79
C LEU E 407 -13.87 -1.86 34.32
N PRO E 408 -14.53 -0.76 34.00
CA PRO E 408 -14.80 -0.40 32.59
C PRO E 408 -13.61 0.29 31.94
N ILE E 409 -12.56 -0.50 31.68
CA ILE E 409 -11.32 0.02 31.15
C ILE E 409 -10.53 -1.13 30.55
N GLN E 410 -9.72 -0.83 29.55
CA GLN E 410 -8.81 -1.83 29.00
C GLN E 410 -7.76 -2.20 30.03
N LYS E 411 -7.43 -3.50 30.08
CA LYS E 411 -6.47 -4.01 31.06
C LYS E 411 -5.14 -3.27 30.99
N GLU E 412 -4.65 -3.02 29.77
CA GLU E 412 -3.35 -2.38 29.62
C GLU E 412 -3.39 -0.90 29.95
N THR E 413 -4.50 -0.22 29.66
CA THR E 413 -4.66 1.17 30.07
C THR E 413 -4.64 1.29 31.59
N TRP E 414 -5.33 0.39 32.28
CA TRP E 414 -5.34 0.41 33.74
C TRP E 414 -3.96 0.09 34.31
N GLU E 415 -3.34 -0.99 33.83
CA GLU E 415 -2.05 -1.42 34.36
C GLU E 415 -0.92 -0.45 34.01
N ALA E 416 -1.11 0.43 33.03
CA ALA E 416 -0.09 1.42 32.72
C ALA E 416 -0.02 2.56 33.73
N TRP E 417 -1.12 2.86 34.43
CA TRP E 417 -1.19 4.10 35.21
C TRP E 417 -1.73 3.96 36.62
N TRP E 418 -2.39 2.85 36.99
CA TRP E 418 -3.20 2.87 38.20
C TRP E 418 -2.38 3.07 39.47
N THR E 419 -1.16 2.54 39.54
CA THR E 419 -0.37 2.67 40.76
C THR E 419 0.03 4.10 41.05
N GLU E 420 0.01 4.98 40.05
CA GLU E 420 0.32 6.39 40.28
C GLU E 420 -0.72 7.08 41.14
N TYR E 421 -1.91 6.50 41.29
CA TYR E 421 -3.00 7.14 42.00
C TYR E 421 -3.49 6.34 43.21
N TRP E 422 -2.89 5.20 43.51
CA TRP E 422 -3.34 4.39 44.62
C TRP E 422 -2.81 4.96 45.94
N GLN E 423 -3.69 4.99 46.95
CA GLN E 423 -3.36 5.59 48.24
C GLN E 423 -3.81 4.75 49.42
N ALA E 424 -4.26 3.52 49.20
CA ALA E 424 -4.71 2.65 50.29
C ALA E 424 -3.66 1.59 50.59
N THR E 425 -3.67 1.11 51.83
CA THR E 425 -2.79 0.02 52.22
C THR E 425 -3.29 -1.34 51.76
N TRP E 426 -4.55 -1.43 51.36
CA TRP E 426 -5.12 -2.65 50.79
C TRP E 426 -5.34 -2.47 49.30
N ILE E 427 -5.50 -3.60 48.60
CA ILE E 427 -5.77 -3.61 47.17
C ILE E 427 -6.88 -4.61 46.92
N PRO E 428 -8.01 -4.20 46.32
CA PRO E 428 -9.10 -5.15 46.06
C PRO E 428 -8.84 -5.97 44.81
N GLU E 429 -9.61 -7.05 44.68
CA GLU E 429 -9.59 -7.82 43.46
C GLU E 429 -10.37 -7.10 42.38
N TRP E 430 -9.99 -7.31 41.12
CA TRP E 430 -10.68 -6.69 40.01
C TRP E 430 -10.53 -7.51 38.74
N GLU E 431 -11.44 -7.27 37.82
CA GLU E 431 -11.34 -7.78 36.45
C GLU E 431 -11.79 -6.67 35.51
N PHE E 432 -11.61 -6.90 34.21
CA PHE E 432 -11.82 -5.87 33.21
C PHE E 432 -12.96 -6.25 32.27
N VAL E 433 -13.87 -5.31 32.04
CA VAL E 433 -15.06 -5.55 31.23
C VAL E 433 -15.20 -4.43 30.20
N ASN E 434 -15.75 -4.78 29.05
CA ASN E 434 -16.06 -3.83 27.98
C ASN E 434 -17.56 -3.97 27.69
N THR E 435 -18.37 -3.28 28.50
CA THR E 435 -19.81 -3.34 28.35
C THR E 435 -20.29 -2.17 27.51
N PRO E 436 -20.93 -2.42 26.36
CA PRO E 436 -21.52 -1.31 25.61
C PRO E 436 -22.56 -0.60 26.46
N PRO E 437 -22.81 0.69 26.19
CA PRO E 437 -23.60 1.50 27.13
C PRO E 437 -25.11 1.35 26.94
N LEU E 438 -25.60 0.16 27.26
CA LEU E 438 -27.01 -0.04 27.59
C LEU E 438 -27.24 -0.31 29.06
N VAL E 439 -26.26 -0.91 29.74
CA VAL E 439 -26.22 -0.92 31.20
C VAL E 439 -26.11 0.52 31.71
N LYS E 440 -25.56 1.44 30.90
CA LYS E 440 -25.60 2.86 31.23
C LYS E 440 -27.05 3.34 31.24
N LEU E 441 -27.80 2.93 32.27
CA LEU E 441 -29.15 3.43 32.50
C LEU E 441 -29.33 3.90 33.93
N TRP E 442 -28.23 4.09 34.67
CA TRP E 442 -28.25 4.57 36.04
C TRP E 442 -28.11 6.09 36.12
N TYR E 443 -28.28 6.79 35.02
CA TYR E 443 -28.10 8.24 35.00
C TYR E 443 -29.36 8.96 34.52
#